data_5A6B
#
_entry.id   5A6B
#
_cell.length_a   93.699
_cell.length_b   136.937
_cell.length_c   201.446
_cell.angle_alpha   90.00
_cell.angle_beta   90.00
_cell.angle_gamma   90.00
#
_symmetry.space_group_name_H-M   'P 21 21 21'
#
loop_
_entity.id
_entity.type
_entity.pdbx_description
1 polymer N-ACETYL-BETA-D-GLUCOSAMINIDASE
2 polymer N-ACETYL-BETA-D-GLUCOSAMINIDASE
3 non-polymer 'O-(2-ACETAMIDO-2-DEOXY D-GLUCOPYRANOSYLIDENE) AMINO-N-PHENYLCARBAMATE'
4 non-polymer 'MAGNESIUM ION'
5 water water
#
loop_
_entity_poly.entity_id
_entity_poly.type
_entity_poly.pdbx_seq_one_letter_code
_entity_poly.pdbx_strand_id
1 'polypeptide(L)'
;MGSSHHHHHHSSGLVPRGSSMASMVRFTGLSLKQTQAIEVLKGHISLPDVEVAVTQSDQASISIEGEEGHYQLTYRKPHQ
LYRALSLLVTVLAEADKVEIEEQAAYEDLAYMVDCSRNAVLNVASAKQMIEILALMGYSTFELYMEDTYQIEGQPYFGYF
RGAYSAEELQEIEAYAQQFDVTFVPCIQTLAHLSAFVKWGVKEVQELRDVEDILLIGEEKVYDLIDGMFATLSKLKTRKV
NIGMDEAHLVGLGRYLILNGVVDRSLLMCQHLERVLDIADKYGFHCQMWSDMFFKLMSADGQYDRDVEIPEETRVYLDRL
KDRVTLVYWDYYQDSEEKYNRNFRNHHKISHDLAFAGGAWKWIGFTPHNHFSRLVAIEANKACRANQIKEVIVTGWGDNG
GETAQFSILPSLQIWAELSYRNDLDGLSAHFKTNTGLTVEDFMQIDLANLLPDLPGNLSGINPNRYVFYQDILCPILDQH
MTPEQDKPHFAQAAETLANIKEKAGNYAYLFETQAQLNAILSSKVDVGRRIRQAYQADDKESLQQIARQELPELRSQIED
FHALFSHQWLKENKVFGLDTVDIRMGGLLQRIKRAESRIEVYLAGQLDRIDELEVEILPFTDFYADKDFAATTANQWHTI
ATASTIYTT
;
A,B,C
2 'polypeptide(L)'
;MGSSHHHHHHSSGLVPRGSSMASMVRFTGLSLKQTQAIEVLKGHISLPDVEVAVTQSDQASISIEGEEGHYQLTYRKPHQ
LYRALSLLVTVLAEADKVEIEEQAAYEDLAYMVDCSRNAVLNVASAKQMIEILALMGYSTFELYMEDTYQIEGQPYFGYF
RGAYSAEELQEIEAYAQQFDVTFVPCIQTLAHLSAFVKWGVKEVQELRDVEDILLIGEEKVYDLIDGMFATLSKLKTRKV
NIGMDEAHLVGLGRYLILNGVVDRSLLMCQHLERVLDIADKYGFHCQMWSDMFFKMSADGQYDRDVEIPEETRVYLDRLK
DRVTLVYWDYYQDSEEKYNRNFRNHHKISHDLAFAGGAWKWIGFTPHNHFSRLVAIEANKACRANQIKEVIVTGWGDNGG
ETAQFSILPSLQIWAELSYRNDLDGLSAHFKTNTGLTVEDFMQIDLANLLPDLPGNLSGINPNRYVFYQDILCPILDQHM
TPEQDKPHFAQAAETLANIKEKAGNYAYLFETQAQLNAILSSKVDVGRRIRQAYQADDKESLQQIARQELPELRSQIEDF
HALFSHQWLKENKVFGLDTVDIRMGGLLQRIKRAESRIEVYLAGQLDRIDELEVEILPFTDFYADKDFAATTANQWHTIA
TASTIYTT
;
D
#
# COMPACT_ATOMS: atom_id res chain seq x y z
N SER A 23 -30.65 -33.44 -53.96
CA SER A 23 -29.56 -34.42 -53.65
C SER A 23 -29.75 -35.88 -54.21
N MET A 24 -30.92 -36.49 -54.03
CA MET A 24 -31.04 -37.95 -54.31
C MET A 24 -30.15 -38.94 -53.49
N VAL A 25 -29.40 -38.47 -52.49
CA VAL A 25 -28.78 -39.38 -51.52
C VAL A 25 -29.87 -40.32 -51.00
N ARG A 26 -29.50 -41.58 -50.69
CA ARG A 26 -30.39 -42.64 -50.18
C ARG A 26 -29.84 -43.21 -48.81
N PHE A 27 -30.70 -43.30 -47.77
CA PHE A 27 -30.29 -43.79 -46.46
C PHE A 27 -31.06 -45.04 -46.07
N THR A 28 -30.48 -45.90 -45.25
CA THR A 28 -31.24 -46.92 -44.53
C THR A 28 -31.02 -46.79 -43.02
N GLY A 29 -32.00 -47.18 -42.22
CA GLY A 29 -31.83 -47.22 -40.75
C GLY A 29 -32.28 -45.96 -40.01
N LEU A 30 -32.81 -44.99 -40.74
CA LEU A 30 -33.31 -43.74 -40.15
C LEU A 30 -34.70 -43.82 -39.53
N SER A 31 -34.90 -43.11 -38.42
CA SER A 31 -36.23 -42.80 -37.86
C SER A 31 -36.85 -41.71 -38.70
N LEU A 32 -38.17 -41.52 -38.60
CA LEU A 32 -38.81 -40.45 -39.35
C LEU A 32 -38.25 -39.09 -38.83
N LYS A 33 -37.96 -39.00 -37.51
CA LYS A 33 -37.41 -37.82 -36.87
C LYS A 33 -36.08 -37.44 -37.58
N GLN A 34 -35.25 -38.46 -37.81
CA GLN A 34 -33.96 -38.28 -38.53
C GLN A 34 -34.14 -37.88 -39.99
N THR A 35 -35.06 -38.53 -40.67
CA THR A 35 -35.29 -38.23 -42.03
C THR A 35 -35.74 -36.78 -42.25
N GLN A 36 -36.66 -36.33 -41.39
CA GLN A 36 -37.17 -34.92 -41.37
C GLN A 36 -35.99 -33.91 -41.12
N ALA A 37 -35.14 -34.24 -40.12
CA ALA A 37 -33.97 -33.38 -39.77
C ALA A 37 -33.08 -33.21 -40.95
N ILE A 38 -32.81 -34.30 -41.68
CA ILE A 38 -31.88 -34.28 -42.78
C ILE A 38 -32.45 -33.45 -43.95
N GLU A 39 -33.74 -33.50 -44.12
CA GLU A 39 -34.37 -32.67 -45.14
C GLU A 39 -34.13 -31.18 -44.85
N VAL A 40 -34.25 -30.80 -43.60
CA VAL A 40 -33.98 -29.40 -43.25
C VAL A 40 -32.51 -29.07 -43.57
N LEU A 41 -31.60 -29.98 -43.20
CA LEU A 41 -30.13 -29.68 -43.38
C LEU A 41 -29.64 -29.69 -44.83
N LYS A 42 -30.39 -30.29 -45.73
CA LYS A 42 -30.13 -30.11 -47.16
C LYS A 42 -30.17 -28.64 -47.62
N GLY A 43 -30.81 -27.77 -46.86
CA GLY A 43 -30.67 -26.32 -47.07
C GLY A 43 -29.26 -25.74 -46.89
N HIS A 44 -28.41 -26.44 -46.16
CA HIS A 44 -27.05 -26.00 -45.86
C HIS A 44 -25.95 -26.81 -46.56
N ILE A 45 -26.13 -28.15 -46.67
CA ILE A 45 -25.05 -29.02 -47.24
C ILE A 45 -25.58 -29.76 -48.50
N SER A 46 -24.70 -30.18 -49.39
CA SER A 46 -25.12 -30.89 -50.61
C SER A 46 -24.70 -32.32 -50.45
N LEU A 47 -25.69 -33.15 -50.15
CA LEU A 47 -25.47 -34.57 -49.98
C LEU A 47 -25.36 -35.20 -51.38
N PRO A 48 -24.22 -35.83 -51.69
CA PRO A 48 -24.10 -36.42 -53.02
C PRO A 48 -24.90 -37.72 -53.14
N ASP A 49 -24.84 -38.33 -54.33
CA ASP A 49 -25.72 -39.47 -54.70
C ASP A 49 -25.00 -40.76 -54.33
N VAL A 50 -25.23 -41.19 -53.10
CA VAL A 50 -24.51 -42.27 -52.53
C VAL A 50 -25.48 -42.94 -51.57
N GLU A 51 -25.15 -44.15 -51.12
CA GLU A 51 -26.07 -44.87 -50.26
C GLU A 51 -25.41 -44.98 -48.91
N VAL A 52 -26.12 -44.66 -47.86
CA VAL A 52 -25.55 -44.67 -46.51
C VAL A 52 -26.40 -45.50 -45.55
N ALA A 53 -25.79 -46.54 -44.95
CA ALA A 53 -26.50 -47.29 -43.91
C ALA A 53 -26.21 -46.62 -42.60
N VAL A 54 -27.25 -46.25 -41.88
CA VAL A 54 -27.08 -45.62 -40.56
C VAL A 54 -27.51 -46.45 -39.36
N THR A 55 -26.66 -46.44 -38.33
CA THR A 55 -27.09 -46.95 -37.02
C THR A 55 -26.41 -46.35 -35.82
N GLN A 56 -27.06 -46.43 -34.65
CA GLN A 56 -26.49 -45.98 -33.42
C GLN A 56 -25.52 -47.05 -33.04
N SER A 57 -24.38 -46.65 -32.55
CA SER A 57 -23.41 -47.58 -31.99
C SER A 57 -22.58 -46.91 -30.94
N ASP A 58 -22.34 -47.64 -29.86
CA ASP A 58 -21.56 -47.08 -28.79
C ASP A 58 -20.04 -47.01 -29.10
N GLN A 59 -19.60 -47.53 -30.26
CA GLN A 59 -18.14 -47.75 -30.56
C GLN A 59 -17.31 -46.47 -30.75
N ALA A 60 -17.98 -45.41 -31.21
CA ALA A 60 -17.32 -44.12 -31.39
C ALA A 60 -18.37 -43.00 -31.42
N SER A 61 -17.93 -41.78 -31.17
CA SER A 61 -18.89 -40.67 -31.34
C SER A 61 -19.46 -40.70 -32.76
N ILE A 62 -18.58 -40.79 -33.74
CA ILE A 62 -18.93 -40.93 -35.13
C ILE A 62 -17.98 -41.90 -35.83
N SER A 63 -18.55 -42.79 -36.62
CA SER A 63 -17.68 -43.50 -37.57
C SER A 63 -18.37 -43.63 -38.88
N ILE A 64 -17.55 -43.56 -39.91
CA ILE A 64 -17.96 -43.63 -41.25
C ILE A 64 -16.95 -44.47 -41.99
N GLU A 65 -17.47 -45.46 -42.68
CA GLU A 65 -16.63 -46.39 -43.44
C GLU A 65 -17.31 -46.65 -44.78
N GLY A 66 -16.55 -47.15 -45.73
CA GLY A 66 -17.08 -47.54 -47.02
C GLY A 66 -16.24 -47.08 -48.18
N GLU A 67 -16.73 -47.36 -49.37
CA GLU A 67 -16.07 -47.01 -50.62
C GLU A 67 -17.05 -47.15 -51.80
N GLU A 68 -16.66 -46.57 -52.92
CA GLU A 68 -17.40 -46.63 -54.18
C GLU A 68 -18.92 -46.50 -54.10
N GLY A 69 -19.43 -45.54 -53.35
CA GLY A 69 -20.85 -45.23 -53.39
C GLY A 69 -21.67 -45.90 -52.30
N HIS A 70 -21.05 -46.70 -51.45
CA HIS A 70 -21.79 -47.32 -50.37
C HIS A 70 -21.10 -47.11 -49.07
N TYR A 71 -21.81 -46.56 -48.12
CA TYR A 71 -21.15 -46.21 -46.89
C TYR A 71 -21.94 -46.69 -45.69
N GLN A 72 -21.22 -46.98 -44.60
CA GLN A 72 -21.80 -47.25 -43.30
C GLN A 72 -21.47 -46.13 -42.32
N LEU A 73 -22.50 -45.56 -41.73
CA LEU A 73 -22.31 -44.46 -40.76
C LEU A 73 -22.87 -44.87 -39.38
N THR A 74 -22.05 -44.70 -38.33
CA THR A 74 -22.54 -44.86 -36.98
C THR A 74 -22.39 -43.58 -36.13
N TYR A 75 -23.34 -43.35 -35.22
CA TYR A 75 -23.23 -42.29 -34.17
C TYR A 75 -23.46 -42.87 -32.80
N ARG A 76 -22.86 -42.26 -31.78
CA ARG A 76 -23.16 -42.64 -30.38
C ARG A 76 -24.43 -41.98 -29.83
N LYS A 77 -24.51 -40.65 -30.00
CA LYS A 77 -25.62 -39.87 -29.42
C LYS A 77 -26.38 -39.33 -30.61
N PRO A 78 -27.70 -39.34 -30.59
CA PRO A 78 -28.44 -39.03 -31.82
C PRO A 78 -28.02 -37.73 -32.60
N HIS A 79 -27.73 -36.66 -31.87
CA HIS A 79 -27.29 -35.39 -32.54
C HIS A 79 -26.07 -35.53 -33.42
N GLN A 80 -25.21 -36.48 -33.08
CA GLN A 80 -23.93 -36.63 -33.79
C GLN A 80 -24.14 -37.15 -35.23
N LEU A 81 -25.36 -37.60 -35.60
CA LEU A 81 -25.68 -37.93 -36.98
C LEU A 81 -25.44 -36.74 -37.88
N TYR A 82 -25.69 -35.53 -37.35
CA TYR A 82 -25.72 -34.41 -38.26
C TYR A 82 -24.28 -33.89 -38.53
N ARG A 83 -23.41 -33.88 -37.52
CA ARG A 83 -21.98 -33.68 -37.77
C ARG A 83 -21.45 -34.76 -38.70
N ALA A 84 -21.89 -36.00 -38.49
CA ALA A 84 -21.43 -37.05 -39.36
C ALA A 84 -21.73 -36.76 -40.79
N LEU A 85 -22.90 -36.24 -41.06
CA LEU A 85 -23.25 -35.97 -42.42
C LEU A 85 -22.40 -34.86 -43.06
N SER A 86 -22.05 -33.84 -42.27
CA SER A 86 -21.17 -32.80 -42.75
C SER A 86 -19.81 -33.44 -43.12
N LEU A 87 -19.30 -34.33 -42.27
CA LEU A 87 -18.00 -34.99 -42.51
C LEU A 87 -18.02 -35.82 -43.80
N LEU A 88 -19.13 -36.50 -44.01
CA LEU A 88 -19.26 -37.36 -45.18
C LEU A 88 -19.26 -36.55 -46.44
N VAL A 89 -20.05 -35.50 -46.44
CA VAL A 89 -20.08 -34.58 -47.58
C VAL A 89 -18.66 -34.11 -47.92
N THR A 90 -17.91 -33.76 -46.89
CA THR A 90 -16.62 -33.12 -47.08
C THR A 90 -15.62 -34.14 -47.66
N VAL A 91 -15.58 -35.30 -47.03
CA VAL A 91 -14.59 -36.29 -47.45
C VAL A 91 -14.85 -36.76 -48.89
N LEU A 92 -16.12 -36.92 -49.25
CA LEU A 92 -16.43 -37.52 -50.55
C LEU A 92 -16.02 -36.59 -51.67
N ALA A 93 -15.66 -35.34 -51.35
CA ALA A 93 -15.32 -34.40 -52.38
C ALA A 93 -13.89 -34.65 -52.88
N GLU A 94 -13.01 -35.25 -52.07
CA GLU A 94 -11.66 -35.54 -52.56
C GLU A 94 -11.29 -37.05 -52.57
N ALA A 95 -12.27 -37.94 -52.41
CA ALA A 95 -11.99 -39.36 -52.27
C ALA A 95 -13.25 -40.25 -52.29
N ASP A 96 -13.16 -41.43 -52.94
CA ASP A 96 -14.18 -42.54 -52.90
C ASP A 96 -14.22 -43.25 -51.54
N LYS A 97 -13.06 -43.65 -51.02
CA LYS A 97 -12.97 -44.45 -49.80
C LYS A 97 -12.90 -43.58 -48.52
N VAL A 98 -13.62 -44.00 -47.47
CA VAL A 98 -13.71 -43.23 -46.23
C VAL A 98 -13.36 -44.09 -45.03
N GLU A 99 -12.58 -43.50 -44.12
CA GLU A 99 -12.20 -44.11 -42.88
C GLU A 99 -12.24 -43.02 -41.80
N ILE A 100 -13.41 -42.78 -41.23
CA ILE A 100 -13.54 -41.79 -40.18
C ILE A 100 -13.86 -42.46 -38.89
N GLU A 101 -13.19 -42.00 -37.86
CA GLU A 101 -13.59 -42.35 -36.52
C GLU A 101 -13.29 -41.18 -35.60
N GLU A 102 -14.33 -40.57 -35.00
CA GLU A 102 -14.13 -39.57 -33.96
C GLU A 102 -14.61 -39.99 -32.57
N GLN A 103 -13.87 -39.57 -31.54
CA GLN A 103 -14.20 -39.79 -30.17
C GLN A 103 -14.17 -38.40 -29.51
N ALA A 104 -15.34 -37.86 -29.23
CA ALA A 104 -15.43 -36.47 -28.76
C ALA A 104 -14.94 -36.41 -27.34
N ALA A 105 -14.23 -35.37 -26.99
CA ALA A 105 -13.72 -35.26 -25.63
C ALA A 105 -14.77 -34.85 -24.63
N TYR A 106 -15.78 -34.11 -25.07
CA TYR A 106 -16.80 -33.56 -24.22
C TYR A 106 -18.15 -34.29 -24.34
N GLU A 107 -18.68 -34.66 -23.17
CA GLU A 107 -20.01 -35.22 -23.05
C GLU A 107 -21.05 -34.21 -23.54
N ASP A 108 -20.83 -32.92 -23.26
CA ASP A 108 -21.70 -31.89 -23.80
C ASP A 108 -20.92 -30.69 -24.26
N LEU A 109 -21.37 -30.15 -25.40
CA LEU A 109 -20.70 -28.99 -26.00
C LEU A 109 -21.84 -28.01 -26.34
N ALA A 110 -21.79 -26.80 -25.75
CA ALA A 110 -22.91 -25.91 -25.84
C ALA A 110 -22.44 -24.57 -26.44
N TYR A 111 -23.38 -23.88 -27.07
CA TYR A 111 -23.25 -22.43 -27.46
C TYR A 111 -24.34 -21.68 -26.72
N MET A 112 -23.94 -20.61 -25.99
CA MET A 112 -24.81 -19.69 -25.26
C MET A 112 -24.80 -18.30 -25.93
N VAL A 113 -25.94 -17.96 -26.50
CA VAL A 113 -26.18 -16.68 -27.17
C VAL A 113 -26.64 -15.65 -26.14
N ASP A 114 -26.06 -14.46 -26.17
CA ASP A 114 -26.47 -13.40 -25.22
C ASP A 114 -27.70 -12.76 -25.83
N CYS A 115 -28.82 -12.79 -25.08
CA CYS A 115 -30.03 -12.10 -25.45
C CYS A 115 -30.44 -11.01 -24.44
N SER A 116 -29.48 -10.48 -23.71
CA SER A 116 -29.70 -9.51 -22.64
C SER A 116 -29.04 -8.14 -22.84
N ARG A 117 -28.26 -8.00 -23.92
CA ARG A 117 -27.42 -6.82 -24.14
C ARG A 117 -28.01 -5.92 -25.20
N ASN A 118 -29.32 -6.09 -25.41
CA ASN A 118 -30.22 -5.39 -26.35
C ASN A 118 -30.63 -6.20 -27.60
N ALA A 119 -29.79 -7.14 -27.99
CA ALA A 119 -30.01 -7.98 -29.18
C ALA A 119 -30.64 -9.33 -28.79
N VAL A 120 -31.94 -9.48 -29.06
CA VAL A 120 -32.68 -10.72 -28.74
C VAL A 120 -32.79 -11.48 -30.02
N LEU A 121 -32.17 -12.64 -30.10
CA LEU A 121 -32.15 -13.44 -31.30
C LEU A 121 -33.57 -13.76 -31.68
N ASN A 122 -33.97 -13.54 -32.92
CA ASN A 122 -35.37 -13.79 -33.27
C ASN A 122 -35.54 -15.27 -33.52
N VAL A 123 -36.79 -15.68 -33.52
CA VAL A 123 -37.05 -17.16 -33.58
C VAL A 123 -36.49 -17.80 -34.84
N ALA A 124 -36.67 -17.15 -36.00
CA ALA A 124 -36.19 -17.65 -37.24
C ALA A 124 -34.65 -17.84 -37.28
N SER A 125 -33.91 -16.92 -36.64
CA SER A 125 -32.47 -17.01 -36.55
C SER A 125 -32.03 -18.06 -35.56
N ALA A 126 -32.80 -18.26 -34.49
CA ALA A 126 -32.49 -19.30 -33.52
C ALA A 126 -32.55 -20.67 -34.22
N LYS A 127 -33.53 -20.83 -35.08
CA LYS A 127 -33.65 -22.04 -35.91
C LYS A 127 -32.44 -22.22 -36.82
N GLN A 128 -32.07 -21.15 -37.54
CA GLN A 128 -30.85 -21.25 -38.38
C GLN A 128 -29.62 -21.61 -37.54
N MET A 129 -29.44 -20.96 -36.40
CA MET A 129 -28.33 -21.29 -35.50
C MET A 129 -28.35 -22.73 -35.03
N ILE A 130 -29.52 -23.20 -34.64
CA ILE A 130 -29.71 -24.62 -34.27
C ILE A 130 -29.30 -25.56 -35.38
N GLU A 131 -29.67 -25.28 -36.63
CA GLU A 131 -29.30 -26.11 -37.73
C GLU A 131 -27.76 -26.17 -37.88
N ILE A 132 -27.12 -25.01 -37.82
CA ILE A 132 -25.65 -24.94 -37.89
C ILE A 132 -24.97 -25.66 -36.74
N LEU A 133 -25.45 -25.45 -35.51
CA LEU A 133 -24.87 -26.11 -34.35
C LEU A 133 -24.97 -27.66 -34.51
N ALA A 134 -26.11 -28.10 -35.00
CA ALA A 134 -26.32 -29.55 -35.32
C ALA A 134 -25.27 -30.10 -36.28
N LEU A 135 -25.02 -29.38 -37.37
CA LEU A 135 -23.99 -29.73 -38.33
C LEU A 135 -22.60 -29.71 -37.80
N MET A 136 -22.35 -28.80 -36.88
CA MET A 136 -21.06 -28.71 -36.30
C MET A 136 -20.77 -29.79 -35.26
N GLY A 137 -21.80 -30.26 -34.53
CA GLY A 137 -21.54 -31.24 -33.47
C GLY A 137 -21.83 -30.82 -32.05
N TYR A 138 -22.45 -29.64 -31.88
CA TYR A 138 -22.94 -29.19 -30.58
C TYR A 138 -24.09 -30.06 -30.09
N SER A 139 -24.08 -30.38 -28.82
CA SER A 139 -25.26 -31.01 -28.22
C SER A 139 -26.31 -30.10 -27.58
N THR A 140 -25.95 -28.85 -27.35
CA THR A 140 -26.73 -28.03 -26.49
C THR A 140 -26.74 -26.55 -27.00
N PHE A 141 -27.90 -25.92 -26.87
CA PHE A 141 -28.09 -24.52 -27.30
C PHE A 141 -28.62 -23.78 -26.09
N GLU A 142 -28.08 -22.57 -25.83
CA GLU A 142 -28.39 -21.87 -24.58
C GLU A 142 -28.67 -20.43 -24.89
N LEU A 143 -29.58 -19.82 -24.18
CA LEU A 143 -29.86 -18.36 -24.34
C LEU A 143 -29.66 -17.69 -22.99
N TYR A 144 -28.92 -16.59 -22.97
CA TYR A 144 -28.63 -15.85 -21.76
C TYR A 144 -29.64 -14.74 -21.69
N MET A 145 -30.49 -14.85 -20.67
CA MET A 145 -31.68 -14.01 -20.52
C MET A 145 -31.78 -13.45 -19.11
N GLU A 146 -31.35 -12.20 -18.96
CA GLU A 146 -31.39 -11.51 -17.67
C GLU A 146 -32.84 -11.22 -17.33
N ASP A 147 -33.45 -10.30 -18.10
CA ASP A 147 -34.85 -9.92 -17.99
C ASP A 147 -35.62 -10.20 -19.25
N THR A 148 -35.05 -10.97 -20.18
CA THR A 148 -35.68 -11.09 -21.49
C THR A 148 -36.47 -12.41 -21.71
N TYR A 149 -37.15 -12.84 -20.64
CA TYR A 149 -38.26 -13.80 -20.77
C TYR A 149 -39.41 -13.31 -19.88
N GLN A 150 -40.64 -13.60 -20.28
CA GLN A 150 -41.85 -13.11 -19.65
C GLN A 150 -42.19 -13.95 -18.42
N ILE A 151 -42.63 -13.25 -17.39
CA ILE A 151 -42.94 -13.83 -16.09
C ILE A 151 -44.35 -13.30 -15.85
N GLU A 152 -45.27 -14.24 -15.69
CA GLU A 152 -46.67 -13.84 -15.42
C GLU A 152 -46.70 -13.04 -14.12
N GLY A 153 -47.47 -11.96 -14.15
CA GLY A 153 -47.62 -11.07 -13.02
C GLY A 153 -46.44 -10.13 -12.78
N GLN A 154 -45.55 -9.97 -13.77
CA GLN A 154 -44.35 -9.10 -13.59
C GLN A 154 -44.20 -8.30 -14.88
N PRO A 155 -45.15 -7.42 -15.14
CA PRO A 155 -45.27 -6.70 -16.41
C PRO A 155 -44.01 -5.84 -16.74
N TYR A 156 -43.26 -5.42 -15.76
CA TYR A 156 -41.99 -4.60 -16.05
C TYR A 156 -40.76 -5.49 -16.36
N PHE A 157 -40.84 -6.81 -16.08
CA PHE A 157 -39.72 -7.71 -16.34
C PHE A 157 -39.64 -8.01 -17.84
N GLY A 158 -38.67 -7.39 -18.55
CA GLY A 158 -38.64 -7.48 -19.99
C GLY A 158 -39.36 -6.43 -20.80
N TYR A 159 -39.86 -5.39 -20.12
CA TYR A 159 -40.81 -4.49 -20.72
C TYR A 159 -40.10 -3.66 -21.78
N PHE A 160 -40.64 -3.68 -22.98
CA PHE A 160 -40.01 -3.04 -24.16
C PHE A 160 -38.60 -3.60 -24.48
N ARG A 161 -38.32 -4.80 -24.00
CA ARG A 161 -37.01 -5.45 -24.29
C ARG A 161 -37.10 -6.61 -25.35
N GLY A 162 -38.31 -6.94 -25.80
CA GLY A 162 -38.49 -8.11 -26.68
C GLY A 162 -38.37 -9.41 -25.92
N ALA A 163 -38.80 -9.43 -24.67
CA ALA A 163 -38.60 -10.62 -23.81
C ALA A 163 -39.32 -11.78 -24.47
N TYR A 164 -38.74 -12.97 -24.45
CA TYR A 164 -39.36 -14.07 -25.14
C TYR A 164 -40.66 -14.48 -24.37
N SER A 165 -41.73 -14.70 -25.10
CA SER A 165 -42.89 -15.44 -24.52
C SER A 165 -42.58 -16.90 -24.21
N ALA A 166 -43.33 -17.50 -23.28
CA ALA A 166 -43.11 -18.90 -23.02
C ALA A 166 -43.31 -19.67 -24.30
N GLU A 167 -44.23 -19.25 -25.15
CA GLU A 167 -44.48 -19.91 -26.44
C GLU A 167 -43.29 -19.83 -27.41
N GLU A 168 -42.64 -18.66 -27.46
CA GLU A 168 -41.38 -18.60 -28.22
C GLU A 168 -40.30 -19.53 -27.70
N LEU A 169 -40.05 -19.54 -26.40
CA LEU A 169 -39.03 -20.39 -25.82
C LEU A 169 -39.42 -21.85 -26.05
N GLN A 170 -40.72 -22.16 -25.95
CA GLN A 170 -41.13 -23.55 -26.30
C GLN A 170 -40.83 -23.95 -27.74
N GLU A 171 -41.08 -23.01 -28.68
CA GLU A 171 -40.90 -23.21 -30.12
C GLU A 171 -39.40 -23.39 -30.40
N ILE A 172 -38.55 -22.59 -29.77
CA ILE A 172 -37.10 -22.74 -29.97
C ILE A 172 -36.56 -24.10 -29.45
N GLU A 173 -36.99 -24.45 -28.25
CA GLU A 173 -36.60 -25.72 -27.62
C GLU A 173 -37.09 -26.89 -28.46
N ALA A 174 -38.34 -26.81 -28.91
CA ALA A 174 -38.98 -27.83 -29.73
C ALA A 174 -38.26 -28.00 -31.10
N TYR A 175 -37.76 -26.91 -31.69
CA TYR A 175 -37.01 -26.98 -32.92
C TYR A 175 -35.62 -27.59 -32.73
N ALA A 176 -34.96 -27.24 -31.67
CA ALA A 176 -33.69 -27.93 -31.28
C ALA A 176 -33.90 -29.41 -31.04
N GLN A 177 -35.06 -29.76 -30.47
CA GLN A 177 -35.31 -31.18 -30.14
C GLN A 177 -35.42 -32.00 -31.40
N GLN A 178 -35.95 -31.42 -32.51
CA GLN A 178 -35.95 -32.07 -33.78
C GLN A 178 -34.59 -32.61 -34.21
N PHE A 179 -33.51 -31.99 -33.73
CA PHE A 179 -32.12 -32.40 -34.06
C PHE A 179 -31.46 -33.08 -32.86
N ASP A 180 -32.24 -33.44 -31.83
CA ASP A 180 -31.65 -33.98 -30.60
C ASP A 180 -30.62 -33.10 -29.89
N VAL A 181 -30.89 -31.79 -29.99
CA VAL A 181 -30.15 -30.77 -29.35
C VAL A 181 -30.95 -30.32 -28.14
N THR A 182 -30.29 -30.23 -27.00
CA THR A 182 -31.02 -29.86 -25.81
C THR A 182 -30.93 -28.34 -25.59
N PHE A 183 -31.83 -27.83 -24.77
CA PHE A 183 -31.91 -26.37 -24.51
C PHE A 183 -31.66 -26.10 -23.04
N VAL A 184 -30.82 -25.11 -22.75
CA VAL A 184 -30.51 -24.72 -21.41
C VAL A 184 -30.65 -23.20 -21.31
N PRO A 185 -31.68 -22.73 -20.62
CA PRO A 185 -31.80 -21.30 -20.29
C PRO A 185 -30.72 -20.87 -19.32
N CYS A 186 -30.11 -19.70 -19.57
CA CYS A 186 -29.16 -19.13 -18.66
C CYS A 186 -29.77 -17.82 -18.15
N ILE A 187 -29.92 -17.73 -16.82
CA ILE A 187 -30.66 -16.64 -16.19
C ILE A 187 -29.90 -16.03 -15.07
N GLN A 188 -30.54 -15.09 -14.39
CA GLN A 188 -29.98 -14.43 -13.28
C GLN A 188 -30.91 -14.40 -12.12
N THR A 189 -30.42 -14.92 -11.00
CA THR A 189 -31.21 -15.01 -9.80
C THR A 189 -30.74 -14.13 -8.67
N LEU A 190 -29.76 -13.25 -8.90
CA LEU A 190 -29.34 -12.31 -7.90
C LEU A 190 -28.89 -10.96 -8.45
N ALA A 191 -27.97 -10.97 -9.39
CA ALA A 191 -27.52 -9.68 -9.93
C ALA A 191 -27.64 -9.64 -11.47
N HIS A 192 -27.07 -8.59 -12.11
CA HIS A 192 -27.20 -8.44 -13.53
C HIS A 192 -28.61 -8.40 -14.04
N LEU A 193 -29.47 -7.65 -13.35
CA LEU A 193 -30.81 -7.43 -13.71
C LEU A 193 -31.07 -5.92 -13.93
N SER A 194 -30.08 -5.18 -14.43
CA SER A 194 -30.12 -3.69 -14.50
C SER A 194 -31.27 -3.19 -15.30
N ALA A 195 -31.69 -3.94 -16.34
CA ALA A 195 -32.75 -3.41 -17.20
C ALA A 195 -34.14 -3.51 -16.58
N PHE A 196 -34.30 -4.44 -15.66
CA PHE A 196 -35.52 -4.63 -14.89
C PHE A 196 -35.57 -3.66 -13.71
N VAL A 197 -34.50 -3.63 -12.90
CA VAL A 197 -34.51 -2.95 -11.61
C VAL A 197 -34.55 -1.41 -11.72
N LYS A 198 -34.29 -0.87 -12.91
CA LYS A 198 -34.46 0.58 -13.14
C LYS A 198 -35.85 1.17 -13.02
N TRP A 199 -36.94 0.34 -13.11
CA TRP A 199 -38.30 0.82 -13.24
C TRP A 199 -38.82 1.33 -11.87
N GLY A 200 -39.18 2.61 -11.85
CA GLY A 200 -39.45 3.37 -10.61
C GLY A 200 -40.86 3.10 -10.17
N VAL A 201 -41.16 1.86 -9.93
CA VAL A 201 -42.48 1.53 -9.32
C VAL A 201 -42.26 0.63 -8.08
N LYS A 202 -43.19 0.64 -7.11
CA LYS A 202 -42.91 -0.01 -5.82
C LYS A 202 -42.61 -1.49 -5.98
N GLU A 203 -43.35 -2.11 -6.88
CA GLU A 203 -43.29 -3.57 -7.12
C GLU A 203 -41.94 -4.03 -7.70
N VAL A 204 -41.12 -3.08 -8.15
CA VAL A 204 -39.74 -3.35 -8.56
C VAL A 204 -38.74 -2.79 -7.56
N GLN A 205 -38.89 -1.54 -7.07
CA GLN A 205 -37.90 -0.97 -6.19
C GLN A 205 -37.86 -1.74 -4.85
N GLU A 206 -38.97 -2.32 -4.42
CA GLU A 206 -38.92 -3.13 -3.17
C GLU A 206 -38.00 -4.37 -3.30
N LEU A 207 -37.63 -4.71 -4.53
CA LEU A 207 -36.86 -5.94 -4.81
C LEU A 207 -35.36 -5.70 -4.79
N ARG A 208 -34.95 -4.46 -4.55
CA ARG A 208 -33.57 -4.10 -4.75
C ARG A 208 -32.71 -3.95 -3.51
N ASP A 209 -31.48 -4.39 -3.65
CA ASP A 209 -30.44 -4.13 -2.72
C ASP A 209 -29.74 -2.83 -3.13
N VAL A 210 -28.93 -2.89 -4.21
CA VAL A 210 -28.22 -1.73 -4.76
C VAL A 210 -27.81 -2.07 -6.20
N GLU A 211 -27.57 -1.06 -7.03
CA GLU A 211 -27.05 -1.33 -8.39
C GLU A 211 -27.98 -2.31 -9.09
N ASP A 212 -27.43 -3.39 -9.63
CA ASP A 212 -28.22 -4.34 -10.41
C ASP A 212 -28.63 -5.62 -9.56
N ILE A 213 -28.60 -5.47 -8.23
CA ILE A 213 -28.66 -6.61 -7.23
C ILE A 213 -30.03 -6.64 -6.53
N LEU A 214 -30.67 -7.80 -6.57
CA LEU A 214 -31.85 -8.06 -5.76
C LEU A 214 -31.56 -8.21 -4.26
N LEU A 215 -32.62 -7.93 -3.47
CA LEU A 215 -32.54 -7.89 -1.98
C LEU A 215 -32.78 -9.32 -1.43
N ILE A 216 -31.68 -9.91 -1.01
CA ILE A 216 -31.68 -11.23 -0.39
C ILE A 216 -32.50 -11.10 0.89
N GLY A 217 -33.39 -12.06 1.13
CA GLY A 217 -34.14 -12.09 2.39
C GLY A 217 -35.52 -11.58 2.23
N GLU A 218 -35.77 -10.91 1.11
CA GLU A 218 -37.07 -10.31 0.89
C GLU A 218 -37.95 -11.32 0.22
N GLU A 219 -39.09 -11.67 0.84
CA GLU A 219 -39.95 -12.66 0.24
C GLU A 219 -40.42 -12.33 -1.15
N LYS A 220 -40.63 -11.04 -1.46
CA LYS A 220 -41.16 -10.66 -2.77
C LYS A 220 -40.11 -10.98 -3.89
N VAL A 221 -38.85 -11.03 -3.51
CA VAL A 221 -37.75 -11.47 -4.38
C VAL A 221 -37.85 -12.97 -4.64
N TYR A 222 -38.09 -13.74 -3.57
CA TYR A 222 -38.30 -15.18 -3.81
C TYR A 222 -39.55 -15.39 -4.55
N ASP A 223 -40.55 -14.53 -4.43
CA ASP A 223 -41.75 -14.68 -5.26
C ASP A 223 -41.42 -14.47 -6.75
N LEU A 224 -40.53 -13.51 -7.03
CA LEU A 224 -40.08 -13.27 -8.43
C LEU A 224 -39.37 -14.51 -8.99
N ILE A 225 -38.35 -14.95 -8.26
CA ILE A 225 -37.55 -16.15 -8.60
C ILE A 225 -38.46 -17.37 -8.86
N ASP A 226 -39.50 -17.53 -8.07
CA ASP A 226 -40.48 -18.61 -8.34
C ASP A 226 -41.19 -18.42 -9.66
N GLY A 227 -41.48 -17.16 -9.98
CA GLY A 227 -42.12 -16.87 -11.26
C GLY A 227 -41.14 -17.17 -12.38
N MET A 228 -39.83 -16.95 -12.12
CA MET A 228 -38.82 -17.26 -13.14
C MET A 228 -38.89 -18.76 -13.49
N PHE A 229 -38.89 -19.55 -12.45
CA PHE A 229 -38.93 -21.01 -12.59
C PHE A 229 -40.28 -21.52 -13.04
N ALA A 230 -41.34 -20.80 -12.73
CA ALA A 230 -42.66 -21.09 -13.25
C ALA A 230 -42.69 -20.95 -14.76
N THR A 231 -42.13 -19.85 -15.29
CA THR A 231 -42.00 -19.75 -16.74
C THR A 231 -41.13 -20.87 -17.34
N LEU A 232 -39.94 -21.06 -16.78
CA LEU A 232 -38.98 -22.01 -17.35
C LEU A 232 -39.51 -23.46 -17.25
N SER A 233 -40.28 -23.76 -16.21
CA SER A 233 -40.94 -25.09 -16.15
C SER A 233 -41.89 -25.39 -17.28
N LYS A 234 -42.36 -24.41 -18.05
CA LYS A 234 -43.14 -24.68 -19.28
C LYS A 234 -42.42 -25.38 -20.41
N LEU A 235 -41.10 -25.40 -20.32
CA LEU A 235 -40.20 -26.07 -21.22
C LEU A 235 -40.05 -27.55 -20.81
N LYS A 236 -39.48 -28.34 -21.70
CA LYS A 236 -39.14 -29.74 -21.42
C LYS A 236 -37.88 -29.87 -20.60
N THR A 237 -36.85 -29.09 -20.93
CA THR A 237 -35.61 -29.08 -20.22
C THR A 237 -35.77 -28.86 -18.71
N ARG A 238 -34.87 -29.50 -17.95
CA ARG A 238 -34.81 -29.35 -16.51
C ARG A 238 -33.37 -29.10 -16.09
N LYS A 239 -32.65 -28.44 -17.01
CA LYS A 239 -31.36 -27.99 -16.71
C LYS A 239 -31.39 -26.44 -16.97
N VAL A 240 -30.73 -25.72 -16.08
CA VAL A 240 -30.70 -24.24 -16.02
C VAL A 240 -29.41 -23.74 -15.44
N ASN A 241 -28.91 -22.60 -15.96
CA ASN A 241 -27.83 -21.91 -15.37
C ASN A 241 -28.47 -20.70 -14.69
N ILE A 242 -28.25 -20.58 -13.37
CA ILE A 242 -28.96 -19.62 -12.56
C ILE A 242 -28.15 -18.37 -12.33
N GLY A 243 -26.97 -18.32 -12.92
CA GLY A 243 -26.10 -17.11 -12.84
C GLY A 243 -25.19 -16.97 -11.64
N MET A 244 -25.42 -15.90 -10.87
CA MET A 244 -24.69 -15.61 -9.64
C MET A 244 -23.21 -15.28 -9.90
N ASP A 245 -22.93 -14.69 -11.05
CA ASP A 245 -21.56 -14.25 -11.32
C ASP A 245 -21.26 -12.94 -10.59
N GLU A 246 -19.99 -12.71 -10.26
CA GLU A 246 -19.58 -11.73 -9.23
C GLU A 246 -20.41 -10.46 -9.28
N ALA A 247 -21.00 -10.14 -8.14
CA ALA A 247 -21.70 -8.87 -7.90
C ALA A 247 -21.12 -8.26 -6.61
N HIS A 248 -20.16 -7.36 -6.83
CA HIS A 248 -19.30 -6.82 -5.80
C HIS A 248 -20.01 -6.32 -4.56
N LEU A 249 -21.20 -5.72 -4.71
CA LEU A 249 -21.83 -4.98 -3.59
C LEU A 249 -23.03 -5.68 -2.92
N VAL A 250 -23.10 -7.00 -3.06
CA VAL A 250 -24.23 -7.70 -2.48
C VAL A 250 -24.17 -7.54 -0.92
N GLY A 251 -25.28 -7.15 -0.34
CA GLY A 251 -25.39 -6.98 1.10
C GLY A 251 -25.07 -5.60 1.60
N LEU A 252 -24.72 -4.72 0.67
CA LEU A 252 -24.09 -3.45 0.99
C LEU A 252 -24.94 -2.23 0.68
N GLY A 253 -26.16 -2.46 0.17
CA GLY A 253 -27.11 -1.36 -0.14
C GLY A 253 -28.24 -1.28 0.85
N ARG A 254 -29.45 -1.38 0.35
CA ARG A 254 -30.62 -1.45 1.21
C ARG A 254 -30.48 -2.64 2.19
N TYR A 255 -29.76 -3.69 1.79
CA TYR A 255 -29.52 -4.80 2.72
C TYR A 255 -28.84 -4.31 4.00
N LEU A 256 -27.72 -3.57 3.86
CA LEU A 256 -26.97 -3.01 5.02
C LEU A 256 -27.82 -2.08 5.83
N ILE A 257 -28.67 -1.28 5.17
CA ILE A 257 -29.50 -0.30 5.83
C ILE A 257 -30.57 -1.02 6.66
N LEU A 258 -31.19 -2.05 6.09
CA LEU A 258 -32.23 -2.84 6.79
C LEU A 258 -31.66 -3.80 7.86
N ASN A 259 -30.53 -4.46 7.62
CA ASN A 259 -30.08 -5.58 8.49
C ASN A 259 -28.69 -5.42 9.12
N GLY A 260 -28.02 -4.34 8.82
CA GLY A 260 -26.66 -4.15 9.30
C GLY A 260 -25.63 -5.06 8.68
N VAL A 261 -24.46 -5.10 9.29
CA VAL A 261 -23.39 -5.92 8.77
C VAL A 261 -23.64 -7.40 9.04
N VAL A 262 -23.69 -8.18 7.97
CA VAL A 262 -23.83 -9.63 8.07
C VAL A 262 -22.62 -10.22 7.33
N ASP A 263 -22.29 -11.48 7.59
CA ASP A 263 -21.21 -12.16 6.85
C ASP A 263 -21.72 -12.36 5.42
N ARG A 264 -20.95 -11.90 4.44
CA ARG A 264 -21.48 -11.76 3.05
C ARG A 264 -21.50 -13.11 2.25
N SER A 265 -20.53 -13.96 2.53
CA SER A 265 -20.56 -15.34 2.02
C SER A 265 -21.68 -16.20 2.63
N LEU A 266 -21.89 -16.09 3.93
CA LEU A 266 -23.06 -16.75 4.53
C LEU A 266 -24.36 -16.22 3.94
N LEU A 267 -24.40 -14.91 3.70
CA LEU A 267 -25.53 -14.29 2.99
C LEU A 267 -25.81 -14.92 1.61
N MET A 268 -24.77 -15.06 0.82
CA MET A 268 -24.88 -15.71 -0.48
C MET A 268 -25.44 -17.13 -0.30
N CYS A 269 -24.95 -17.84 0.73
CA CYS A 269 -25.46 -19.18 1.04
C CYS A 269 -26.95 -19.20 1.26
N GLN A 270 -27.47 -18.26 2.10
CA GLN A 270 -28.92 -18.27 2.37
C GLN A 270 -29.70 -18.07 1.09
N HIS A 271 -29.20 -17.13 0.28
CA HIS A 271 -29.85 -16.87 -1.02
C HIS A 271 -29.81 -18.11 -1.95
N LEU A 272 -28.62 -18.65 -2.11
CA LEU A 272 -28.44 -19.82 -3.02
C LEU A 272 -29.36 -21.00 -2.60
N GLU A 273 -29.42 -21.29 -1.29
CA GLU A 273 -30.35 -22.32 -0.83
C GLU A 273 -31.76 -22.04 -1.20
N ARG A 274 -32.24 -20.80 -1.05
CA ARG A 274 -33.63 -20.51 -1.46
C ARG A 274 -33.86 -20.76 -2.91
N VAL A 275 -32.87 -20.38 -3.71
CA VAL A 275 -33.02 -20.50 -5.15
C VAL A 275 -33.02 -21.99 -5.52
N LEU A 276 -32.04 -22.76 -5.02
CA LEU A 276 -32.05 -24.24 -5.19
C LEU A 276 -33.32 -24.97 -4.70
N ASP A 277 -33.86 -24.55 -3.56
CA ASP A 277 -35.11 -25.10 -3.09
C ASP A 277 -36.21 -24.78 -4.08
N ILE A 278 -36.21 -23.55 -4.60
CA ILE A 278 -37.19 -23.22 -5.62
C ILE A 278 -36.98 -24.08 -6.87
N ALA A 279 -35.73 -24.21 -7.26
CA ALA A 279 -35.42 -25.02 -8.46
C ALA A 279 -35.92 -26.47 -8.26
N ASP A 280 -35.64 -27.00 -7.05
CA ASP A 280 -36.09 -28.39 -6.65
C ASP A 280 -37.62 -28.51 -6.77
N LYS A 281 -38.33 -27.50 -6.32
CA LYS A 281 -39.78 -27.53 -6.41
C LYS A 281 -40.18 -27.77 -7.83
N TYR A 282 -39.46 -27.20 -8.78
CA TYR A 282 -39.86 -27.33 -10.17
C TYR A 282 -39.12 -28.45 -10.96
N GLY A 283 -38.17 -29.14 -10.31
CA GLY A 283 -37.48 -30.31 -10.88
C GLY A 283 -36.15 -30.03 -11.58
N PHE A 284 -35.60 -28.82 -11.39
CA PHE A 284 -34.48 -28.37 -12.18
C PHE A 284 -33.23 -28.72 -11.47
N HIS A 285 -32.21 -29.08 -12.27
CA HIS A 285 -30.82 -29.19 -11.83
C HIS A 285 -30.14 -27.89 -12.30
N CYS A 286 -29.34 -27.31 -11.45
CA CYS A 286 -28.83 -25.95 -11.64
C CYS A 286 -27.37 -26.04 -11.92
N GLN A 287 -26.91 -25.19 -12.84
CA GLN A 287 -25.50 -24.89 -13.00
C GLN A 287 -25.38 -23.42 -12.57
N MET A 288 -24.17 -22.98 -12.28
CA MET A 288 -23.90 -21.59 -11.86
C MET A 288 -22.50 -21.23 -12.12
N TRP A 289 -22.25 -19.92 -12.35
CA TRP A 289 -20.90 -19.48 -12.48
C TRP A 289 -20.29 -19.69 -11.08
N SER A 290 -19.02 -20.04 -11.05
CA SER A 290 -18.39 -20.59 -9.82
C SER A 290 -17.87 -19.58 -8.76
N ASP A 291 -17.91 -18.30 -9.14
CA ASP A 291 -17.30 -17.19 -8.38
C ASP A 291 -17.49 -17.27 -6.84
N MET A 292 -18.72 -17.43 -6.39
CA MET A 292 -19.00 -17.40 -4.95
C MET A 292 -18.22 -18.45 -4.15
N PHE A 293 -17.66 -19.47 -4.82
CA PHE A 293 -16.76 -20.42 -4.18
C PHE A 293 -15.26 -20.07 -4.39
N PHE A 294 -14.96 -18.90 -4.95
CA PHE A 294 -13.57 -18.32 -5.02
C PHE A 294 -13.08 -18.15 -6.47
N PRO A 310 -14.52 -18.92 8.18
CA PRO A 310 -15.24 -19.30 9.40
C PRO A 310 -15.99 -20.59 9.19
N GLU A 311 -16.08 -21.42 10.22
CA GLU A 311 -16.61 -22.77 10.06
C GLU A 311 -18.10 -22.87 9.72
N GLU A 312 -18.99 -22.08 10.35
CA GLU A 312 -20.43 -22.11 10.00
C GLU A 312 -20.62 -21.91 8.49
N THR A 313 -19.71 -21.16 7.88
CA THR A 313 -19.82 -20.78 6.48
C THR A 313 -19.26 -21.87 5.54
N ARG A 314 -18.10 -22.44 5.89
CA ARG A 314 -17.56 -23.56 5.13
C ARG A 314 -18.56 -24.71 5.15
N VAL A 315 -19.18 -25.01 6.30
CA VAL A 315 -20.18 -26.10 6.41
C VAL A 315 -21.31 -25.85 5.40
N TYR A 316 -21.86 -24.63 5.42
CA TYR A 316 -22.97 -24.20 4.55
C TYR A 316 -22.57 -24.34 3.05
N LEU A 317 -21.39 -23.85 2.70
CA LEU A 317 -20.85 -23.94 1.34
C LEU A 317 -20.68 -25.38 0.86
N ASP A 318 -20.12 -26.24 1.72
CA ASP A 318 -19.86 -27.63 1.31
C ASP A 318 -21.17 -28.34 1.03
N ARG A 319 -22.25 -27.97 1.71
CA ARG A 319 -23.51 -28.69 1.50
C ARG A 319 -24.25 -28.20 0.21
N LEU A 320 -24.12 -26.91 -0.09
CA LEU A 320 -24.72 -26.35 -1.32
C LEU A 320 -23.94 -26.78 -2.57
N LYS A 321 -22.62 -26.77 -2.48
CA LYS A 321 -21.68 -27.13 -3.55
C LYS A 321 -21.96 -28.48 -4.14
N ASP A 322 -22.47 -29.40 -3.30
CA ASP A 322 -22.85 -30.75 -3.74
C ASP A 322 -24.22 -30.72 -4.43
N ARG A 323 -24.87 -29.57 -4.54
CA ARG A 323 -26.19 -29.54 -5.16
C ARG A 323 -26.23 -28.90 -6.59
N VAL A 324 -25.10 -28.43 -7.03
CA VAL A 324 -25.09 -27.59 -8.21
C VAL A 324 -23.88 -27.95 -9.03
N THR A 325 -23.93 -27.74 -10.35
CA THR A 325 -22.69 -27.81 -11.16
C THR A 325 -22.04 -26.43 -11.27
N LEU A 326 -20.76 -26.35 -10.91
CA LEU A 326 -20.01 -25.10 -10.97
C LEU A 326 -19.43 -24.86 -12.38
N VAL A 327 -19.53 -23.62 -12.91
CA VAL A 327 -18.93 -23.31 -14.21
C VAL A 327 -17.79 -22.32 -14.08
N TYR A 328 -16.61 -22.77 -14.47
CA TYR A 328 -15.40 -22.00 -14.44
C TYR A 328 -15.38 -21.35 -15.79
N TRP A 329 -15.63 -20.04 -15.79
CA TRP A 329 -15.57 -19.23 -17.05
C TRP A 329 -14.26 -18.48 -17.20
N ASP A 330 -13.68 -18.50 -18.40
CA ASP A 330 -12.47 -17.87 -18.71
C ASP A 330 -12.37 -17.73 -20.22
N TYR A 331 -12.20 -16.50 -20.69
CA TYR A 331 -12.22 -16.18 -22.12
C TYR A 331 -10.85 -15.64 -22.58
N TYR A 332 -9.88 -15.61 -21.68
CA TYR A 332 -8.66 -14.80 -21.87
C TYR A 332 -7.28 -15.44 -21.90
N GLN A 333 -7.08 -16.62 -21.31
CA GLN A 333 -5.69 -17.07 -21.07
C GLN A 333 -5.07 -17.63 -22.31
N ASP A 334 -3.79 -17.29 -22.56
CA ASP A 334 -3.10 -17.78 -23.74
C ASP A 334 -2.28 -19.06 -23.58
N SER A 335 -2.44 -19.77 -22.45
CA SER A 335 -1.67 -21.03 -22.23
C SER A 335 -2.39 -22.04 -21.38
N GLU A 336 -2.19 -23.30 -21.74
CA GLU A 336 -2.81 -24.37 -21.03
C GLU A 336 -2.58 -24.26 -19.52
N GLU A 337 -1.37 -23.85 -19.15
CA GLU A 337 -0.93 -23.81 -17.74
C GLU A 337 -1.84 -22.93 -16.89
N LYS A 338 -2.19 -21.78 -17.46
CA LYS A 338 -3.00 -20.80 -16.74
C LYS A 338 -4.39 -21.31 -16.44
N TYR A 339 -5.02 -21.95 -17.42
CA TYR A 339 -6.26 -22.67 -17.18
C TYR A 339 -6.06 -23.79 -16.15
N ASN A 340 -5.03 -24.61 -16.32
CA ASN A 340 -4.84 -25.76 -15.43
C ASN A 340 -4.77 -25.32 -13.97
N ARG A 341 -4.08 -24.20 -13.74
CA ARG A 341 -3.96 -23.65 -12.39
C ARG A 341 -5.36 -23.41 -11.85
N ASN A 342 -6.26 -22.79 -12.63
CA ASN A 342 -7.64 -22.61 -12.15
C ASN A 342 -8.47 -23.88 -12.05
N PHE A 343 -8.22 -24.82 -12.93
CA PHE A 343 -8.91 -26.10 -12.80
C PHE A 343 -8.47 -26.84 -11.49
N ARG A 344 -7.15 -26.91 -11.23
CA ARG A 344 -6.65 -27.46 -9.96
C ARG A 344 -7.37 -26.78 -8.76
N ASN A 345 -7.41 -25.44 -8.76
CA ASN A 345 -8.11 -24.67 -7.71
C ASN A 345 -9.57 -25.09 -7.55
N HIS A 346 -10.29 -25.18 -8.67
CA HIS A 346 -11.70 -25.59 -8.62
C HIS A 346 -11.84 -27.02 -8.12
N HIS A 347 -10.92 -27.90 -8.56
CA HIS A 347 -10.93 -29.33 -8.19
C HIS A 347 -10.74 -29.52 -6.67
N LYS A 348 -10.19 -28.51 -5.99
CA LYS A 348 -10.09 -28.51 -4.53
C LYS A 348 -11.48 -28.43 -3.90
N ILE A 349 -12.46 -27.81 -4.58
CA ILE A 349 -13.81 -27.56 -4.06
C ILE A 349 -14.72 -28.71 -4.49
N SER A 350 -14.69 -29.03 -5.78
CA SER A 350 -15.69 -29.91 -6.37
C SER A 350 -15.26 -30.42 -7.71
N HIS A 351 -15.86 -31.53 -8.10
CA HIS A 351 -15.61 -32.12 -9.40
C HIS A 351 -16.86 -32.07 -10.28
N ASP A 352 -18.02 -31.55 -9.80
CA ASP A 352 -19.17 -31.34 -10.70
C ASP A 352 -18.90 -29.93 -11.28
N LEU A 353 -17.99 -29.88 -12.27
CA LEU A 353 -17.46 -28.68 -12.95
C LEU A 353 -17.70 -28.70 -14.47
N ALA A 354 -18.03 -27.54 -15.02
CA ALA A 354 -18.02 -27.31 -16.46
C ALA A 354 -17.09 -26.11 -16.75
N PHE A 355 -16.63 -26.02 -18.02
CA PHE A 355 -15.82 -24.92 -18.47
C PHE A 355 -16.64 -24.07 -19.46
N ALA A 356 -16.53 -22.75 -19.27
CA ALA A 356 -17.15 -21.76 -20.25
C ALA A 356 -16.00 -21.01 -20.90
N GLY A 357 -15.83 -21.21 -22.21
CA GLY A 357 -14.84 -20.44 -22.99
C GLY A 357 -15.61 -19.37 -23.78
N GLY A 358 -14.96 -18.74 -24.72
CA GLY A 358 -15.51 -17.52 -25.39
C GLY A 358 -15.31 -17.45 -26.89
N ALA A 359 -16.39 -17.10 -27.58
CA ALA A 359 -16.41 -16.75 -28.96
C ALA A 359 -16.58 -15.21 -28.94
N TRP A 360 -15.48 -14.52 -29.21
CA TRP A 360 -15.37 -13.07 -28.92
C TRP A 360 -16.26 -12.25 -29.86
N LYS A 361 -17.47 -11.90 -29.39
CA LYS A 361 -18.36 -11.05 -30.15
C LYS A 361 -18.98 -9.87 -29.31
N TRP A 362 -18.29 -9.49 -28.24
CA TRP A 362 -18.74 -8.46 -27.31
C TRP A 362 -17.95 -7.17 -27.25
N ILE A 363 -17.19 -6.90 -28.31
CA ILE A 363 -16.28 -5.77 -28.36
C ILE A 363 -16.64 -4.76 -29.48
N GLY A 364 -17.94 -4.58 -29.73
CA GLY A 364 -18.45 -3.52 -30.58
C GLY A 364 -19.23 -4.05 -31.75
N PHE A 365 -18.75 -3.76 -32.96
CA PHE A 365 -19.37 -4.17 -34.23
C PHE A 365 -18.74 -5.40 -34.86
N THR A 366 -17.52 -5.71 -34.45
CA THR A 366 -16.67 -6.63 -35.17
C THR A 366 -16.18 -7.69 -34.21
N PRO A 367 -16.30 -8.98 -34.55
CA PRO A 367 -15.88 -10.02 -33.64
C PRO A 367 -14.34 -10.23 -33.63
N HIS A 368 -13.86 -11.19 -32.85
CA HIS A 368 -12.45 -11.56 -32.87
C HIS A 368 -12.34 -13.09 -32.84
N ASN A 369 -12.75 -13.68 -33.95
CA ASN A 369 -12.54 -15.11 -34.18
C ASN A 369 -11.08 -15.54 -34.07
N HIS A 370 -10.15 -14.69 -34.49
CA HIS A 370 -8.71 -14.99 -34.36
C HIS A 370 -8.25 -15.19 -32.93
N PHE A 371 -8.62 -14.29 -32.06
CA PHE A 371 -8.25 -14.43 -30.67
C PHE A 371 -8.99 -15.64 -30.10
N SER A 372 -10.24 -15.84 -30.52
CA SER A 372 -11.02 -16.92 -29.96
C SER A 372 -10.31 -18.26 -30.30
N ARG A 373 -9.77 -18.32 -31.50
CA ARG A 373 -9.05 -19.57 -31.98
C ARG A 373 -7.86 -19.81 -31.07
N LEU A 374 -7.09 -18.77 -30.87
CA LEU A 374 -5.88 -18.83 -30.00
C LEU A 374 -6.15 -19.32 -28.60
N VAL A 375 -7.14 -18.77 -27.92
CA VAL A 375 -7.50 -19.25 -26.63
C VAL A 375 -8.19 -20.63 -26.58
N ALA A 376 -8.95 -20.99 -27.63
CA ALA A 376 -9.66 -22.28 -27.66
C ALA A 376 -8.63 -23.44 -27.77
N ILE A 377 -7.55 -23.23 -28.47
CA ILE A 377 -6.54 -24.28 -28.57
C ILE A 377 -5.97 -24.63 -27.20
N GLU A 378 -5.73 -23.60 -26.40
CA GLU A 378 -5.08 -23.79 -25.13
C GLU A 378 -6.08 -24.22 -24.11
N ALA A 379 -7.31 -23.71 -24.19
CA ALA A 379 -8.31 -24.10 -23.26
C ALA A 379 -8.70 -25.60 -23.46
N ASN A 380 -8.81 -26.03 -24.72
CA ASN A 380 -9.13 -27.42 -25.01
C ASN A 380 -8.02 -28.38 -24.41
N LYS A 381 -6.75 -27.97 -24.50
CA LYS A 381 -5.65 -28.78 -23.87
C LYS A 381 -5.89 -28.95 -22.38
N ALA A 382 -6.29 -27.87 -21.72
CA ALA A 382 -6.48 -27.84 -20.29
C ALA A 382 -7.71 -28.54 -19.89
N CYS A 383 -8.74 -28.38 -20.71
CA CYS A 383 -9.98 -29.10 -20.40
C CYS A 383 -9.76 -30.65 -20.43
N ARG A 384 -9.10 -31.07 -21.49
CA ARG A 384 -8.77 -32.48 -21.66
C ARG A 384 -7.87 -32.95 -20.50
N ALA A 385 -6.78 -32.22 -20.27
CA ALA A 385 -5.87 -32.52 -19.17
C ALA A 385 -6.54 -32.58 -17.82
N ASN A 386 -7.71 -31.97 -17.64
CA ASN A 386 -8.46 -32.06 -16.39
C ASN A 386 -9.72 -32.89 -16.40
N GLN A 387 -9.96 -33.68 -17.46
CA GLN A 387 -11.15 -34.54 -17.47
C GLN A 387 -12.49 -33.78 -17.39
N ILE A 388 -12.49 -32.59 -18.00
CA ILE A 388 -13.66 -31.77 -17.98
C ILE A 388 -14.61 -32.36 -19.01
N LYS A 389 -15.87 -32.47 -18.62
CA LYS A 389 -16.89 -33.18 -19.38
C LYS A 389 -17.81 -32.31 -20.23
N GLU A 390 -17.93 -31.03 -19.88
CA GLU A 390 -18.86 -30.16 -20.58
C GLU A 390 -18.21 -28.81 -20.82
N VAL A 391 -18.32 -28.34 -22.06
CA VAL A 391 -17.76 -27.06 -22.44
C VAL A 391 -18.89 -26.21 -23.01
N ILE A 392 -18.98 -24.96 -22.51
CA ILE A 392 -20.01 -24.01 -22.98
C ILE A 392 -19.23 -22.88 -23.63
N VAL A 393 -19.49 -22.59 -24.89
CA VAL A 393 -18.88 -21.47 -25.60
C VAL A 393 -19.86 -20.29 -25.47
N THR A 394 -19.36 -19.19 -24.97
CA THR A 394 -20.17 -18.03 -24.69
C THR A 394 -20.08 -17.02 -25.79
N GLY A 395 -21.24 -16.41 -26.10
CA GLY A 395 -21.35 -15.38 -27.09
C GLY A 395 -21.93 -14.09 -26.57
N TRP A 396 -21.23 -13.48 -25.64
CA TRP A 396 -21.69 -12.27 -24.99
C TRP A 396 -21.83 -11.12 -25.95
N GLY A 397 -22.60 -10.07 -25.58
CA GLY A 397 -22.80 -8.95 -26.52
C GLY A 397 -22.75 -7.61 -25.83
N ASP A 398 -21.79 -7.51 -24.92
CA ASP A 398 -21.58 -6.36 -24.03
C ASP A 398 -21.92 -4.98 -24.61
N ASN A 399 -22.70 -4.20 -23.87
CA ASN A 399 -22.84 -2.72 -24.10
C ASN A 399 -23.51 -2.49 -25.41
N GLY A 400 -24.58 -3.26 -25.67
CA GLY A 400 -25.54 -2.97 -26.76
C GLY A 400 -25.70 -3.97 -27.89
N GLY A 401 -24.97 -5.05 -27.87
CA GLY A 401 -25.27 -6.13 -28.80
C GLY A 401 -24.95 -5.78 -30.26
N GLU A 402 -23.92 -4.94 -30.50
CA GLU A 402 -23.70 -4.39 -31.84
C GLU A 402 -22.95 -5.33 -32.82
N THR A 403 -22.47 -6.48 -32.36
CA THR A 403 -21.82 -7.49 -33.23
C THR A 403 -22.83 -8.51 -33.72
N ALA A 404 -22.74 -8.88 -34.99
CA ALA A 404 -23.71 -9.79 -35.57
C ALA A 404 -23.69 -11.14 -34.86
N GLN A 405 -24.86 -11.73 -34.74
CA GLN A 405 -25.07 -13.03 -34.07
C GLN A 405 -24.33 -14.14 -34.79
N PHE A 406 -24.27 -14.03 -36.12
CA PHE A 406 -23.61 -15.06 -36.96
C PHE A 406 -22.14 -14.75 -37.31
N SER A 407 -21.57 -13.69 -36.71
CA SER A 407 -20.16 -13.29 -36.92
C SER A 407 -19.12 -14.30 -36.42
N ILE A 408 -19.54 -15.16 -35.49
CA ILE A 408 -18.56 -16.07 -34.78
C ILE A 408 -18.70 -17.51 -35.16
N LEU A 409 -19.33 -17.80 -36.33
CA LEU A 409 -19.41 -19.20 -36.77
C LEU A 409 -18.04 -19.88 -36.83
N PRO A 410 -16.98 -19.17 -37.26
CA PRO A 410 -15.71 -19.85 -37.20
C PRO A 410 -15.24 -20.33 -35.82
N SER A 411 -15.43 -19.51 -34.79
CA SER A 411 -15.12 -19.88 -33.42
C SER A 411 -15.95 -21.11 -33.01
N LEU A 412 -17.19 -21.20 -33.49
CA LEU A 412 -18.00 -22.31 -33.15
C LEU A 412 -17.47 -23.56 -33.79
N GLN A 413 -17.10 -23.47 -35.04
CA GLN A 413 -16.58 -24.68 -35.71
C GLN A 413 -15.25 -25.08 -35.05
N ILE A 414 -14.46 -24.11 -34.65
CA ILE A 414 -13.16 -24.42 -34.05
C ILE A 414 -13.32 -25.30 -32.78
N TRP A 415 -14.20 -24.92 -31.85
CA TRP A 415 -14.43 -25.69 -30.67
C TRP A 415 -14.99 -27.10 -30.98
N ALA A 416 -15.92 -27.17 -31.96
CA ALA A 416 -16.43 -28.49 -32.42
C ALA A 416 -15.27 -29.34 -32.92
N GLU A 417 -14.39 -28.76 -33.74
CA GLU A 417 -13.26 -29.55 -34.25
C GLU A 417 -12.33 -29.99 -33.08
N LEU A 418 -12.04 -29.09 -32.15
CA LEU A 418 -11.22 -29.47 -31.02
C LEU A 418 -11.83 -30.56 -30.15
N SER A 419 -13.17 -30.58 -29.96
CA SER A 419 -13.78 -31.64 -29.16
C SER A 419 -13.68 -32.95 -29.89
N TYR A 420 -14.10 -32.95 -31.15
CA TYR A 420 -14.35 -34.23 -31.87
C TYR A 420 -13.02 -34.84 -32.43
N ARG A 421 -12.08 -33.99 -32.85
CA ARG A 421 -10.80 -34.39 -33.51
C ARG A 421 -9.49 -34.04 -32.76
N ASN A 422 -9.50 -33.07 -31.86
CA ASN A 422 -8.31 -32.60 -31.14
C ASN A 422 -7.36 -31.91 -32.06
N ASP A 423 -7.81 -31.45 -33.22
CA ASP A 423 -6.98 -30.68 -34.07
C ASP A 423 -7.90 -29.91 -35.02
N LEU A 424 -7.30 -29.06 -35.86
CA LEU A 424 -7.96 -28.16 -36.81
C LEU A 424 -7.65 -28.51 -38.20
N ASP A 425 -7.21 -29.76 -38.45
CA ASP A 425 -6.96 -30.20 -39.83
C ASP A 425 -8.15 -30.13 -40.71
N GLY A 426 -9.33 -30.50 -40.20
CA GLY A 426 -10.55 -30.46 -41.02
C GLY A 426 -11.35 -29.14 -40.95
N LEU A 427 -10.87 -28.18 -40.18
CA LEU A 427 -11.65 -26.96 -39.92
C LEU A 427 -12.20 -26.27 -41.12
N SER A 428 -11.36 -25.89 -42.05
CA SER A 428 -11.77 -25.13 -43.15
C SER A 428 -12.70 -25.87 -44.04
N ALA A 429 -12.42 -27.14 -44.29
CA ALA A 429 -13.20 -27.86 -45.28
C ALA A 429 -14.56 -28.20 -44.65
N HIS A 430 -14.60 -28.51 -43.38
CA HIS A 430 -15.95 -28.77 -42.81
C HIS A 430 -16.75 -27.45 -42.72
N PHE A 431 -16.04 -26.40 -42.39
CA PHE A 431 -16.69 -25.06 -42.31
C PHE A 431 -17.26 -24.64 -43.67
N LYS A 432 -16.54 -24.92 -44.76
CA LYS A 432 -17.02 -24.65 -46.10
C LYS A 432 -18.20 -25.52 -46.46
N THR A 433 -18.19 -26.78 -46.06
CA THR A 433 -19.34 -27.61 -46.30
C THR A 433 -20.57 -27.03 -45.62
N ASN A 434 -20.40 -26.53 -44.41
CA ASN A 434 -21.51 -26.06 -43.61
C ASN A 434 -22.00 -24.66 -43.97
N THR A 435 -21.11 -23.81 -44.49
CA THR A 435 -21.47 -22.39 -44.75
C THR A 435 -21.27 -21.90 -46.18
N GLY A 436 -20.50 -22.64 -46.98
CA GLY A 436 -20.22 -22.21 -48.34
C GLY A 436 -18.96 -21.33 -48.47
N LEU A 437 -18.36 -20.95 -47.32
CA LEU A 437 -17.13 -20.14 -47.28
C LEU A 437 -16.02 -20.91 -46.69
N THR A 438 -14.79 -20.73 -47.18
CA THR A 438 -13.66 -21.20 -46.39
C THR A 438 -13.66 -20.48 -45.03
N VAL A 439 -13.09 -21.14 -44.04
CA VAL A 439 -12.95 -20.50 -42.75
C VAL A 439 -12.04 -19.28 -42.81
N GLU A 440 -11.00 -19.31 -43.65
CA GLU A 440 -10.11 -18.15 -43.75
C GLU A 440 -10.86 -16.94 -44.33
N ASP A 441 -11.67 -17.13 -45.36
CA ASP A 441 -12.49 -16.09 -45.93
C ASP A 441 -13.48 -15.52 -44.85
N PHE A 442 -14.20 -16.41 -44.16
CA PHE A 442 -15.16 -15.94 -43.15
C PHE A 442 -14.39 -15.16 -42.05
N MET A 443 -13.24 -15.66 -41.63
CA MET A 443 -12.48 -14.98 -40.56
C MET A 443 -11.94 -13.57 -40.90
N GLN A 444 -11.98 -13.16 -42.17
CA GLN A 444 -11.74 -11.76 -42.58
C GLN A 444 -12.81 -10.85 -41.94
N ILE A 445 -13.93 -11.42 -41.45
CA ILE A 445 -14.92 -10.58 -40.80
C ILE A 445 -14.27 -9.78 -39.63
N ASP A 446 -13.18 -10.29 -39.07
CA ASP A 446 -12.53 -9.75 -37.90
C ASP A 446 -11.67 -8.47 -38.19
N LEU A 447 -11.53 -8.12 -39.45
CA LEU A 447 -10.43 -7.26 -39.92
C LEU A 447 -10.38 -5.89 -39.23
N ALA A 448 -11.52 -5.29 -38.90
CA ALA A 448 -11.45 -3.97 -38.27
C ALA A 448 -10.82 -4.00 -36.91
N ASN A 449 -10.56 -5.17 -36.32
CA ASN A 449 -9.80 -5.27 -35.07
C ASN A 449 -8.32 -5.66 -35.27
N LEU A 450 -8.00 -6.07 -36.48
CA LEU A 450 -6.72 -6.78 -36.71
C LEU A 450 -5.63 -5.85 -37.09
N LEU A 451 -5.33 -4.90 -36.22
CA LEU A 451 -4.36 -3.91 -36.63
C LEU A 451 -3.02 -4.66 -36.66
N PRO A 452 -2.16 -4.32 -37.61
CA PRO A 452 -0.95 -5.17 -37.82
C PRO A 452 0.07 -5.27 -36.74
N ASP A 453 0.18 -4.28 -35.85
CA ASP A 453 1.20 -4.33 -34.80
C ASP A 453 0.73 -4.87 -33.48
N LEU A 454 -0.43 -5.54 -33.47
CA LEU A 454 -0.87 -6.05 -32.23
C LEU A 454 -0.29 -7.43 -32.04
N PRO A 455 0.03 -7.78 -30.81
CA PRO A 455 0.39 -9.19 -30.72
C PRO A 455 -0.88 -10.01 -30.85
N GLY A 456 -0.80 -11.28 -31.12
CA GLY A 456 -2.09 -12.00 -31.25
C GLY A 456 -2.83 -12.34 -29.95
N ASN A 457 -2.18 -12.14 -28.80
CA ASN A 457 -2.55 -12.73 -27.58
C ASN A 457 -3.05 -11.81 -26.47
N LEU A 458 -3.37 -10.56 -26.82
CA LEU A 458 -4.04 -9.67 -25.87
C LEU A 458 -5.50 -9.40 -26.28
N SER A 459 -6.42 -9.57 -25.35
CA SER A 459 -7.82 -9.51 -25.69
C SER A 459 -8.37 -8.10 -25.64
N GLY A 460 -9.52 -7.91 -26.27
CA GLY A 460 -10.33 -6.69 -26.02
C GLY A 460 -9.88 -5.48 -26.78
N ILE A 461 -8.91 -5.63 -27.66
CA ILE A 461 -8.43 -4.51 -28.45
C ILE A 461 -9.31 -4.22 -29.63
N ASN A 462 -10.08 -3.12 -29.52
CA ASN A 462 -11.29 -2.95 -30.34
C ASN A 462 -11.46 -1.63 -31.08
N PRO A 463 -10.55 -1.30 -31.96
CA PRO A 463 -10.66 -0.07 -32.74
C PRO A 463 -11.85 0.03 -33.66
N ASN A 464 -12.42 -1.16 -34.01
CA ASN A 464 -13.61 -1.18 -34.81
C ASN A 464 -14.64 -0.22 -34.18
N ARG A 465 -14.69 -0.22 -32.85
CA ARG A 465 -15.77 0.43 -32.14
C ARG A 465 -15.40 1.85 -31.74
N TYR A 466 -14.22 2.03 -31.15
CA TYR A 466 -13.84 3.36 -30.60
C TYR A 466 -13.40 4.31 -31.71
N VAL A 467 -12.85 3.80 -32.83
CA VAL A 467 -12.60 4.72 -33.98
C VAL A 467 -13.92 5.20 -34.52
N PHE A 468 -14.93 4.33 -34.49
CA PHE A 468 -16.24 4.70 -35.03
C PHE A 468 -16.97 5.78 -34.19
N TYR A 469 -17.10 5.51 -32.91
CA TYR A 469 -17.92 6.36 -32.05
C TYR A 469 -17.21 7.56 -31.47
N GLN A 470 -15.86 7.64 -31.69
CA GLN A 470 -15.13 8.82 -31.21
C GLN A 470 -15.65 10.14 -31.78
N ASP A 471 -15.59 11.19 -30.98
CA ASP A 471 -15.95 12.52 -31.48
C ASP A 471 -14.97 13.06 -32.53
N ILE A 472 -15.39 14.08 -33.27
CA ILE A 472 -14.51 14.77 -34.27
C ILE A 472 -13.71 15.90 -33.64
N LEU A 473 -14.39 16.82 -32.98
CA LEU A 473 -13.74 17.99 -32.36
C LEU A 473 -12.96 17.68 -31.13
N CYS A 474 -13.40 16.66 -30.33
CA CYS A 474 -12.77 16.32 -29.10
C CYS A 474 -12.38 14.84 -29.13
N PRO A 475 -11.35 14.47 -29.93
CA PRO A 475 -11.08 13.03 -30.20
C PRO A 475 -10.23 12.45 -29.13
N ILE A 476 -10.90 11.96 -28.09
CA ILE A 476 -10.24 11.59 -26.85
C ILE A 476 -9.43 10.29 -26.93
N LEU A 477 -9.58 9.59 -28.04
CA LEU A 477 -8.83 8.38 -28.25
C LEU A 477 -7.72 8.60 -29.25
N ASP A 478 -7.43 9.84 -29.60
CA ASP A 478 -6.53 10.10 -30.72
C ASP A 478 -5.07 9.61 -30.48
N GLN A 479 -4.61 9.54 -29.24
CA GLN A 479 -3.28 9.01 -28.96
C GLN A 479 -3.18 7.54 -29.28
N HIS A 480 -4.30 6.87 -29.47
CA HIS A 480 -4.28 5.45 -29.71
C HIS A 480 -4.31 5.05 -31.16
N MET A 481 -4.30 6.04 -31.99
CA MET A 481 -4.42 5.89 -33.40
C MET A 481 -3.03 6.00 -34.05
N THR A 482 -2.82 5.18 -35.08
CA THR A 482 -1.51 5.18 -35.79
C THR A 482 -1.80 5.25 -37.28
N PRO A 483 -2.09 6.42 -37.81
CA PRO A 483 -2.66 6.53 -39.13
C PRO A 483 -1.83 5.94 -40.32
N GLU A 484 -0.49 5.98 -40.16
CA GLU A 484 0.42 5.39 -41.21
C GLU A 484 0.08 3.90 -41.42
N GLN A 485 -0.08 3.17 -40.31
CA GLN A 485 -0.50 1.75 -40.27
C GLN A 485 -2.01 1.56 -40.50
N ASP A 486 -2.80 2.33 -39.75
CA ASP A 486 -4.25 2.09 -39.64
C ASP A 486 -5.05 2.42 -40.89
N LYS A 487 -4.83 3.57 -41.55
CA LYS A 487 -5.57 3.95 -42.69
C LYS A 487 -5.51 2.91 -43.79
N PRO A 488 -4.30 2.50 -44.16
CA PRO A 488 -4.30 1.49 -45.26
C PRO A 488 -4.87 0.12 -44.82
N HIS A 489 -4.70 -0.24 -43.56
CA HIS A 489 -5.30 -1.46 -43.03
C HIS A 489 -6.82 -1.49 -43.22
N PHE A 490 -7.46 -0.39 -42.83
CA PHE A 490 -8.92 -0.32 -42.94
C PHE A 490 -9.35 -0.23 -44.39
N ALA A 491 -8.59 0.52 -45.22
CA ALA A 491 -8.94 0.70 -46.58
C ALA A 491 -8.84 -0.64 -47.38
N GLN A 492 -7.75 -1.32 -47.17
CA GLN A 492 -7.58 -2.66 -47.76
C GLN A 492 -8.67 -3.67 -47.25
N ALA A 493 -9.06 -3.58 -45.97
CA ALA A 493 -10.02 -4.48 -45.44
C ALA A 493 -11.32 -4.27 -46.13
N ALA A 494 -11.68 -3.03 -46.46
CA ALA A 494 -12.93 -2.77 -47.10
C ALA A 494 -12.99 -3.43 -48.46
N GLU A 495 -11.85 -3.47 -49.16
CA GLU A 495 -11.82 -4.14 -50.45
C GLU A 495 -11.90 -5.66 -50.32
N THR A 496 -11.16 -6.22 -49.39
CA THR A 496 -11.15 -7.67 -49.12
C THR A 496 -12.57 -8.11 -48.78
N LEU A 497 -13.26 -7.35 -47.91
CA LEU A 497 -14.59 -7.77 -47.47
C LEU A 497 -15.62 -7.64 -48.58
N ALA A 498 -15.51 -6.64 -49.45
CA ALA A 498 -16.42 -6.52 -50.54
C ALA A 498 -16.29 -7.73 -51.48
N ASN A 499 -15.08 -8.23 -51.68
CA ASN A 499 -14.86 -9.48 -52.49
C ASN A 499 -15.45 -10.71 -51.80
N ILE A 500 -15.23 -10.86 -50.48
CA ILE A 500 -15.79 -11.99 -49.81
C ILE A 500 -17.36 -11.91 -49.85
N LYS A 501 -17.91 -10.70 -49.73
CA LYS A 501 -19.30 -10.53 -49.74
C LYS A 501 -19.89 -11.25 -50.98
N GLU A 502 -19.21 -11.09 -52.10
CA GLU A 502 -19.78 -11.55 -53.37
C GLU A 502 -19.83 -13.06 -53.42
N LYS A 503 -19.08 -13.73 -52.58
CA LYS A 503 -19.17 -15.19 -52.54
C LYS A 503 -19.78 -15.78 -51.28
N ALA A 504 -20.44 -14.94 -50.50
CA ALA A 504 -20.84 -15.36 -49.16
C ALA A 504 -22.28 -15.90 -49.11
N GLY A 505 -23.00 -15.88 -50.23
CA GLY A 505 -24.42 -16.31 -50.27
C GLY A 505 -25.27 -15.73 -49.14
N ASN A 506 -25.92 -16.56 -48.37
CA ASN A 506 -26.80 -16.07 -47.29
C ASN A 506 -26.05 -15.40 -46.14
N TYR A 507 -24.71 -15.37 -46.13
CA TYR A 507 -24.00 -14.64 -45.08
C TYR A 507 -23.44 -13.33 -45.58
N ALA A 508 -23.76 -12.99 -46.82
CA ALA A 508 -23.23 -11.80 -47.45
C ALA A 508 -23.49 -10.53 -46.59
N TYR A 509 -24.64 -10.41 -45.96
CA TYR A 509 -24.95 -9.21 -45.12
C TYR A 509 -23.88 -8.96 -44.08
N LEU A 510 -23.24 -10.00 -43.53
CA LEU A 510 -22.28 -9.83 -42.46
C LEU A 510 -21.05 -9.10 -43.03
N PHE A 511 -20.73 -9.40 -44.28
CA PHE A 511 -19.47 -8.89 -44.86
C PHE A 511 -19.68 -7.49 -45.46
N GLU A 512 -20.87 -7.26 -45.95
CA GLU A 512 -21.23 -5.96 -46.49
C GLU A 512 -21.17 -4.94 -45.37
N THR A 513 -21.74 -5.29 -44.20
CA THR A 513 -21.66 -4.42 -43.02
C THR A 513 -20.23 -4.07 -42.70
N GLN A 514 -19.42 -5.10 -42.50
CA GLN A 514 -18.03 -4.84 -42.18
C GLN A 514 -17.26 -4.06 -43.26
N ALA A 515 -17.58 -4.27 -44.54
CA ALA A 515 -16.82 -3.57 -45.62
C ALA A 515 -17.04 -2.04 -45.44
N GLN A 516 -18.29 -1.68 -45.17
CA GLN A 516 -18.67 -0.27 -45.03
C GLN A 516 -18.04 0.30 -43.78
N LEU A 517 -17.98 -0.49 -42.67
CA LEU A 517 -17.40 -0.02 -41.48
C LEU A 517 -15.92 0.29 -41.73
N ASN A 518 -15.19 -0.65 -42.38
CA ASN A 518 -13.74 -0.45 -42.58
C ASN A 518 -13.53 0.75 -43.52
N ALA A 519 -14.40 0.94 -44.46
CA ALA A 519 -14.30 2.10 -45.34
C ALA A 519 -14.35 3.40 -44.52
N ILE A 520 -15.36 3.51 -43.67
CA ILE A 520 -15.43 4.68 -42.75
C ILE A 520 -14.22 4.89 -41.86
N LEU A 521 -13.75 3.85 -41.23
CA LEU A 521 -12.64 3.92 -40.35
C LEU A 521 -11.36 4.41 -41.06
N SER A 522 -11.19 4.07 -42.33
CA SER A 522 -9.94 4.44 -43.06
C SER A 522 -9.76 5.92 -43.04
N SER A 523 -10.86 6.67 -43.13
CA SER A 523 -10.80 8.15 -43.09
C SER A 523 -11.03 8.72 -41.73
N LYS A 524 -11.91 8.10 -40.94
CA LYS A 524 -12.19 8.67 -39.63
C LYS A 524 -11.15 8.44 -38.59
N VAL A 525 -10.24 7.49 -38.80
CA VAL A 525 -9.19 7.28 -37.86
C VAL A 525 -8.32 8.52 -37.56
N ASP A 526 -8.15 9.39 -38.53
CA ASP A 526 -7.34 10.58 -38.34
C ASP A 526 -7.98 11.88 -38.72
N VAL A 527 -9.27 11.89 -39.06
CA VAL A 527 -9.91 13.13 -39.41
C VAL A 527 -9.82 14.17 -38.30
N GLY A 528 -9.92 13.74 -37.04
CA GLY A 528 -9.83 14.67 -35.93
C GLY A 528 -8.43 15.26 -35.78
N ARG A 529 -7.42 14.40 -35.98
CA ARG A 529 -6.02 14.83 -35.93
C ARG A 529 -5.72 15.78 -37.11
N ARG A 530 -6.18 15.47 -38.31
CA ARG A 530 -6.08 16.31 -39.52
C ARG A 530 -6.70 17.70 -39.33
N ILE A 531 -7.87 17.77 -38.69
CA ILE A 531 -8.43 19.07 -38.34
C ILE A 531 -7.51 19.85 -37.43
N ARG A 532 -6.98 19.23 -36.41
CA ARG A 532 -6.12 19.90 -35.46
C ARG A 532 -4.81 20.40 -36.14
N GLN A 533 -4.29 19.61 -37.08
CA GLN A 533 -3.03 19.97 -37.81
C GLN A 533 -3.35 21.17 -38.69
N ALA A 534 -4.44 21.14 -39.43
CA ALA A 534 -4.80 22.27 -40.29
C ALA A 534 -5.08 23.53 -39.44
N TYR A 535 -5.80 23.37 -38.32
CA TYR A 535 -5.99 24.47 -37.36
C TYR A 535 -4.67 25.06 -36.84
N GLN A 536 -3.77 24.24 -36.32
CA GLN A 536 -2.45 24.74 -35.88
C GLN A 536 -1.66 25.43 -37.02
N ALA A 537 -1.83 24.98 -38.25
CA ALA A 537 -1.08 25.53 -39.37
C ALA A 537 -1.75 26.73 -40.05
N ASP A 538 -2.92 27.14 -39.59
CA ASP A 538 -3.74 28.11 -40.30
C ASP A 538 -4.00 27.74 -41.74
N ASP A 539 -4.10 26.44 -42.01
CA ASP A 539 -4.40 25.93 -43.34
C ASP A 539 -5.92 25.98 -43.49
N LYS A 540 -6.46 27.10 -43.94
CA LYS A 540 -7.89 27.30 -44.02
C LYS A 540 -8.54 26.63 -45.20
N GLU A 541 -7.78 26.48 -46.27
CA GLU A 541 -8.21 25.68 -47.40
C GLU A 541 -8.49 24.23 -46.96
N SER A 542 -7.56 23.64 -46.20
CA SER A 542 -7.72 22.32 -45.69
C SER A 542 -8.85 22.19 -44.62
N LEU A 543 -9.02 23.19 -43.77
CA LEU A 543 -10.24 23.18 -42.86
C LEU A 543 -11.48 23.29 -43.65
N GLN A 544 -11.51 24.12 -44.70
CA GLN A 544 -12.71 24.28 -45.46
C GLN A 544 -13.11 23.01 -46.22
N GLN A 545 -12.11 22.31 -46.73
CA GLN A 545 -12.35 21.03 -47.43
C GLN A 545 -12.92 19.95 -46.48
N ILE A 546 -12.39 19.90 -45.27
CA ILE A 546 -12.84 18.95 -44.24
C ILE A 546 -14.32 19.25 -43.94
N ALA A 547 -14.59 20.49 -43.59
CA ALA A 547 -15.95 20.93 -43.30
C ALA A 547 -17.00 20.79 -44.35
N ARG A 548 -16.63 21.00 -45.62
CA ARG A 548 -17.61 21.07 -46.66
C ARG A 548 -17.66 19.86 -47.58
N GLN A 549 -16.60 19.10 -47.64
CA GLN A 549 -16.66 17.88 -48.41
C GLN A 549 -16.41 16.63 -47.59
N GLU A 550 -15.36 16.57 -46.82
CA GLU A 550 -15.02 15.34 -46.14
C GLU A 550 -16.07 14.94 -45.09
N LEU A 551 -16.36 15.85 -44.19
CA LEU A 551 -17.35 15.52 -43.10
C LEU A 551 -18.73 15.26 -43.60
N PRO A 552 -19.21 15.98 -44.61
CA PRO A 552 -20.51 15.53 -45.05
C PRO A 552 -20.58 14.16 -45.73
N GLU A 553 -19.51 13.79 -46.44
CA GLU A 553 -19.35 12.47 -47.05
C GLU A 553 -19.23 11.42 -45.93
N LEU A 554 -18.57 11.78 -44.86
CA LEU A 554 -18.47 10.91 -43.68
C LEU A 554 -19.91 10.60 -43.14
N ARG A 555 -20.69 11.64 -43.00
CA ARG A 555 -22.08 11.50 -42.63
C ARG A 555 -22.87 10.63 -43.55
N SER A 556 -22.70 10.82 -44.86
CA SER A 556 -23.34 9.96 -45.81
C SER A 556 -22.96 8.47 -45.64
N GLN A 557 -21.71 8.21 -45.47
CA GLN A 557 -21.24 6.86 -45.33
C GLN A 557 -21.77 6.22 -44.03
N ILE A 558 -21.91 7.04 -43.01
CA ILE A 558 -22.35 6.49 -41.69
C ILE A 558 -23.83 6.20 -41.81
N GLU A 559 -24.56 7.04 -42.57
CA GLU A 559 -25.95 6.75 -42.82
C GLU A 559 -26.11 5.42 -43.52
N ASP A 560 -25.25 5.17 -44.48
CA ASP A 560 -25.24 3.91 -45.23
C ASP A 560 -24.90 2.74 -44.33
N PHE A 561 -23.92 2.86 -43.43
CA PHE A 561 -23.59 1.87 -42.46
C PHE A 561 -24.74 1.61 -41.54
N HIS A 562 -25.40 2.69 -41.10
CA HIS A 562 -26.58 2.55 -40.19
C HIS A 562 -27.67 1.71 -40.91
N ALA A 563 -27.86 1.93 -42.20
CA ALA A 563 -28.85 1.14 -42.93
C ALA A 563 -28.47 -0.35 -43.08
N LEU A 564 -27.20 -0.61 -43.36
CA LEU A 564 -26.71 -1.98 -43.46
C LEU A 564 -26.77 -2.66 -42.08
N PHE A 565 -26.40 -1.94 -41.03
CA PHE A 565 -26.44 -2.45 -39.68
C PHE A 565 -27.87 -2.82 -39.30
N SER A 566 -28.79 -1.95 -39.72
CA SER A 566 -30.19 -2.14 -39.34
C SER A 566 -30.78 -3.35 -40.05
N HIS A 567 -30.43 -3.52 -41.33
CA HIS A 567 -30.78 -4.75 -42.05
C HIS A 567 -30.22 -6.00 -41.32
N GLN A 568 -28.93 -5.97 -40.99
CA GLN A 568 -28.29 -7.05 -40.25
C GLN A 568 -29.03 -7.31 -38.95
N TRP A 569 -29.23 -6.26 -38.17
CA TRP A 569 -29.89 -6.36 -36.88
C TRP A 569 -31.31 -7.00 -37.05
N LEU A 570 -32.10 -6.51 -37.99
CA LEU A 570 -33.54 -6.94 -38.08
C LEU A 570 -33.60 -8.37 -38.68
N LYS A 571 -32.58 -8.76 -39.44
CA LYS A 571 -32.42 -10.13 -39.92
C LYS A 571 -32.22 -11.10 -38.76
N GLU A 572 -31.38 -10.74 -37.80
CA GLU A 572 -30.99 -11.66 -36.74
C GLU A 572 -31.80 -11.56 -35.47
N ASN A 573 -32.28 -10.35 -35.15
CA ASN A 573 -32.80 -10.01 -33.79
C ASN A 573 -34.20 -9.49 -33.89
N LYS A 574 -34.89 -9.41 -32.75
CA LYS A 574 -36.12 -8.66 -32.67
C LYS A 574 -35.81 -7.17 -32.81
N VAL A 575 -36.82 -6.36 -33.08
CA VAL A 575 -36.61 -4.92 -33.27
C VAL A 575 -36.19 -4.21 -32.00
N PHE A 576 -36.62 -4.68 -30.85
CA PHE A 576 -36.32 -4.08 -29.58
C PHE A 576 -34.79 -4.05 -29.33
N GLY A 577 -34.32 -2.94 -28.83
CA GLY A 577 -32.89 -2.74 -28.65
C GLY A 577 -32.16 -2.07 -29.80
N LEU A 578 -32.68 -2.10 -31.02
CA LEU A 578 -32.07 -1.29 -32.08
C LEU A 578 -32.13 0.21 -31.79
N ASP A 579 -33.13 0.64 -31.01
CA ASP A 579 -33.27 2.03 -30.60
C ASP A 579 -31.99 2.62 -29.97
N THR A 580 -31.29 1.85 -29.14
CA THR A 580 -30.04 2.32 -28.57
C THR A 580 -29.03 2.64 -29.65
N VAL A 581 -28.97 1.81 -30.67
CA VAL A 581 -28.03 2.08 -31.81
C VAL A 581 -28.48 3.31 -32.59
N ASP A 582 -29.78 3.47 -32.86
CA ASP A 582 -30.26 4.70 -33.48
C ASP A 582 -29.85 5.92 -32.68
N ILE A 583 -29.94 5.85 -31.35
CA ILE A 583 -29.62 6.97 -30.52
C ILE A 583 -28.08 7.29 -30.63
N ARG A 584 -27.31 6.26 -30.55
CA ARG A 584 -25.80 6.38 -30.55
C ARG A 584 -25.34 6.93 -31.92
N MET A 585 -25.87 6.33 -32.98
CA MET A 585 -25.50 6.79 -34.32
C MET A 585 -26.04 8.18 -34.69
N GLY A 586 -27.28 8.49 -34.31
CA GLY A 586 -27.80 9.84 -34.46
C GLY A 586 -26.97 10.87 -33.79
N GLY A 587 -26.51 10.53 -32.57
CA GLY A 587 -25.69 11.39 -31.79
C GLY A 587 -24.32 11.64 -32.45
N LEU A 588 -23.70 10.58 -32.96
CA LEU A 588 -22.45 10.73 -33.70
C LEU A 588 -22.68 11.65 -34.91
N LEU A 589 -23.70 11.39 -35.71
CA LEU A 589 -23.98 12.26 -36.86
C LEU A 589 -24.16 13.75 -36.47
N GLN A 590 -24.90 14.01 -35.38
CA GLN A 590 -25.08 15.38 -34.95
C GLN A 590 -23.75 16.02 -34.53
N ARG A 591 -22.87 15.24 -33.92
CA ARG A 591 -21.56 15.71 -33.50
C ARG A 591 -20.68 15.99 -34.70
N ILE A 592 -20.82 15.20 -35.74
CA ILE A 592 -20.13 15.55 -37.02
C ILE A 592 -20.69 16.85 -37.58
N LYS A 593 -22.00 17.06 -37.59
CA LYS A 593 -22.53 18.37 -37.94
C LYS A 593 -22.00 19.50 -37.12
N ARG A 594 -21.75 19.28 -35.83
CA ARG A 594 -21.16 20.32 -35.01
C ARG A 594 -19.74 20.63 -35.44
N ALA A 595 -19.01 19.61 -35.84
CA ALA A 595 -17.63 19.85 -36.29
C ALA A 595 -17.67 20.80 -37.51
N GLU A 596 -18.61 20.54 -38.40
CA GLU A 596 -18.81 21.30 -39.62
C GLU A 596 -19.19 22.74 -39.24
N SER A 597 -20.19 22.90 -38.38
CA SER A 597 -20.67 24.27 -38.03
C SER A 597 -19.64 25.07 -37.26
N ARG A 598 -18.91 24.50 -36.28
CA ARG A 598 -17.83 25.18 -35.60
C ARG A 598 -16.71 25.65 -36.53
N ILE A 599 -16.28 24.76 -37.39
CA ILE A 599 -15.31 25.17 -38.39
C ILE A 599 -15.92 26.28 -39.26
N GLU A 600 -17.17 26.20 -39.73
CA GLU A 600 -17.70 27.28 -40.59
C GLU A 600 -17.77 28.64 -39.87
N VAL A 601 -18.22 28.64 -38.62
CA VAL A 601 -18.17 29.87 -37.80
C VAL A 601 -16.77 30.45 -37.64
N TYR A 602 -15.78 29.62 -37.39
CA TYR A 602 -14.41 30.07 -37.35
C TYR A 602 -13.94 30.64 -38.70
N LEU A 603 -14.18 29.87 -39.77
CA LEU A 603 -13.81 30.32 -41.10
C LEU A 603 -14.50 31.63 -41.49
N ALA A 604 -15.63 31.94 -40.92
CA ALA A 604 -16.33 33.19 -41.26
C ALA A 604 -15.86 34.39 -40.41
N GLY A 605 -14.85 34.19 -39.57
CA GLY A 605 -14.35 35.27 -38.73
C GLY A 605 -15.16 35.50 -37.48
N GLN A 606 -16.20 34.67 -37.25
CA GLN A 606 -17.10 34.90 -36.12
C GLN A 606 -16.59 34.33 -34.81
N LEU A 607 -15.39 33.73 -34.84
CA LEU A 607 -14.68 33.16 -33.66
C LEU A 607 -13.20 33.41 -33.81
N ASP A 608 -12.51 33.69 -32.71
CA ASP A 608 -11.07 33.86 -32.71
C ASP A 608 -10.32 32.53 -32.56
N ARG A 609 -10.96 31.55 -31.90
CA ARG A 609 -10.36 30.27 -31.49
C ARG A 609 -11.47 29.21 -31.56
N ILE A 610 -11.12 27.97 -31.80
CA ILE A 610 -12.08 26.84 -31.66
C ILE A 610 -11.59 26.18 -30.40
N ASP A 611 -12.21 26.50 -29.27
CA ASP A 611 -11.68 26.08 -28.02
C ASP A 611 -11.40 24.57 -27.90
N GLU A 612 -12.29 23.75 -28.48
CA GLU A 612 -12.16 22.29 -28.41
C GLU A 612 -10.76 21.87 -28.86
N LEU A 613 -10.35 22.52 -29.93
CA LEU A 613 -9.06 22.26 -30.62
C LEU A 613 -7.86 22.75 -29.87
N GLU A 614 -8.08 23.50 -28.78
CA GLU A 614 -6.95 23.99 -27.97
C GLU A 614 -6.69 23.14 -26.81
N VAL A 615 -7.50 22.08 -26.64
CA VAL A 615 -7.24 21.16 -25.60
C VAL A 615 -6.21 20.16 -26.17
N GLU A 616 -5.20 19.82 -25.38
CA GLU A 616 -4.26 18.75 -25.75
C GLU A 616 -4.76 17.36 -25.30
N ILE A 617 -4.65 16.40 -26.20
CA ILE A 617 -5.20 15.04 -26.00
C ILE A 617 -4.25 14.19 -25.19
N LEU A 618 -4.77 13.62 -24.09
CA LEU A 618 -4.14 12.79 -23.18
C LEU A 618 -4.43 11.34 -23.62
N PRO A 619 -3.65 10.39 -23.11
CA PRO A 619 -4.05 9.03 -23.35
C PRO A 619 -5.42 8.76 -22.77
N PHE A 620 -6.22 7.98 -23.47
CA PHE A 620 -7.57 7.58 -22.93
C PHE A 620 -7.51 6.63 -21.77
N THR A 621 -6.63 5.63 -21.87
CA THR A 621 -6.38 4.70 -20.78
C THR A 621 -4.93 4.20 -20.85
N ASP A 622 -4.41 3.78 -19.71
CA ASP A 622 -3.07 3.26 -19.68
C ASP A 622 -3.08 1.72 -19.62
N PHE A 623 -4.20 1.07 -19.92
CA PHE A 623 -4.31 -0.43 -19.73
C PHE A 623 -3.18 -1.15 -20.49
N TYR A 624 -2.89 -0.69 -21.69
CA TYR A 624 -1.85 -1.26 -22.58
C TYR A 624 -0.72 -0.27 -22.87
N ALA A 625 -0.31 0.55 -21.89
CA ALA A 625 0.60 1.63 -22.19
C ALA A 625 2.08 1.14 -22.33
N ASP A 626 2.50 0.16 -21.55
CA ASP A 626 3.95 -0.24 -21.59
C ASP A 626 4.23 -1.12 -22.85
N LYS A 627 3.21 -1.35 -23.68
CA LYS A 627 3.33 -2.18 -24.88
C LYS A 627 3.81 -1.42 -26.11
N ASP A 628 4.05 -2.18 -27.18
CA ASP A 628 4.63 -1.66 -28.42
C ASP A 628 3.61 -1.43 -29.52
N PHE A 629 2.40 -0.97 -29.15
CA PHE A 629 1.37 -0.62 -30.12
C PHE A 629 0.68 0.58 -29.44
N ALA A 630 -0.09 1.33 -30.20
CA ALA A 630 -0.79 2.51 -29.72
C ALA A 630 -2.26 2.18 -29.36
N ALA A 631 -2.82 1.12 -29.95
CA ALA A 631 -4.26 0.69 -29.70
C ALA A 631 -4.57 0.33 -28.32
N THR A 632 -5.87 0.29 -27.97
CA THR A 632 -6.23 -0.03 -26.61
C THR A 632 -7.61 -0.64 -26.65
N THR A 633 -8.17 -0.76 -25.47
CA THR A 633 -9.44 -1.37 -25.25
C THR A 633 -10.31 -0.24 -24.74
N ALA A 634 -11.48 -0.08 -25.34
CA ALA A 634 -12.38 0.96 -24.85
C ALA A 634 -13.76 0.50 -25.30
N ASN A 635 -14.55 0.02 -24.35
CA ASN A 635 -15.73 -0.68 -24.73
C ASN A 635 -16.98 -0.21 -24.05
N GLN A 636 -17.01 1.07 -23.67
CA GLN A 636 -18.28 1.67 -23.22
C GLN A 636 -18.60 2.83 -24.14
N TRP A 637 -19.74 2.76 -24.80
CA TRP A 637 -20.15 3.79 -25.75
C TRP A 637 -20.06 5.17 -25.11
N HIS A 638 -20.62 5.30 -23.92
CA HIS A 638 -20.75 6.63 -23.32
C HIS A 638 -19.47 7.28 -22.98
N THR A 639 -18.38 6.52 -22.78
CA THR A 639 -17.07 7.17 -22.52
C THR A 639 -16.25 7.27 -23.80
N ILE A 640 -16.58 6.50 -24.82
CA ILE A 640 -15.97 6.71 -26.14
C ILE A 640 -16.43 8.05 -26.70
N ALA A 641 -17.71 8.36 -26.59
CA ALA A 641 -18.26 9.44 -27.35
C ALA A 641 -18.07 10.84 -26.73
N THR A 642 -17.84 10.93 -25.43
CA THR A 642 -17.73 12.21 -24.70
C THR A 642 -17.06 12.13 -23.41
N ALA A 643 -16.29 13.19 -23.09
CA ALA A 643 -15.72 13.42 -21.77
C ALA A 643 -16.71 14.10 -20.80
N SER A 644 -17.90 14.49 -21.30
CA SER A 644 -18.91 15.19 -20.51
C SER A 644 -19.72 14.13 -19.75
N THR A 645 -20.50 14.57 -18.79
CA THR A 645 -21.46 13.70 -18.16
C THR A 645 -22.60 13.40 -19.10
N ILE A 646 -23.13 12.17 -19.05
CA ILE A 646 -24.23 11.82 -19.92
C ILE A 646 -25.28 10.94 -19.27
N TYR A 647 -24.88 10.06 -18.33
CA TYR A 647 -25.93 9.31 -17.60
C TYR A 647 -26.03 9.79 -16.15
N THR A 648 -24.98 10.39 -15.57
CA THR A 648 -25.01 10.80 -14.15
C THR A 648 -25.83 12.10 -13.95
N THR A 649 -26.28 12.28 -12.70
CA THR A 649 -27.05 13.45 -12.26
C THR A 649 -26.09 14.52 -11.83
N SER B 20 -29.89 55.47 -24.21
CA SER B 20 -28.76 56.16 -24.91
C SER B 20 -28.67 57.68 -24.60
N MET B 21 -29.76 58.30 -24.10
CA MET B 21 -29.65 59.65 -23.51
C MET B 21 -28.83 59.50 -22.22
N ALA B 22 -27.66 60.11 -22.13
CA ALA B 22 -26.78 59.92 -20.95
C ALA B 22 -27.46 60.48 -19.70
N SER B 23 -27.40 59.69 -18.60
CA SER B 23 -27.95 60.16 -17.31
C SER B 23 -27.17 61.36 -16.84
N MET B 24 -27.89 62.37 -16.32
CA MET B 24 -27.29 63.57 -15.75
C MET B 24 -27.26 63.47 -14.23
N VAL B 25 -27.44 62.24 -13.71
CA VAL B 25 -27.36 62.01 -12.27
C VAL B 25 -26.01 62.51 -11.74
N ARG B 26 -26.07 63.01 -10.52
CA ARG B 26 -24.96 63.65 -9.84
C ARG B 26 -24.88 63.05 -8.43
N PHE B 27 -23.72 62.47 -8.10
CA PHE B 27 -23.49 61.91 -6.78
C PHE B 27 -22.43 62.68 -6.04
N THR B 28 -22.59 62.77 -4.73
CA THR B 28 -21.50 63.13 -3.84
C THR B 28 -21.30 61.97 -2.86
N GLY B 29 -20.06 61.83 -2.38
CA GLY B 29 -19.71 60.87 -1.32
C GLY B 29 -19.17 59.55 -1.82
N LEU B 30 -19.05 59.39 -3.16
CA LEU B 30 -18.57 58.11 -3.73
C LEU B 30 -17.08 57.99 -3.84
N SER B 31 -16.57 56.77 -3.69
CA SER B 31 -15.23 56.47 -4.11
C SER B 31 -15.17 56.34 -5.63
N LEU B 32 -13.96 56.40 -6.18
CA LEU B 32 -13.78 56.17 -7.65
C LEU B 32 -14.23 54.72 -8.00
N LYS B 33 -13.98 53.79 -7.09
CA LYS B 33 -14.51 52.39 -7.24
C LYS B 33 -16.01 52.33 -7.45
N GLN B 34 -16.72 53.09 -6.64
CA GLN B 34 -18.16 53.13 -6.72
C GLN B 34 -18.61 53.88 -7.94
N THR B 35 -17.95 54.97 -8.27
CA THR B 35 -18.38 55.68 -9.52
C THR B 35 -18.24 54.78 -10.75
N GLN B 36 -17.16 54.03 -10.82
CA GLN B 36 -16.96 53.11 -11.94
C GLN B 36 -18.00 51.95 -11.96
N ALA B 37 -18.26 51.36 -10.82
CA ALA B 37 -19.33 50.33 -10.71
C ALA B 37 -20.65 50.88 -11.22
N ILE B 38 -20.97 52.10 -10.82
CA ILE B 38 -22.23 52.68 -11.21
C ILE B 38 -22.26 52.86 -12.72
N GLU B 39 -21.11 53.17 -13.32
CA GLU B 39 -21.09 53.39 -14.73
C GLU B 39 -21.39 52.08 -15.48
N VAL B 40 -20.90 50.96 -14.93
CA VAL B 40 -21.24 49.64 -15.46
C VAL B 40 -22.73 49.45 -15.37
N LEU B 41 -23.31 49.76 -14.22
CA LEU B 41 -24.74 49.45 -13.95
C LEU B 41 -25.72 50.35 -14.68
N LYS B 42 -25.25 51.52 -15.13
CA LYS B 42 -26.04 52.32 -16.07
C LYS B 42 -26.44 51.53 -17.37
N GLY B 43 -25.68 50.50 -17.71
CA GLY B 43 -26.07 49.55 -18.75
C GLY B 43 -27.34 48.76 -18.46
N HIS B 44 -27.70 48.63 -17.17
CA HIS B 44 -28.91 47.95 -16.74
C HIS B 44 -30.01 48.86 -16.26
N ILE B 45 -29.69 49.89 -15.50
CA ILE B 45 -30.70 50.79 -14.97
C ILE B 45 -30.55 52.21 -15.51
N SER B 46 -31.66 52.93 -15.42
CA SER B 46 -31.73 54.29 -15.92
C SER B 46 -31.84 55.30 -14.75
N LEU B 47 -30.76 55.98 -14.44
CA LEU B 47 -30.76 56.93 -13.37
C LEU B 47 -31.26 58.29 -13.87
N PRO B 48 -32.27 58.84 -13.20
CA PRO B 48 -32.80 60.19 -13.58
C PRO B 48 -31.89 61.33 -13.13
N ASP B 49 -32.19 62.52 -13.62
CA ASP B 49 -31.35 63.68 -13.39
C ASP B 49 -31.63 64.22 -11.97
N VAL B 50 -31.06 63.56 -10.96
CA VAL B 50 -31.29 63.98 -9.57
C VAL B 50 -29.93 64.10 -8.88
N GLU B 51 -29.88 64.62 -7.64
CA GLU B 51 -28.59 64.72 -6.94
C GLU B 51 -28.69 63.80 -5.71
N VAL B 52 -27.67 63.00 -5.52
CA VAL B 52 -27.68 61.95 -4.48
C VAL B 52 -26.42 62.06 -3.66
N ALA B 53 -26.60 62.36 -2.35
CA ALA B 53 -25.52 62.35 -1.39
C ALA B 53 -25.43 60.96 -0.75
N VAL B 54 -24.31 60.32 -0.93
CA VAL B 54 -24.11 58.93 -0.47
C VAL B 54 -23.13 58.87 0.70
N THR B 55 -23.46 58.02 1.67
CA THR B 55 -22.55 57.79 2.73
C THR B 55 -22.81 56.40 3.31
N GLN B 56 -21.77 55.81 3.88
CA GLN B 56 -21.95 54.63 4.68
C GLN B 56 -22.56 55.04 6.04
N SER B 57 -23.41 54.21 6.57
CA SER B 57 -23.96 54.39 7.91
C SER B 57 -24.46 53.06 8.44
N ASP B 58 -24.29 52.87 9.75
CA ASP B 58 -24.78 51.66 10.41
C ASP B 58 -26.26 51.65 10.64
N GLN B 59 -26.91 52.77 10.33
CA GLN B 59 -28.29 52.94 10.69
C GLN B 59 -29.28 51.90 10.12
N ALA B 60 -28.99 51.46 8.91
CA ALA B 60 -29.91 50.52 8.22
C ALA B 60 -29.11 49.86 7.13
N SER B 61 -29.62 48.74 6.61
CA SER B 61 -28.94 48.20 5.45
C SER B 61 -28.96 49.19 4.32
N ILE B 62 -30.13 49.72 4.10
CA ILE B 62 -30.31 50.77 3.08
C ILE B 62 -31.28 51.81 3.61
N SER B 63 -30.94 53.09 3.43
CA SER B 63 -31.88 54.19 3.67
C SER B 63 -31.85 55.20 2.53
N ILE B 64 -33.03 55.67 2.11
CA ILE B 64 -33.14 56.74 1.09
C ILE B 64 -34.20 57.68 1.54
N GLU B 65 -33.77 58.92 1.64
CA GLU B 65 -34.65 60.06 2.01
C GLU B 65 -34.53 61.18 0.98
N GLY B 66 -35.61 61.97 0.93
CA GLY B 66 -35.55 63.21 0.20
C GLY B 66 -36.74 63.49 -0.65
N GLU B 67 -36.59 64.55 -1.46
CA GLU B 67 -37.64 65.02 -2.38
C GLU B 67 -37.06 66.15 -3.29
N GLU B 68 -37.77 66.46 -4.36
CA GLU B 68 -37.45 67.60 -5.27
C GLU B 68 -36.08 67.48 -5.84
N GLY B 69 -35.68 66.24 -6.19
CA GLY B 69 -34.43 66.02 -6.91
C GLY B 69 -33.20 66.02 -6.07
N HIS B 70 -33.40 66.02 -4.75
CA HIS B 70 -32.29 66.00 -3.81
C HIS B 70 -32.47 64.90 -2.79
N TYR B 71 -31.55 63.92 -2.80
CA TYR B 71 -31.71 62.71 -1.97
C TYR B 71 -30.48 62.38 -1.15
N GLN B 72 -30.73 61.70 -0.01
CA GLN B 72 -29.68 61.27 0.91
C GLN B 72 -29.82 59.74 0.94
N LEU B 73 -28.75 59.05 0.58
CA LEU B 73 -28.73 57.58 0.48
C LEU B 73 -27.60 57.04 1.35
N THR B 74 -27.99 56.08 2.21
CA THR B 74 -26.99 55.45 3.02
C THR B 74 -27.05 53.93 2.77
N TYR B 75 -25.92 53.29 2.96
CA TYR B 75 -25.82 51.83 3.01
C TYR B 75 -24.96 51.41 4.22
N ARG B 76 -25.20 50.18 4.70
CA ARG B 76 -24.40 49.60 5.77
C ARG B 76 -23.14 48.96 5.22
N LYS B 77 -23.30 48.01 4.26
CA LYS B 77 -22.20 47.30 3.64
C LYS B 77 -22.03 47.83 2.22
N PRO B 78 -20.79 47.96 1.73
CA PRO B 78 -20.66 48.61 0.45
C PRO B 78 -21.48 48.06 -0.72
N HIS B 79 -21.65 46.75 -0.81
CA HIS B 79 -22.28 46.21 -2.00
C HIS B 79 -23.79 46.66 -1.97
N GLN B 80 -24.33 47.09 -0.81
CA GLN B 80 -25.73 47.51 -0.66
C GLN B 80 -26.10 48.81 -1.37
N LEU B 81 -25.07 49.58 -1.74
CA LEU B 81 -25.20 50.78 -2.57
C LEU B 81 -25.95 50.40 -3.85
N TYR B 82 -25.65 49.21 -4.40
CA TYR B 82 -26.22 48.86 -5.75
C TYR B 82 -27.74 48.53 -5.74
N ARG B 83 -28.19 47.75 -4.73
CA ARG B 83 -29.60 47.58 -4.50
C ARG B 83 -30.23 48.95 -4.21
N ALA B 84 -29.57 49.76 -3.42
CA ALA B 84 -30.15 51.10 -3.10
C ALA B 84 -30.46 51.92 -4.40
N LEU B 85 -29.52 51.87 -5.37
CA LEU B 85 -29.71 52.57 -6.67
C LEU B 85 -30.89 52.01 -7.44
N SER B 86 -31.02 50.68 -7.50
CA SER B 86 -32.24 50.06 -8.05
C SER B 86 -33.50 50.52 -7.35
N LEU B 87 -33.47 50.60 -6.02
CA LEU B 87 -34.67 51.03 -5.31
C LEU B 87 -35.00 52.51 -5.64
N LEU B 88 -33.97 53.29 -5.77
CA LEU B 88 -34.12 54.75 -6.02
C LEU B 88 -34.68 54.95 -7.42
N VAL B 89 -34.11 54.29 -8.39
CA VAL B 89 -34.65 54.35 -9.75
C VAL B 89 -36.11 53.99 -9.75
N THR B 90 -36.44 52.92 -9.09
CA THR B 90 -37.83 52.47 -9.09
C THR B 90 -38.81 53.47 -8.45
N VAL B 91 -38.48 53.93 -7.27
CA VAL B 91 -39.44 54.72 -6.51
C VAL B 91 -39.65 56.08 -7.19
N LEU B 92 -38.62 56.62 -7.79
CA LEU B 92 -38.79 57.91 -8.45
C LEU B 92 -39.62 57.91 -9.70
N ALA B 93 -39.96 56.77 -10.25
CA ALA B 93 -40.90 56.75 -11.34
C ALA B 93 -42.33 57.02 -10.83
N GLU B 94 -42.60 56.77 -9.56
CA GLU B 94 -43.93 56.87 -8.99
C GLU B 94 -44.12 58.16 -8.20
N ALA B 95 -43.01 58.75 -7.71
CA ALA B 95 -43.11 59.74 -6.65
C ALA B 95 -41.87 60.61 -6.58
N ASP B 96 -42.04 61.78 -6.00
CA ASP B 96 -40.97 62.71 -5.84
C ASP B 96 -40.29 62.47 -4.49
N LYS B 97 -41.09 62.27 -3.45
CA LYS B 97 -40.60 62.14 -2.08
C LYS B 97 -40.33 60.65 -1.81
N VAL B 98 -39.20 60.36 -1.17
CA VAL B 98 -38.77 58.99 -0.90
C VAL B 98 -38.56 58.78 0.58
N GLU B 99 -39.02 57.64 1.09
CA GLU B 99 -38.89 57.28 2.51
C GLU B 99 -38.65 55.76 2.60
N ILE B 100 -37.38 55.38 2.41
CA ILE B 100 -37.00 53.99 2.29
C ILE B 100 -36.07 53.70 3.45
N GLU B 101 -36.32 52.56 4.10
CA GLU B 101 -35.41 52.05 5.11
C GLU B 101 -35.56 50.54 5.08
N GLU B 102 -34.52 49.85 4.68
CA GLU B 102 -34.52 48.38 4.69
C GLU B 102 -33.55 47.85 5.75
N GLN B 103 -33.95 46.77 6.45
CA GLN B 103 -33.12 46.07 7.39
C GLN B 103 -33.12 44.60 6.92
N ALA B 104 -32.02 44.21 6.31
CA ALA B 104 -31.86 42.88 5.68
C ALA B 104 -31.78 41.84 6.79
N ALA B 105 -32.52 40.78 6.63
CA ALA B 105 -32.49 39.72 7.65
C ALA B 105 -31.21 38.92 7.70
N TYR B 106 -30.50 38.80 6.59
CA TYR B 106 -29.33 37.94 6.49
C TYR B 106 -28.10 38.76 6.30
N GLU B 107 -27.10 38.42 7.10
CA GLU B 107 -25.78 38.98 6.94
C GLU B 107 -25.16 38.66 5.64
N ASP B 108 -25.53 37.50 5.06
CA ASP B 108 -25.01 37.16 3.73
C ASP B 108 -26.10 36.47 2.98
N LEU B 109 -26.20 36.85 1.71
CA LEU B 109 -27.14 36.31 0.79
C LEU B 109 -26.34 36.01 -0.52
N ALA B 110 -26.28 34.73 -0.88
CA ALA B 110 -25.45 34.22 -1.94
C ALA B 110 -26.26 33.48 -3.05
N TYR B 111 -25.71 33.48 -4.27
CA TYR B 111 -26.22 32.66 -5.33
C TYR B 111 -25.11 31.77 -5.79
N MET B 112 -25.40 30.47 -5.85
CA MET B 112 -24.48 29.40 -6.26
C MET B 112 -24.87 28.79 -7.62
N VAL B 113 -24.06 29.07 -8.61
CA VAL B 113 -24.26 28.55 -9.95
C VAL B 113 -23.62 27.14 -10.06
N ASP B 114 -24.32 26.21 -10.66
CA ASP B 114 -23.74 24.86 -10.97
C ASP B 114 -22.90 24.93 -12.24
N CYS B 115 -21.59 24.67 -12.08
CA CYS B 115 -20.68 24.57 -13.21
C CYS B 115 -20.12 23.14 -13.42
N SER B 116 -20.83 22.16 -12.89
CA SER B 116 -20.42 20.78 -12.86
C SER B 116 -21.25 19.79 -13.64
N ARG B 117 -22.40 20.26 -14.12
CA ARG B 117 -23.38 19.39 -14.75
C ARG B 117 -23.34 19.52 -16.29
N ASN B 118 -22.19 20.02 -16.80
CA ASN B 118 -21.84 20.17 -18.22
C ASN B 118 -21.81 21.61 -18.66
N ALA B 119 -22.63 22.48 -18.05
CA ALA B 119 -22.67 23.90 -18.31
C ALA B 119 -21.77 24.68 -17.39
N VAL B 120 -20.67 25.20 -17.95
CA VAL B 120 -19.71 26.00 -17.21
C VAL B 120 -19.92 27.42 -17.64
N LEU B 121 -20.37 28.22 -16.71
CA LEU B 121 -20.73 29.59 -17.01
C LEU B 121 -19.48 30.27 -17.53
N ASN B 122 -19.61 30.94 -18.67
CA ASN B 122 -18.44 31.61 -19.26
C ASN B 122 -18.16 32.87 -18.51
N VAL B 123 -16.95 33.39 -18.72
CA VAL B 123 -16.52 34.55 -17.97
C VAL B 123 -17.35 35.79 -18.18
N ALA B 124 -17.77 36.03 -19.41
CA ALA B 124 -18.61 37.18 -19.71
C ALA B 124 -19.94 37.10 -19.01
N SER B 125 -20.50 35.90 -18.95
CA SER B 125 -21.80 35.68 -18.31
C SER B 125 -21.72 35.69 -16.81
N ALA B 126 -20.57 35.32 -16.26
CA ALA B 126 -20.37 35.48 -14.85
C ALA B 126 -20.39 36.99 -14.48
N LYS B 127 -19.75 37.81 -15.31
CA LYS B 127 -19.72 39.24 -15.06
C LYS B 127 -21.12 39.79 -15.12
N GLN B 128 -21.86 39.41 -16.15
CA GLN B 128 -23.30 39.82 -16.22
C GLN B 128 -24.15 39.40 -14.99
N MET B 129 -24.01 38.16 -14.56
CA MET B 129 -24.63 37.68 -13.34
C MET B 129 -24.27 38.46 -12.10
N ILE B 130 -22.97 38.75 -11.94
CA ILE B 130 -22.49 39.56 -10.84
C ILE B 130 -23.12 40.95 -10.84
N GLU B 131 -23.25 41.60 -12.00
CA GLU B 131 -23.90 42.91 -12.06
C GLU B 131 -25.37 42.85 -11.58
N ILE B 132 -26.11 41.82 -12.01
CA ILE B 132 -27.50 41.63 -11.61
C ILE B 132 -27.62 41.28 -10.12
N LEU B 133 -26.78 40.37 -9.62
CA LEU B 133 -26.74 40.08 -8.19
C LEU B 133 -26.54 41.36 -7.35
N ALA B 134 -25.57 42.19 -7.74
CA ALA B 134 -25.31 43.43 -7.03
C ALA B 134 -26.56 44.32 -7.03
N LEU B 135 -27.20 44.51 -8.18
CA LEU B 135 -28.46 45.25 -8.21
C LEU B 135 -29.56 44.68 -7.33
N MET B 136 -29.60 43.36 -7.17
CA MET B 136 -30.61 42.75 -6.36
C MET B 136 -30.31 42.84 -4.85
N GLY B 137 -29.03 42.90 -4.46
CA GLY B 137 -28.71 42.95 -2.97
C GLY B 137 -27.89 41.78 -2.50
N TYR B 138 -27.49 40.89 -3.44
CA TYR B 138 -26.64 39.72 -3.03
C TYR B 138 -25.27 40.19 -2.51
N SER B 139 -24.75 39.58 -1.44
CA SER B 139 -23.37 39.85 -1.02
C SER B 139 -22.30 38.95 -1.62
N THR B 140 -22.70 37.79 -2.14
CA THR B 140 -21.83 36.69 -2.45
C THR B 140 -22.25 35.94 -3.72
N PHE B 141 -21.25 35.55 -4.48
CA PHE B 141 -21.41 34.78 -5.72
C PHE B 141 -20.56 33.54 -5.52
N GLU B 142 -21.13 32.41 -5.91
CA GLU B 142 -20.49 31.11 -5.73
C GLU B 142 -20.63 30.27 -6.98
N LEU B 143 -19.57 29.51 -7.25
CA LEU B 143 -19.56 28.52 -8.35
C LEU B 143 -19.32 27.13 -7.78
N TYR B 144 -20.21 26.21 -8.16
CA TYR B 144 -20.15 24.78 -7.80
C TYR B 144 -19.35 24.00 -8.85
N MET B 145 -18.16 23.55 -8.41
CA MET B 145 -17.15 22.97 -9.28
C MET B 145 -16.65 21.64 -8.64
N GLU B 146 -17.16 20.54 -9.14
CA GLU B 146 -16.71 19.23 -8.73
C GLU B 146 -15.29 19.00 -9.28
N ASP B 147 -15.19 18.93 -10.61
CA ASP B 147 -13.94 18.73 -11.33
C ASP B 147 -13.63 19.88 -12.28
N THR B 148 -14.37 21.01 -12.25
CA THR B 148 -14.22 22.05 -13.26
C THR B 148 -13.37 23.21 -12.82
N TYR B 149 -12.27 22.92 -12.12
CA TYR B 149 -11.24 23.95 -11.91
C TYR B 149 -9.92 23.16 -12.07
N GLN B 150 -8.93 23.81 -12.65
CA GLN B 150 -7.66 23.16 -12.87
C GLN B 150 -6.82 22.97 -11.59
N ILE B 151 -6.19 21.81 -11.47
CA ILE B 151 -5.24 21.52 -10.39
C ILE B 151 -3.90 21.16 -11.07
N GLU B 152 -2.83 21.85 -10.68
CA GLU B 152 -1.50 21.61 -11.31
C GLU B 152 -1.13 20.16 -11.04
N GLY B 153 -0.66 19.48 -12.08
CA GLY B 153 -0.20 18.11 -11.88
C GLY B 153 -1.31 17.06 -11.80
N GLN B 154 -2.56 17.47 -12.08
CA GLN B 154 -3.68 16.54 -12.20
C GLN B 154 -4.37 16.74 -13.56
N PRO B 155 -3.74 16.31 -14.67
CA PRO B 155 -4.18 16.71 -15.98
C PRO B 155 -5.54 16.13 -16.39
N TYR B 156 -5.98 15.08 -15.73
CA TYR B 156 -7.31 14.52 -16.01
C TYR B 156 -8.49 15.23 -15.27
N PHE B 157 -8.14 16.03 -14.24
CA PHE B 157 -9.14 16.68 -13.40
C PHE B 157 -9.68 17.82 -14.23
N GLY B 158 -10.93 17.69 -14.70
CA GLY B 158 -11.44 18.71 -15.59
C GLY B 158 -11.18 18.60 -17.07
N TYR B 159 -10.60 17.50 -17.50
CA TYR B 159 -10.15 17.36 -18.89
C TYR B 159 -11.30 17.33 -19.87
N PHE B 160 -11.27 18.19 -20.89
CA PHE B 160 -12.31 18.41 -21.86
C PHE B 160 -13.65 18.81 -21.22
N ARG B 161 -13.58 19.35 -20.02
CA ARG B 161 -14.82 19.82 -19.33
C ARG B 161 -14.97 21.35 -19.31
N GLY B 162 -13.94 22.07 -19.80
CA GLY B 162 -13.86 23.56 -19.69
C GLY B 162 -13.59 24.01 -18.29
N ALA B 163 -12.81 23.26 -17.55
CA ALA B 163 -12.40 23.61 -16.18
C ALA B 163 -11.82 24.99 -16.21
N TYR B 164 -12.19 25.80 -15.22
CA TYR B 164 -11.68 27.14 -15.11
C TYR B 164 -10.17 27.07 -14.76
N SER B 165 -9.41 27.90 -15.41
CA SER B 165 -8.04 28.13 -14.96
C SER B 165 -8.05 29.00 -13.69
N ALA B 166 -6.91 28.98 -12.99
CA ALA B 166 -6.75 29.85 -11.83
C ALA B 166 -6.97 31.26 -12.23
N GLU B 167 -6.48 31.63 -13.41
CA GLU B 167 -6.61 32.97 -13.87
C GLU B 167 -8.06 33.40 -14.14
N GLU B 168 -8.83 32.51 -14.77
CA GLU B 168 -10.30 32.74 -14.98
C GLU B 168 -11.01 32.92 -13.64
N LEU B 169 -10.73 32.08 -12.64
CA LEU B 169 -11.31 32.22 -11.32
C LEU B 169 -10.91 33.55 -10.67
N GLN B 170 -9.65 33.95 -10.82
CA GLN B 170 -9.19 35.24 -10.29
C GLN B 170 -9.91 36.38 -10.97
N GLU B 171 -10.17 36.28 -12.26
CA GLU B 171 -10.82 37.36 -12.97
C GLU B 171 -12.30 37.51 -12.54
N ILE B 172 -12.95 36.38 -12.39
CA ILE B 172 -14.37 36.42 -11.92
C ILE B 172 -14.45 37.00 -10.50
N GLU B 173 -13.55 36.56 -9.64
CA GLU B 173 -13.54 36.99 -8.27
C GLU B 173 -13.23 38.51 -8.27
N ALA B 174 -12.18 38.91 -8.98
CA ALA B 174 -11.86 40.35 -9.09
C ALA B 174 -13.00 41.25 -9.62
N TYR B 175 -13.73 40.76 -10.59
CA TYR B 175 -14.92 41.43 -11.08
C TYR B 175 -16.00 41.56 -10.00
N ALA B 176 -16.22 40.49 -9.24
CA ALA B 176 -17.20 40.61 -8.16
C ALA B 176 -16.74 41.62 -7.16
N GLN B 177 -15.41 41.70 -6.93
CA GLN B 177 -14.88 42.63 -5.92
C GLN B 177 -15.09 44.09 -6.36
N GLN B 178 -15.21 44.36 -7.65
CA GLN B 178 -15.47 45.71 -8.21
C GLN B 178 -16.81 46.20 -7.66
N PHE B 179 -17.72 45.28 -7.32
CA PHE B 179 -19.02 45.56 -6.73
C PHE B 179 -19.12 45.27 -5.20
N ASP B 180 -18.01 45.02 -4.56
CA ASP B 180 -17.94 44.64 -3.17
C ASP B 180 -18.68 43.30 -2.84
N VAL B 181 -18.73 42.42 -3.87
CA VAL B 181 -19.35 41.11 -3.76
C VAL B 181 -18.21 40.09 -3.58
N THR B 182 -18.41 39.20 -2.64
CA THR B 182 -17.39 38.20 -2.31
C THR B 182 -17.62 36.92 -3.13
N PHE B 183 -16.57 36.13 -3.23
CA PHE B 183 -16.57 34.91 -4.05
C PHE B 183 -16.34 33.72 -3.14
N VAL B 184 -17.17 32.67 -3.28
CA VAL B 184 -16.99 31.42 -2.51
C VAL B 184 -17.02 30.27 -3.51
N PRO B 185 -15.88 29.61 -3.69
CA PRO B 185 -15.89 28.36 -4.49
C PRO B 185 -16.55 27.21 -3.69
N CYS B 186 -17.38 26.42 -4.38
CA CYS B 186 -18.01 25.26 -3.82
C CYS B 186 -17.44 24.03 -4.55
N ILE B 187 -16.76 23.19 -3.77
CA ILE B 187 -16.10 22.05 -4.33
C ILE B 187 -16.50 20.75 -3.70
N GLN B 188 -15.81 19.69 -4.07
CA GLN B 188 -16.07 18.42 -3.44
C GLN B 188 -14.74 17.75 -3.00
N THR B 189 -14.74 17.29 -1.77
CA THR B 189 -13.47 16.76 -1.19
C THR B 189 -13.61 15.30 -0.84
N LEU B 190 -14.77 14.68 -1.12
CA LEU B 190 -14.95 13.23 -0.96
C LEU B 190 -15.64 12.50 -2.09
N ALA B 191 -16.82 12.98 -2.47
CA ALA B 191 -17.65 12.24 -3.39
C ALA B 191 -18.17 13.21 -4.50
N HIS B 192 -19.02 12.76 -5.42
CA HIS B 192 -19.53 13.61 -6.47
C HIS B 192 -18.42 14.12 -7.42
N LEU B 193 -17.50 13.18 -7.75
CA LEU B 193 -16.41 13.50 -8.61
C LEU B 193 -16.42 12.54 -9.81
N SER B 194 -17.64 12.16 -10.22
CA SER B 194 -17.79 11.16 -11.28
C SER B 194 -17.07 11.44 -12.57
N ALA B 195 -17.03 12.70 -13.01
CA ALA B 195 -16.46 13.00 -14.33
C ALA B 195 -14.91 12.90 -14.31
N PHE B 196 -14.38 12.95 -13.10
CA PHE B 196 -12.92 12.83 -12.93
C PHE B 196 -12.58 11.34 -12.76
N VAL B 197 -13.31 10.63 -11.89
CA VAL B 197 -12.85 9.32 -11.52
C VAL B 197 -13.05 8.27 -12.64
N LYS B 198 -13.77 8.60 -13.73
CA LYS B 198 -14.02 7.63 -14.79
C LYS B 198 -12.73 7.35 -15.57
N TRP B 199 -11.72 8.23 -15.47
CA TRP B 199 -10.54 8.13 -16.39
C TRP B 199 -9.58 6.97 -16.02
N GLY B 200 -9.42 6.05 -16.97
CA GLY B 200 -8.81 4.74 -16.63
C GLY B 200 -7.29 4.79 -16.77
N VAL B 201 -6.70 5.57 -15.87
CA VAL B 201 -5.27 5.66 -15.68
C VAL B 201 -5.01 5.44 -14.20
N LYS B 202 -3.82 4.89 -13.89
CA LYS B 202 -3.51 4.47 -12.54
C LYS B 202 -3.57 5.67 -11.55
N GLU B 203 -3.18 6.84 -12.04
CA GLU B 203 -3.07 8.03 -11.24
C GLU B 203 -4.44 8.50 -10.83
N VAL B 204 -5.47 8.06 -11.56
CA VAL B 204 -6.85 8.33 -11.16
C VAL B 204 -7.45 7.19 -10.42
N GLN B 205 -7.32 5.94 -10.90
CA GLN B 205 -8.03 4.82 -10.29
C GLN B 205 -7.56 4.53 -8.87
N GLU B 206 -6.30 4.84 -8.60
CA GLU B 206 -5.73 4.60 -7.28
C GLU B 206 -6.36 5.50 -6.19
N LEU B 207 -7.14 6.51 -6.64
CA LEU B 207 -7.83 7.46 -5.74
C LEU B 207 -9.23 7.06 -5.38
N ARG B 208 -9.71 5.95 -5.96
CA ARG B 208 -11.12 5.59 -5.84
C ARG B 208 -11.46 4.57 -4.77
N ASP B 209 -12.64 4.76 -4.20
CA ASP B 209 -13.28 3.84 -3.31
C ASP B 209 -14.27 3.08 -4.15
N VAL B 210 -15.31 3.75 -4.62
CA VAL B 210 -16.37 3.10 -5.42
C VAL B 210 -17.20 4.25 -6.04
N GLU B 211 -17.77 3.99 -7.20
CA GLU B 211 -18.65 4.98 -7.86
C GLU B 211 -17.91 6.33 -7.94
N ASP B 212 -18.49 7.42 -7.40
CA ASP B 212 -17.95 8.75 -7.47
C ASP B 212 -17.18 9.18 -6.21
N ILE B 213 -16.77 8.21 -5.39
CA ILE B 213 -16.22 8.45 -4.06
C ILE B 213 -14.72 8.17 -4.01
N LEU B 214 -13.99 9.12 -3.46
CA LEU B 214 -12.50 8.99 -3.33
C LEU B 214 -12.20 8.06 -2.15
N LEU B 215 -10.98 7.53 -2.15
CA LEU B 215 -10.57 6.56 -1.13
C LEU B 215 -10.00 7.24 0.16
N ILE B 216 -10.75 7.10 1.23
CA ILE B 216 -10.40 7.67 2.55
C ILE B 216 -9.16 6.92 3.05
N GLY B 217 -8.19 7.67 3.50
CA GLY B 217 -7.03 7.08 4.14
C GLY B 217 -5.90 6.96 3.17
N GLU B 218 -6.16 7.16 1.88
CA GLU B 218 -5.12 7.01 0.88
C GLU B 218 -4.32 8.29 0.73
N GLU B 219 -3.00 8.24 0.97
CA GLU B 219 -2.22 9.48 0.89
C GLU B 219 -2.29 10.24 -0.44
N LYS B 220 -2.39 9.53 -1.55
CA LYS B 220 -2.48 10.21 -2.86
C LYS B 220 -3.83 10.94 -3.02
N VAL B 221 -4.81 10.57 -2.23
CA VAL B 221 -6.09 11.34 -2.17
C VAL B 221 -5.90 12.68 -1.43
N TYR B 222 -5.13 12.65 -0.34
CA TYR B 222 -4.85 13.88 0.37
C TYR B 222 -3.90 14.69 -0.43
N ASP B 223 -3.06 14.10 -1.27
CA ASP B 223 -2.26 14.93 -2.14
C ASP B 223 -3.14 15.66 -3.16
N LEU B 224 -4.11 14.97 -3.72
CA LEU B 224 -5.10 15.67 -4.63
C LEU B 224 -5.83 16.85 -3.91
N ILE B 225 -6.30 16.63 -2.69
CA ILE B 225 -7.04 17.61 -1.93
C ILE B 225 -6.14 18.77 -1.58
N ASP B 226 -4.85 18.50 -1.26
CA ASP B 226 -3.90 19.59 -1.14
C ASP B 226 -3.77 20.40 -2.42
N GLY B 227 -3.77 19.75 -3.58
CA GLY B 227 -3.76 20.43 -4.82
C GLY B 227 -5.05 21.28 -5.04
N MET B 228 -6.19 20.79 -4.56
CA MET B 228 -7.44 21.58 -4.73
C MET B 228 -7.28 22.94 -4.00
N PHE B 229 -6.77 22.87 -2.76
CA PHE B 229 -6.59 24.09 -1.94
C PHE B 229 -5.42 24.94 -2.42
N ALA B 230 -4.42 24.32 -3.03
CA ALA B 230 -3.42 25.08 -3.73
C ALA B 230 -3.95 25.99 -4.81
N THR B 231 -4.84 25.45 -5.62
CA THR B 231 -5.43 26.21 -6.67
C THR B 231 -6.31 27.32 -6.08
N LEU B 232 -7.16 26.99 -5.12
CA LEU B 232 -8.08 27.97 -4.54
C LEU B 232 -7.38 29.03 -3.70
N SER B 233 -6.15 28.74 -3.21
CA SER B 233 -5.36 29.75 -2.47
C SER B 233 -4.80 30.90 -3.33
N LYS B 234 -4.87 30.74 -4.63
CA LYS B 234 -4.59 31.79 -5.53
C LYS B 234 -5.67 32.85 -5.59
N LEU B 235 -6.82 32.56 -5.02
CA LEU B 235 -7.84 33.58 -4.93
C LEU B 235 -7.58 34.42 -3.69
N LYS B 236 -8.32 35.51 -3.57
CA LYS B 236 -8.35 36.28 -2.32
C LYS B 236 -9.28 35.71 -1.26
N THR B 237 -10.43 35.16 -1.67
CA THR B 237 -11.31 34.58 -0.70
C THR B 237 -10.66 33.48 0.13
N ARG B 238 -11.08 33.40 1.39
CA ARG B 238 -10.67 32.35 2.30
C ARG B 238 -11.86 31.63 2.91
N LYS B 239 -12.92 31.57 2.07
CA LYS B 239 -14.18 30.88 2.42
C LYS B 239 -14.42 29.92 1.25
N VAL B 240 -14.70 28.69 1.59
CA VAL B 240 -14.88 27.56 0.67
C VAL B 240 -15.97 26.63 1.19
N ASN B 241 -16.83 26.10 0.29
CA ASN B 241 -17.73 25.03 0.66
C ASN B 241 -17.09 23.72 0.13
N ILE B 242 -16.76 22.82 1.08
CA ILE B 242 -15.99 21.59 0.75
C ILE B 242 -16.87 20.41 0.41
N GLY B 243 -18.17 20.64 0.43
CA GLY B 243 -19.14 19.60 0.12
C GLY B 243 -19.46 18.64 1.24
N MET B 244 -19.04 17.40 1.03
CA MET B 244 -19.39 16.27 1.86
C MET B 244 -20.91 15.93 1.86
N ASP B 245 -21.67 16.33 0.84
CA ASP B 245 -23.14 15.97 0.83
C ASP B 245 -23.33 14.51 0.64
N GLU B 246 -24.43 13.99 1.20
CA GLU B 246 -24.66 12.51 1.37
C GLU B 246 -23.97 11.60 0.33
N ALA B 247 -23.21 10.60 0.82
CA ALA B 247 -22.79 9.44 -0.02
C ALA B 247 -22.86 8.03 0.69
N HIS B 248 -23.87 7.26 0.30
CA HIS B 248 -24.20 6.01 0.95
C HIS B 248 -23.09 4.97 0.89
N LEU B 249 -22.28 4.97 -0.16
CA LEU B 249 -21.31 3.86 -0.31
C LEU B 249 -19.92 4.18 0.24
N VAL B 250 -19.79 5.28 1.00
CA VAL B 250 -18.47 5.62 1.50
C VAL B 250 -18.05 4.48 2.44
N GLY B 251 -16.84 3.96 2.22
CA GLY B 251 -16.34 2.87 3.05
C GLY B 251 -16.63 1.49 2.53
N LEU B 252 -17.45 1.39 1.48
CA LEU B 252 -18.12 0.13 1.11
C LEU B 252 -17.59 -0.47 -0.19
N GLY B 253 -16.57 0.14 -0.78
CA GLY B 253 -16.02 -0.34 -2.04
C GLY B 253 -14.61 -0.90 -1.88
N ARG B 254 -13.67 -0.37 -2.61
CA ARG B 254 -12.28 -0.76 -2.44
C ARG B 254 -11.84 -0.54 -0.99
N TYR B 255 -12.40 0.47 -0.31
CA TYR B 255 -12.11 0.66 1.10
C TYR B 255 -12.42 -0.58 1.94
N LEU B 256 -13.58 -1.17 1.73
CA LEU B 256 -14.04 -2.33 2.47
C LEU B 256 -13.17 -3.55 2.17
N ILE B 257 -12.69 -3.64 0.92
CA ILE B 257 -11.72 -4.68 0.50
C ILE B 257 -10.35 -4.46 1.17
N LEU B 258 -9.83 -3.24 1.16
CA LEU B 258 -8.48 -3.00 1.70
C LEU B 258 -8.43 -3.01 3.24
N ASN B 259 -9.57 -2.84 3.91
CA ASN B 259 -9.61 -2.45 5.34
C ASN B 259 -10.65 -3.14 6.15
N GLY B 260 -11.66 -3.74 5.53
CA GLY B 260 -12.75 -4.37 6.24
C GLY B 260 -13.75 -3.35 6.76
N VAL B 261 -14.66 -3.83 7.58
CA VAL B 261 -15.83 -3.09 8.05
C VAL B 261 -15.42 -2.09 9.10
N VAL B 262 -15.68 -0.81 8.85
CA VAL B 262 -15.37 0.26 9.84
C VAL B 262 -16.63 0.96 10.29
N ASP B 263 -16.61 1.61 11.44
CA ASP B 263 -17.67 2.58 11.78
C ASP B 263 -17.58 3.71 10.71
N ARG B 264 -18.66 3.92 9.96
CA ARG B 264 -18.71 4.79 8.79
C ARG B 264 -18.73 6.30 9.19
N SER B 265 -19.46 6.66 10.26
CA SER B 265 -19.28 8.01 10.83
C SER B 265 -17.85 8.27 11.30
N LEU B 266 -17.15 7.25 11.84
CA LEU B 266 -15.76 7.47 12.23
C LEU B 266 -14.88 7.70 11.00
N LEU B 267 -15.19 6.98 9.94
CA LEU B 267 -14.46 7.12 8.70
C LEU B 267 -14.58 8.59 8.09
N MET B 268 -15.79 9.06 8.11
CA MET B 268 -16.08 10.43 7.73
C MET B 268 -15.35 11.44 8.61
N CYS B 269 -15.33 11.22 9.95
CA CYS B 269 -14.61 12.13 10.83
C CYS B 269 -13.16 12.16 10.48
N GLN B 270 -12.56 10.97 10.28
CA GLN B 270 -11.14 10.91 9.91
C GLN B 270 -10.83 11.67 8.68
N HIS B 271 -11.66 11.50 7.67
CA HIS B 271 -11.48 12.19 6.42
C HIS B 271 -11.67 13.73 6.56
N LEU B 272 -12.72 14.10 7.24
CA LEU B 272 -12.99 15.54 7.44
C LEU B 272 -11.84 16.20 8.17
N GLU B 273 -11.28 15.49 9.19
CA GLU B 273 -10.19 16.12 9.92
C GLU B 273 -9.03 16.40 9.00
N ARG B 274 -8.74 15.47 8.07
CA ARG B 274 -7.65 15.68 7.15
C ARG B 274 -7.87 16.86 6.25
N VAL B 275 -9.11 16.95 5.74
CA VAL B 275 -9.49 18.02 4.87
C VAL B 275 -9.38 19.38 5.58
N LEU B 276 -9.86 19.46 6.81
CA LEU B 276 -9.80 20.73 7.60
C LEU B 276 -8.37 21.17 7.89
N ASP B 277 -7.49 20.19 8.18
CA ASP B 277 -6.06 20.49 8.36
C ASP B 277 -5.40 21.02 7.15
N ILE B 278 -5.75 20.49 5.97
CA ILE B 278 -5.30 21.04 4.71
C ILE B 278 -5.82 22.45 4.51
N ALA B 279 -7.10 22.62 4.75
CA ALA B 279 -7.70 23.94 4.58
C ALA B 279 -7.02 24.96 5.54
N ASP B 280 -6.77 24.51 6.77
CA ASP B 280 -6.09 25.35 7.82
C ASP B 280 -4.76 25.83 7.36
N LYS B 281 -4.04 24.94 6.70
CA LYS B 281 -2.73 25.22 6.13
C LYS B 281 -2.77 26.36 5.15
N TYR B 282 -3.83 26.44 4.35
CA TYR B 282 -3.90 27.48 3.31
C TYR B 282 -4.76 28.68 3.73
N GLY B 283 -5.20 28.71 5.00
CA GLY B 283 -5.98 29.82 5.58
C GLY B 283 -7.51 29.81 5.41
N PHE B 284 -8.10 28.69 4.95
CA PHE B 284 -9.52 28.64 4.64
C PHE B 284 -10.41 28.33 5.83
N HIS B 285 -11.57 28.97 5.88
CA HIS B 285 -12.68 28.48 6.72
C HIS B 285 -13.64 27.70 5.83
N CYS B 286 -14.20 26.59 6.34
CA CYS B 286 -14.94 25.67 5.48
C CYS B 286 -16.39 25.65 5.89
N GLN B 287 -17.27 25.72 4.88
CA GLN B 287 -18.64 25.35 5.04
C GLN B 287 -18.84 23.96 4.44
N MET B 288 -19.83 23.25 4.86
CA MET B 288 -20.15 21.93 4.31
C MET B 288 -21.60 21.64 4.50
N TRP B 289 -22.17 20.71 3.70
CA TRP B 289 -23.58 20.29 3.91
C TRP B 289 -23.63 19.62 5.25
N SER B 290 -24.74 19.71 5.93
CA SER B 290 -24.80 19.31 7.31
C SER B 290 -25.00 17.82 7.57
N ASP B 291 -25.27 17.09 6.47
CA ASP B 291 -25.63 15.69 6.48
C ASP B 291 -24.87 14.78 7.46
N MET B 292 -23.55 14.86 7.45
CA MET B 292 -22.79 13.89 8.27
C MET B 292 -23.00 14.11 9.75
N PHE B 293 -23.55 15.26 10.14
CA PHE B 293 -23.80 15.49 11.54
C PHE B 293 -25.24 15.22 12.02
N PHE B 294 -26.12 14.74 11.15
CA PHE B 294 -27.52 14.38 11.58
C PHE B 294 -27.59 13.40 12.79
N LYS B 295 -26.64 12.48 12.85
CA LYS B 295 -26.51 11.50 13.93
C LYS B 295 -26.38 12.19 15.31
N LEU B 296 -25.74 13.36 15.37
CA LEU B 296 -25.73 14.10 16.62
C LEU B 296 -27.13 14.58 16.98
N PRO B 310 -22.21 5.75 19.21
CA PRO B 310 -20.92 5.30 19.87
C PRO B 310 -20.23 6.53 20.45
N GLU B 311 -19.92 6.56 21.74
CA GLU B 311 -19.67 7.85 22.40
C GLU B 311 -18.42 8.50 21.84
N GLU B 312 -17.36 7.72 21.56
CA GLU B 312 -16.08 8.31 21.15
C GLU B 312 -16.33 9.02 19.82
N THR B 313 -17.26 8.47 19.04
CA THR B 313 -17.53 9.01 17.65
C THR B 313 -18.38 10.25 17.75
N ARG B 314 -19.39 10.22 18.65
CA ARG B 314 -20.11 11.41 19.02
C ARG B 314 -19.14 12.51 19.42
N VAL B 315 -18.20 12.21 20.30
CA VAL B 315 -17.24 13.23 20.69
C VAL B 315 -16.43 13.73 19.50
N TYR B 316 -16.03 12.83 18.62
CA TYR B 316 -15.22 13.20 17.41
C TYR B 316 -16.05 14.13 16.47
N LEU B 317 -17.31 13.77 16.24
CA LEU B 317 -18.23 14.60 15.45
C LEU B 317 -18.34 15.96 16.06
N ASP B 318 -18.54 15.97 17.38
CA ASP B 318 -18.70 17.23 18.11
C ASP B 318 -17.52 18.16 18.05
N ARG B 319 -16.31 17.61 17.99
CA ARG B 319 -15.16 18.42 17.94
C ARG B 319 -15.06 19.00 16.52
N LEU B 320 -15.41 18.24 15.50
CA LEU B 320 -15.16 18.73 14.13
C LEU B 320 -16.18 19.77 13.74
N LYS B 321 -17.42 19.57 14.14
CA LYS B 321 -18.49 20.58 13.97
C LYS B 321 -18.08 21.97 14.44
N ASP B 322 -17.19 22.12 15.44
CA ASP B 322 -16.76 23.45 15.87
C ASP B 322 -15.77 24.14 14.91
N ARG B 323 -15.30 23.46 13.86
CA ARG B 323 -14.41 24.08 12.95
C ARG B 323 -15.07 24.42 11.60
N VAL B 324 -16.36 24.09 11.46
CA VAL B 324 -17.04 24.35 10.17
C VAL B 324 -18.33 25.08 10.33
N THR B 325 -18.75 25.74 9.23
CA THR B 325 -20.13 26.21 9.14
C THR B 325 -20.95 25.11 8.55
N LEU B 326 -22.03 24.68 9.19
CA LEU B 326 -22.86 23.65 8.64
C LEU B 326 -23.91 24.31 7.74
N VAL B 327 -24.17 23.69 6.59
CA VAL B 327 -25.23 24.17 5.69
C VAL B 327 -26.43 23.23 5.60
N TYR B 328 -27.58 23.68 6.07
CA TYR B 328 -28.80 22.86 6.03
C TYR B 328 -29.48 23.22 4.71
N TRP B 329 -29.52 22.24 3.80
CA TRP B 329 -30.11 22.43 2.45
C TRP B 329 -31.43 21.81 2.32
N ASP B 330 -32.34 22.55 1.70
CA ASP B 330 -33.68 22.08 1.53
C ASP B 330 -34.39 22.91 0.51
N TYR B 331 -34.77 22.25 -0.57
CA TYR B 331 -35.38 22.95 -1.76
C TYR B 331 -36.87 22.67 -1.87
N TYR B 332 -37.43 21.93 -0.92
CA TYR B 332 -38.74 21.24 -1.19
C TYR B 332 -39.96 21.59 -0.34
N GLN B 333 -39.79 21.98 0.89
CA GLN B 333 -40.89 22.04 1.86
C GLN B 333 -41.81 23.23 1.68
N ASP B 334 -43.11 22.94 1.84
CA ASP B 334 -44.13 23.92 1.58
C ASP B 334 -44.66 24.66 2.82
N SER B 335 -44.04 24.49 3.99
CA SER B 335 -44.50 25.23 5.16
C SER B 335 -43.37 25.57 6.06
N GLU B 336 -43.54 26.70 6.73
CA GLU B 336 -42.50 27.24 7.59
C GLU B 336 -42.13 26.19 8.63
N GLU B 337 -43.16 25.50 9.10
CA GLU B 337 -42.93 24.64 10.29
C GLU B 337 -42.01 23.47 9.96
N LYS B 338 -42.06 23.02 8.72
CA LYS B 338 -41.19 21.93 8.29
C LYS B 338 -39.75 22.34 8.29
N TYR B 339 -39.46 23.57 7.88
CA TYR B 339 -38.12 24.07 8.03
C TYR B 339 -37.79 24.29 9.54
N ASN B 340 -38.75 24.82 10.29
CA ASN B 340 -38.47 25.21 11.70
C ASN B 340 -38.02 24.00 12.50
N ARG B 341 -38.66 22.86 12.28
CA ARG B 341 -38.24 21.59 12.97
C ARG B 341 -36.75 21.30 12.70
N ASN B 342 -36.36 21.36 11.41
CA ASN B 342 -34.94 21.16 11.10
C ASN B 342 -34.01 22.20 11.64
N PHE B 343 -34.44 23.47 11.69
CA PHE B 343 -33.61 24.47 12.27
C PHE B 343 -33.44 24.21 13.75
N ARG B 344 -34.53 23.91 14.41
CA ARG B 344 -34.50 23.68 15.87
C ARG B 344 -33.56 22.48 16.17
N ASN B 345 -33.66 21.35 15.42
CA ASN B 345 -32.79 20.19 15.56
C ASN B 345 -31.32 20.57 15.30
N HIS B 346 -31.08 21.44 14.30
CA HIS B 346 -29.70 21.77 13.98
C HIS B 346 -29.11 22.65 15.08
N HIS B 347 -29.94 23.54 15.60
CA HIS B 347 -29.44 24.47 16.61
C HIS B 347 -29.14 23.71 17.95
N LYS B 348 -29.70 22.52 18.14
CA LYS B 348 -29.36 21.71 19.32
C LYS B 348 -27.86 21.30 19.24
N ILE B 349 -27.24 21.34 18.04
CA ILE B 349 -25.81 21.04 17.88
C ILE B 349 -24.83 22.13 17.42
N SER B 350 -25.30 23.12 16.68
CA SER B 350 -24.40 24.17 16.25
C SER B 350 -25.19 25.43 16.00
N HIS B 351 -24.57 26.56 16.31
CA HIS B 351 -25.11 27.83 15.92
C HIS B 351 -24.45 28.31 14.64
N ASP B 352 -23.43 27.62 14.14
CA ASP B 352 -22.64 28.14 13.04
C ASP B 352 -23.29 27.44 11.81
N LEU B 353 -24.45 28.00 11.44
CA LEU B 353 -25.35 27.49 10.49
C LEU B 353 -25.64 28.46 9.35
N ALA B 354 -25.83 27.87 8.18
CA ALA B 354 -26.39 28.57 6.98
C ALA B 354 -27.56 27.75 6.46
N PHE B 355 -28.43 28.40 5.66
CA PHE B 355 -29.51 27.69 5.03
C PHE B 355 -29.28 27.77 3.51
N ALA B 356 -29.48 26.67 2.80
CA ALA B 356 -29.38 26.61 1.28
C ALA B 356 -30.76 26.29 0.83
N GLY B 357 -31.35 27.25 0.09
CA GLY B 357 -32.60 27.09 -0.61
C GLY B 357 -32.33 26.90 -2.15
N GLY B 358 -33.38 26.85 -2.94
CA GLY B 358 -33.23 26.49 -4.35
C GLY B 358 -33.94 27.39 -5.32
N ALA B 359 -33.20 27.72 -6.38
CA ALA B 359 -33.78 28.41 -7.58
C ALA B 359 -33.91 27.27 -8.61
N TRP B 360 -35.11 26.75 -8.83
CA TRP B 360 -35.29 25.48 -9.50
C TRP B 360 -34.98 25.55 -10.98
N LYS B 361 -33.78 25.13 -11.35
CA LYS B 361 -33.35 25.13 -12.76
C LYS B 361 -32.64 23.83 -13.16
N TRP B 362 -32.95 22.75 -12.48
CA TRP B 362 -32.29 21.48 -12.65
C TRP B 362 -33.19 20.37 -13.21
N ILE B 363 -34.31 20.71 -13.82
CA ILE B 363 -35.31 19.77 -14.26
C ILE B 363 -35.55 19.77 -15.77
N GLY B 364 -34.49 20.05 -16.52
CA GLY B 364 -34.44 19.79 -17.95
C GLY B 364 -34.07 21.08 -18.67
N PHE B 365 -35.00 21.58 -19.48
CA PHE B 365 -34.83 22.80 -20.27
C PHE B 365 -35.49 24.01 -19.67
N THR B 366 -36.41 23.81 -18.71
CA THR B 366 -37.30 24.85 -18.28
C THR B 366 -37.27 24.92 -16.77
N PRO B 367 -37.14 26.12 -16.19
CA PRO B 367 -37.05 26.26 -14.73
C PRO B 367 -38.41 26.21 -14.09
N HIS B 368 -38.43 26.34 -12.76
CA HIS B 368 -39.69 26.45 -12.04
C HIS B 368 -39.56 27.56 -11.02
N ASN B 369 -39.58 28.79 -11.53
CA ASN B 369 -39.61 29.96 -10.70
C ASN B 369 -40.82 30.00 -9.77
N HIS B 370 -41.93 29.51 -10.30
CA HIS B 370 -43.18 29.51 -9.54
C HIS B 370 -43.05 28.66 -8.23
N PHE B 371 -42.42 27.51 -8.37
CA PHE B 371 -42.27 26.62 -7.21
C PHE B 371 -41.29 27.26 -6.28
N SER B 372 -40.22 27.81 -6.85
CA SER B 372 -39.19 28.44 -6.05
C SER B 372 -39.78 29.57 -5.19
N ARG B 373 -40.69 30.33 -5.76
CA ARG B 373 -41.33 31.41 -5.00
C ARG B 373 -42.05 30.82 -3.78
N LEU B 374 -42.85 29.79 -4.05
CA LEU B 374 -43.69 29.15 -3.06
C LEU B 374 -42.85 28.70 -1.87
N VAL B 375 -41.76 27.95 -2.13
CA VAL B 375 -40.90 27.56 -1.01
C VAL B 375 -40.05 28.67 -0.38
N ALA B 376 -39.62 29.69 -1.14
CA ALA B 376 -38.85 30.78 -0.56
C ALA B 376 -39.64 31.56 0.51
N ILE B 377 -40.93 31.66 0.28
CA ILE B 377 -41.84 32.43 1.14
C ILE B 377 -41.82 31.74 2.51
N GLU B 378 -41.95 30.42 2.50
CA GLU B 378 -41.99 29.66 3.76
C GLU B 378 -40.62 29.53 4.39
N ALA B 379 -39.62 29.29 3.57
CA ALA B 379 -38.21 29.18 4.06
C ALA B 379 -37.73 30.45 4.76
N ASN B 380 -38.04 31.61 4.19
CA ASN B 380 -37.67 32.89 4.74
C ASN B 380 -38.30 33.09 6.11
N LYS B 381 -39.55 32.74 6.23
CA LYS B 381 -40.15 32.85 7.54
C LYS B 381 -39.36 32.04 8.57
N ALA B 382 -39.03 30.81 8.22
CA ALA B 382 -38.32 29.95 9.18
C ALA B 382 -36.94 30.45 9.43
N CYS B 383 -36.22 30.88 8.38
CA CYS B 383 -34.87 31.45 8.56
C CYS B 383 -34.92 32.59 9.58
N ARG B 384 -35.92 33.43 9.45
CA ARG B 384 -36.02 34.62 10.31
C ARG B 384 -36.35 34.20 11.75
N ALA B 385 -37.34 33.35 11.90
CA ALA B 385 -37.72 32.82 13.20
C ALA B 385 -36.57 32.19 13.93
N ASN B 386 -35.61 31.56 13.21
CA ASN B 386 -34.45 30.93 13.84
C ASN B 386 -33.18 31.73 13.84
N GLN B 387 -33.29 33.02 13.49
CA GLN B 387 -32.14 33.93 13.45
C GLN B 387 -30.99 33.43 12.63
N ILE B 388 -31.32 32.79 11.51
CA ILE B 388 -30.30 32.31 10.59
C ILE B 388 -29.59 33.46 9.91
N LYS B 389 -28.26 33.43 9.85
CA LYS B 389 -27.50 34.58 9.38
C LYS B 389 -27.15 34.60 7.90
N GLU B 390 -27.12 33.41 7.30
CA GLU B 390 -26.68 33.30 5.91
C GLU B 390 -27.64 32.40 5.12
N VAL B 391 -28.01 32.88 3.90
CA VAL B 391 -28.83 32.11 2.98
C VAL B 391 -28.08 32.00 1.65
N ILE B 392 -27.99 30.78 1.15
CA ILE B 392 -27.40 30.48 -0.12
C ILE B 392 -28.49 29.97 -1.03
N VAL B 393 -28.66 30.58 -2.20
CA VAL B 393 -29.68 30.12 -3.08
C VAL B 393 -28.94 29.24 -4.13
N THR B 394 -29.33 28.00 -4.30
CA THR B 394 -28.60 27.11 -5.17
C THR B 394 -29.24 27.01 -6.54
N GLY B 395 -28.37 26.93 -7.55
CA GLY B 395 -28.79 26.89 -8.97
C GLY B 395 -28.30 25.63 -9.68
N TRP B 396 -28.68 24.46 -9.18
CA TRP B 396 -28.22 23.18 -9.69
C TRP B 396 -28.69 22.96 -11.13
N GLY B 397 -27.95 22.09 -11.80
CA GLY B 397 -28.12 21.81 -13.23
C GLY B 397 -28.25 20.36 -13.62
N ASP B 398 -28.75 19.50 -12.67
CA ASP B 398 -28.79 18.04 -12.84
C ASP B 398 -28.87 17.50 -14.28
N ASN B 399 -27.98 16.54 -14.59
CA ASN B 399 -28.14 15.66 -15.72
C ASN B 399 -28.01 16.41 -17.05
N GLY B 400 -27.04 17.32 -17.12
CA GLY B 400 -26.64 17.89 -18.39
C GLY B 400 -26.75 19.39 -18.48
N GLY B 401 -27.25 20.05 -17.47
CA GLY B 401 -27.21 21.53 -17.49
C GLY B 401 -28.04 22.18 -18.60
N GLU B 402 -29.18 21.58 -18.98
CA GLU B 402 -30.00 22.04 -20.14
C GLU B 402 -30.89 23.25 -19.88
N THR B 403 -30.96 23.73 -18.67
CA THR B 403 -31.73 24.92 -18.40
C THR B 403 -30.89 26.14 -18.43
N ALA B 404 -31.40 27.19 -19.04
CA ALA B 404 -30.64 28.45 -19.13
C ALA B 404 -30.15 29.03 -17.78
N GLN B 405 -28.94 29.56 -17.77
CA GLN B 405 -28.36 30.08 -16.57
C GLN B 405 -29.08 31.30 -16.09
N PHE B 406 -29.64 32.09 -16.99
CA PHE B 406 -30.38 33.31 -16.59
C PHE B 406 -31.92 33.09 -16.46
N SER B 407 -32.35 31.86 -16.52
CA SER B 407 -33.78 31.51 -16.45
C SER B 407 -34.44 31.81 -15.08
N ILE B 408 -33.61 31.90 -14.04
CA ILE B 408 -34.07 31.93 -12.67
C ILE B 408 -33.92 33.31 -12.03
N LEU B 409 -33.72 34.34 -12.82
CA LEU B 409 -33.60 35.68 -12.26
C LEU B 409 -34.79 36.02 -11.35
N PRO B 410 -36.03 35.60 -11.72
CA PRO B 410 -37.08 35.95 -10.78
C PRO B 410 -36.97 35.38 -9.34
N SER B 411 -36.55 34.12 -9.27
CA SER B 411 -36.26 33.50 -8.00
C SER B 411 -35.17 34.23 -7.24
N LEU B 412 -34.18 34.74 -7.94
CA LEU B 412 -33.15 35.45 -7.23
C LEU B 412 -33.70 36.74 -6.66
N GLN B 413 -34.48 37.46 -7.46
CA GLN B 413 -35.05 38.73 -6.90
C GLN B 413 -35.98 38.47 -5.71
N ILE B 414 -36.72 37.37 -5.82
CA ILE B 414 -37.65 36.89 -4.77
C ILE B 414 -36.86 36.72 -3.43
N TRP B 415 -35.69 36.08 -3.44
CA TRP B 415 -34.96 35.94 -2.19
C TRP B 415 -34.43 37.28 -1.70
N ALA B 416 -34.01 38.15 -2.61
CA ALA B 416 -33.46 39.47 -2.26
C ALA B 416 -34.56 40.30 -1.61
N GLU B 417 -35.75 40.28 -2.18
CA GLU B 417 -36.84 41.02 -1.58
C GLU B 417 -37.19 40.47 -0.19
N LEU B 418 -37.25 39.16 -0.05
CA LEU B 418 -37.57 38.60 1.24
C LEU B 418 -36.53 38.95 2.29
N SER B 419 -35.26 38.97 1.94
CA SER B 419 -34.26 39.34 2.89
C SER B 419 -34.39 40.80 3.30
N TYR B 420 -34.51 41.67 2.30
CA TYR B 420 -34.37 43.12 2.54
C TYR B 420 -35.67 43.79 3.01
N ARG B 421 -36.77 43.21 2.63
CA ARG B 421 -38.11 43.79 2.89
C ARG B 421 -39.05 42.91 3.66
N ASN B 422 -38.79 41.59 3.70
CA ASN B 422 -39.71 40.59 4.22
C ASN B 422 -41.04 40.58 3.53
N ASP B 423 -41.15 41.03 2.27
CA ASP B 423 -42.43 40.83 1.57
C ASP B 423 -42.10 41.05 0.10
N LEU B 424 -43.06 40.78 -0.75
CA LEU B 424 -42.90 40.82 -2.20
C LEU B 424 -43.61 41.99 -2.85
N ASP B 425 -44.02 42.98 -2.04
CA ASP B 425 -44.73 44.17 -2.56
C ASP B 425 -43.97 44.92 -3.63
N GLY B 426 -42.65 45.00 -3.53
CA GLY B 426 -41.81 45.64 -4.54
C GLY B 426 -41.18 44.75 -5.64
N LEU B 427 -41.42 43.46 -5.58
CA LEU B 427 -40.79 42.46 -6.47
C LEU B 427 -40.92 42.87 -7.88
N SER B 428 -42.15 43.05 -8.35
CA SER B 428 -42.23 43.28 -9.82
C SER B 428 -41.53 44.54 -10.31
N ALA B 429 -41.72 45.65 -9.61
CA ALA B 429 -41.12 46.88 -10.00
C ALA B 429 -39.59 46.86 -9.94
N HIS B 430 -39.03 46.28 -8.89
CA HIS B 430 -37.60 46.20 -8.76
C HIS B 430 -37.04 45.33 -9.86
N PHE B 431 -37.74 44.24 -10.13
CA PHE B 431 -37.29 43.29 -11.14
C PHE B 431 -37.29 43.98 -12.49
N LYS B 432 -38.36 44.72 -12.78
CA LYS B 432 -38.43 45.43 -14.06
C LYS B 432 -37.37 46.50 -14.17
N THR B 433 -37.09 47.24 -13.09
CA THR B 433 -35.95 48.14 -13.12
C THR B 433 -34.66 47.43 -13.49
N ASN B 434 -34.46 46.25 -12.93
CA ASN B 434 -33.18 45.56 -13.11
C ASN B 434 -33.04 44.83 -14.43
N THR B 435 -34.17 44.44 -15.03
CA THR B 435 -34.18 43.55 -16.21
C THR B 435 -34.88 44.04 -17.46
N GLY B 436 -35.78 45.00 -17.32
CA GLY B 436 -36.62 45.49 -18.43
C GLY B 436 -37.96 44.76 -18.53
N LEU B 437 -38.13 43.63 -17.83
CA LEU B 437 -39.35 42.82 -17.80
C LEU B 437 -40.08 42.86 -16.47
N THR B 438 -41.40 42.84 -16.48
CA THR B 438 -42.11 42.64 -15.22
C THR B 438 -41.72 41.22 -14.74
N VAL B 439 -41.76 40.98 -13.43
CA VAL B 439 -41.60 39.62 -12.93
C VAL B 439 -42.63 38.62 -13.45
N GLU B 440 -43.89 39.05 -13.66
CA GLU B 440 -44.88 38.20 -14.18
C GLU B 440 -44.55 37.76 -15.58
N ASP B 441 -44.07 38.66 -16.41
CA ASP B 441 -43.75 38.30 -17.77
C ASP B 441 -42.56 37.34 -17.79
N PHE B 442 -41.54 37.66 -16.99
CA PHE B 442 -40.35 36.81 -16.94
C PHE B 442 -40.72 35.40 -16.50
N MET B 443 -41.63 35.27 -15.55
CA MET B 443 -42.00 33.98 -14.96
C MET B 443 -42.77 33.12 -15.92
N GLN B 444 -43.23 33.65 -17.06
CA GLN B 444 -43.84 32.79 -18.05
C GLN B 444 -42.82 31.83 -18.68
N ILE B 445 -41.53 32.12 -18.47
CA ILE B 445 -40.42 31.20 -18.81
C ILE B 445 -40.67 29.81 -18.31
N ASP B 446 -41.45 29.66 -17.22
CA ASP B 446 -41.73 28.37 -16.60
C ASP B 446 -42.75 27.49 -17.35
N LEU B 447 -43.40 28.07 -18.37
CA LEU B 447 -44.67 27.57 -18.87
C LEU B 447 -44.75 26.07 -19.28
N ALA B 448 -43.68 25.52 -19.87
CA ALA B 448 -43.65 24.14 -20.29
C ALA B 448 -43.73 23.16 -19.15
N ASN B 449 -43.58 23.64 -17.91
CA ASN B 449 -43.83 22.83 -16.70
C ASN B 449 -45.22 23.05 -16.04
N LEU B 450 -45.90 24.13 -16.40
CA LEU B 450 -47.06 24.64 -15.64
C LEU B 450 -48.36 24.02 -16.16
N LEU B 451 -48.41 22.70 -16.24
CA LEU B 451 -49.63 22.05 -16.72
C LEU B 451 -50.79 22.47 -15.77
N PRO B 452 -51.98 22.70 -16.35
CA PRO B 452 -53.06 23.27 -15.52
C PRO B 452 -53.62 22.48 -14.35
N ASP B 453 -53.52 21.16 -14.36
CA ASP B 453 -54.08 20.36 -13.24
C ASP B 453 -53.09 20.01 -12.18
N LEU B 454 -51.90 20.61 -12.21
CA LEU B 454 -50.97 20.39 -11.13
C LEU B 454 -51.25 21.25 -9.92
N PRO B 455 -51.07 20.71 -8.74
CA PRO B 455 -51.09 21.63 -7.64
C PRO B 455 -49.74 22.36 -7.55
N GLY B 456 -49.72 23.61 -7.14
CA GLY B 456 -48.43 24.31 -7.18
C GLY B 456 -47.37 23.92 -6.19
N ASN B 457 -47.64 23.01 -5.27
CA ASN B 457 -46.76 22.76 -4.17
C ASN B 457 -46.05 21.44 -4.29
N LEU B 458 -46.02 20.86 -5.49
CA LEU B 458 -45.27 19.65 -5.77
C LEU B 458 -44.10 19.95 -6.76
N SER B 459 -42.95 19.44 -6.38
CA SER B 459 -41.69 19.71 -7.04
C SER B 459 -41.34 18.63 -8.03
N GLY B 460 -40.52 19.03 -9.01
CA GLY B 460 -39.89 18.08 -9.92
C GLY B 460 -40.72 17.64 -11.09
N ILE B 461 -41.92 18.21 -11.20
CA ILE B 461 -42.80 17.76 -12.23
C ILE B 461 -42.45 18.44 -13.58
N ASN B 462 -41.86 17.66 -14.50
CA ASN B 462 -41.03 18.25 -15.54
C ASN B 462 -41.32 17.80 -16.94
N PRO B 463 -42.56 17.94 -17.38
CA PRO B 463 -42.92 17.55 -18.74
C PRO B 463 -42.17 18.30 -19.83
N ASN B 464 -41.65 19.51 -19.54
CA ASN B 464 -40.77 20.17 -20.51
C ASN B 464 -39.79 19.13 -21.11
N ARG B 465 -39.27 18.26 -20.22
CA ARG B 465 -38.15 17.48 -20.56
C ARG B 465 -38.52 16.14 -21.10
N TYR B 466 -39.41 15.42 -20.37
CA TYR B 466 -39.76 14.05 -20.75
C TYR B 466 -40.66 14.01 -21.98
N VAL B 467 -41.50 15.02 -22.20
CA VAL B 467 -42.25 15.11 -23.45
C VAL B 467 -41.32 15.28 -24.63
N PHE B 468 -40.26 16.09 -24.45
CA PHE B 468 -39.26 16.35 -25.51
C PHE B 468 -38.44 15.09 -25.86
N TYR B 469 -37.83 14.43 -24.87
CA TYR B 469 -36.93 13.30 -25.13
C TYR B 469 -37.53 11.95 -25.31
N GLN B 470 -38.85 11.80 -25.02
CA GLN B 470 -39.50 10.55 -25.22
C GLN B 470 -39.42 10.02 -26.64
N ASP B 471 -39.34 8.71 -26.79
CA ASP B 471 -39.39 8.06 -28.08
C ASP B 471 -40.73 8.23 -28.77
N ILE B 472 -40.77 7.99 -30.08
CA ILE B 472 -42.02 8.02 -30.85
C ILE B 472 -42.67 6.63 -30.89
N LEU B 473 -41.97 5.62 -31.40
CA LEU B 473 -42.49 4.28 -31.44
C LEU B 473 -42.71 3.61 -30.11
N CYS B 474 -41.85 3.92 -29.15
CA CYS B 474 -41.95 3.33 -27.84
C CYS B 474 -42.12 4.41 -26.74
N PRO B 475 -43.30 5.06 -26.69
CA PRO B 475 -43.50 6.25 -25.82
C PRO B 475 -43.74 5.83 -24.39
N ILE B 476 -42.68 5.58 -23.65
CA ILE B 476 -42.80 4.97 -22.31
C ILE B 476 -43.32 5.92 -21.29
N LEU B 477 -43.52 7.19 -21.60
CA LEU B 477 -44.17 8.11 -20.65
C LEU B 477 -45.62 8.43 -21.05
N ASP B 478 -46.18 7.66 -21.97
CA ASP B 478 -47.42 8.13 -22.62
C ASP B 478 -48.58 8.16 -21.63
N GLN B 479 -48.52 7.33 -20.60
CA GLN B 479 -49.57 7.34 -19.61
C GLN B 479 -49.57 8.63 -18.79
N HIS B 480 -48.50 9.44 -18.90
CA HIS B 480 -48.43 10.66 -18.13
C HIS B 480 -48.93 11.90 -18.86
N MET B 481 -49.39 11.71 -20.07
CA MET B 481 -49.80 12.80 -20.90
C MET B 481 -51.33 12.87 -20.86
N THR B 482 -51.81 14.11 -21.06
CA THR B 482 -53.26 14.42 -21.02
C THR B 482 -53.56 15.35 -22.14
N PRO B 483 -53.60 14.83 -23.38
CA PRO B 483 -53.52 15.73 -24.53
C PRO B 483 -54.61 16.82 -24.60
N GLU B 484 -55.81 16.51 -24.15
CA GLU B 484 -56.92 17.48 -24.20
C GLU B 484 -56.56 18.74 -23.45
N GLN B 485 -55.82 18.58 -22.37
CA GLN B 485 -55.34 19.67 -21.59
C GLN B 485 -53.97 20.18 -22.04
N ASP B 486 -53.07 19.26 -22.32
CA ASP B 486 -51.63 19.63 -22.53
C ASP B 486 -51.34 20.30 -23.88
N LYS B 487 -51.99 19.79 -24.93
CA LYS B 487 -51.78 20.33 -26.23
C LYS B 487 -52.11 21.82 -26.31
N PRO B 488 -53.33 22.28 -25.90
CA PRO B 488 -53.52 23.73 -25.93
C PRO B 488 -52.69 24.51 -24.94
N HIS B 489 -52.31 23.88 -23.83
CA HIS B 489 -51.47 24.55 -22.89
C HIS B 489 -50.14 24.93 -23.57
N PHE B 490 -49.54 23.96 -24.22
CA PHE B 490 -48.19 24.16 -24.87
C PHE B 490 -48.36 25.13 -26.05
N ALA B 491 -49.46 24.93 -26.80
CA ALA B 491 -49.69 25.78 -27.97
C ALA B 491 -49.86 27.28 -27.53
N GLN B 492 -50.65 27.52 -26.48
CA GLN B 492 -50.86 28.92 -25.98
C GLN B 492 -49.55 29.48 -25.39
N ALA B 493 -48.79 28.62 -24.70
CA ALA B 493 -47.49 29.01 -24.15
C ALA B 493 -46.57 29.49 -25.26
N ALA B 494 -46.55 28.84 -26.41
CA ALA B 494 -45.70 29.26 -27.51
C ALA B 494 -46.02 30.67 -27.95
N GLU B 495 -47.31 30.97 -28.02
CA GLU B 495 -47.70 32.33 -28.43
C GLU B 495 -47.35 33.37 -27.36
N THR B 496 -47.65 33.06 -26.10
CA THR B 496 -47.39 33.93 -24.96
C THR B 496 -45.92 34.27 -24.96
N LEU B 497 -45.12 33.23 -25.11
CA LEU B 497 -43.67 33.43 -25.04
C LEU B 497 -43.12 34.19 -26.19
N ALA B 498 -43.66 33.98 -27.38
CA ALA B 498 -43.27 34.79 -28.50
C ALA B 498 -43.53 36.29 -28.28
N ASN B 499 -44.67 36.62 -27.68
CA ASN B 499 -45.00 38.03 -27.36
C ASN B 499 -44.04 38.60 -26.33
N ILE B 500 -43.68 37.81 -25.32
CA ILE B 500 -42.79 38.30 -24.29
C ILE B 500 -41.40 38.49 -24.91
N LYS B 501 -40.99 37.57 -25.80
CA LYS B 501 -39.68 37.70 -26.42
C LYS B 501 -39.49 39.08 -27.09
N GLU B 502 -40.55 39.56 -27.74
CA GLU B 502 -40.48 40.85 -28.43
C GLU B 502 -40.19 41.99 -27.52
N LYS B 503 -40.50 41.85 -26.25
CA LYS B 503 -40.21 42.94 -25.27
C LYS B 503 -39.15 42.61 -24.21
N ALA B 504 -38.38 41.55 -24.46
CA ALA B 504 -37.37 41.08 -23.47
C ALA B 504 -36.04 41.59 -23.61
N GLY B 505 -35.79 42.45 -24.63
CA GLY B 505 -34.45 42.95 -24.79
C GLY B 505 -33.32 41.94 -24.87
N ASN B 506 -32.30 42.15 -24.08
CA ASN B 506 -31.16 41.24 -24.06
C ASN B 506 -31.46 39.88 -23.43
N TYR B 507 -32.69 39.65 -22.94
CA TYR B 507 -33.08 38.33 -22.42
C TYR B 507 -34.00 37.59 -23.43
N ALA B 508 -34.20 38.17 -24.65
CA ALA B 508 -35.15 37.61 -25.55
C ALA B 508 -34.81 36.13 -25.88
N TYR B 509 -33.53 35.85 -25.95
CA TYR B 509 -33.09 34.50 -26.27
C TYR B 509 -33.68 33.41 -25.40
N LEU B 510 -33.87 33.70 -24.10
CA LEU B 510 -34.47 32.76 -23.16
C LEU B 510 -35.87 32.43 -23.58
N PHE B 511 -36.61 33.45 -24.05
CA PHE B 511 -38.02 33.23 -24.34
C PHE B 511 -38.20 32.60 -25.73
N GLU B 512 -37.32 32.98 -26.65
CA GLU B 512 -37.33 32.39 -28.00
C GLU B 512 -37.11 30.88 -27.92
N THR B 513 -36.18 30.43 -27.04
CA THR B 513 -35.94 29.01 -26.83
C THR B 513 -37.19 28.35 -26.32
N GLN B 514 -37.75 28.96 -25.29
CA GLN B 514 -38.91 28.34 -24.66
C GLN B 514 -40.12 28.33 -25.57
N ALA B 515 -40.28 29.37 -26.35
CA ALA B 515 -41.42 29.36 -27.26
C ALA B 515 -41.35 28.20 -28.24
N GLN B 516 -40.18 27.96 -28.85
CA GLN B 516 -40.04 26.84 -29.74
C GLN B 516 -40.21 25.50 -29.07
N LEU B 517 -39.73 25.33 -27.83
CA LEU B 517 -39.97 24.14 -27.13
C LEU B 517 -41.44 23.87 -26.96
N ASN B 518 -42.15 24.86 -26.48
CA ASN B 518 -43.59 24.67 -26.25
C ASN B 518 -44.32 24.31 -27.57
N ALA B 519 -43.93 24.94 -28.67
CA ALA B 519 -44.50 24.62 -30.01
C ALA B 519 -44.32 23.16 -30.34
N ILE B 520 -43.14 22.62 -30.06
CA ILE B 520 -42.88 21.24 -30.27
C ILE B 520 -43.75 20.34 -29.41
N LEU B 521 -43.82 20.64 -28.08
CA LEU B 521 -44.40 19.77 -27.14
C LEU B 521 -45.93 19.69 -27.43
N SER B 522 -46.46 20.75 -28.04
CA SER B 522 -47.90 20.77 -28.36
C SER B 522 -48.35 19.67 -29.29
N SER B 523 -47.51 19.30 -30.26
CA SER B 523 -47.83 18.14 -31.14
C SER B 523 -47.21 16.84 -30.63
N LYS B 524 -46.00 16.93 -30.07
CA LYS B 524 -45.32 15.74 -29.69
C LYS B 524 -45.91 15.06 -28.49
N VAL B 525 -46.66 15.79 -27.66
CA VAL B 525 -47.18 15.23 -26.46
C VAL B 525 -48.07 14.04 -26.72
N ASP B 526 -48.70 14.01 -27.91
CA ASP B 526 -49.45 12.83 -28.25
C ASP B 526 -49.22 12.22 -29.62
N VAL B 527 -48.18 12.56 -30.34
CA VAL B 527 -47.98 11.90 -31.61
C VAL B 527 -47.86 10.35 -31.47
N GLY B 528 -47.16 9.88 -30.44
CA GLY B 528 -46.98 8.45 -30.18
C GLY B 528 -48.31 7.74 -29.96
N ARG B 529 -49.19 8.46 -29.25
CA ARG B 529 -50.53 7.90 -28.94
C ARG B 529 -51.38 7.90 -30.21
N ARG B 530 -51.26 8.94 -31.02
CA ARG B 530 -52.02 9.01 -32.26
C ARG B 530 -51.57 8.00 -33.30
N ILE B 531 -50.26 7.70 -33.35
CA ILE B 531 -49.79 6.57 -34.18
C ILE B 531 -50.41 5.26 -33.77
N ARG B 532 -50.40 4.99 -32.49
CA ARG B 532 -50.95 3.76 -32.00
C ARG B 532 -52.49 3.68 -32.31
N GLN B 533 -53.18 4.81 -32.18
CA GLN B 533 -54.67 4.83 -32.47
C GLN B 533 -54.92 4.49 -33.93
N ALA B 534 -54.17 5.13 -34.81
CA ALA B 534 -54.32 4.93 -36.23
C ALA B 534 -53.98 3.49 -36.57
N TYR B 535 -52.82 3.02 -36.11
CA TYR B 535 -52.45 1.61 -36.32
C TYR B 535 -53.54 0.61 -35.83
N GLN B 536 -54.04 0.77 -34.63
CA GLN B 536 -55.08 -0.15 -34.11
C GLN B 536 -56.37 -0.13 -34.92
N ALA B 537 -56.70 1.00 -35.54
CA ALA B 537 -57.96 1.18 -36.29
C ALA B 537 -57.68 0.92 -37.75
N ASP B 538 -56.45 0.48 -38.04
CA ASP B 538 -56.05 0.32 -39.38
C ASP B 538 -56.33 1.59 -40.22
N ASP B 539 -56.13 2.78 -39.64
CA ASP B 539 -56.25 4.05 -40.39
C ASP B 539 -54.93 4.39 -41.09
N LYS B 540 -54.72 3.74 -42.23
CA LYS B 540 -53.49 3.90 -43.00
C LYS B 540 -53.28 5.28 -43.61
N GLU B 541 -54.34 6.04 -43.89
CA GLU B 541 -54.17 7.41 -44.40
C GLU B 541 -53.55 8.29 -43.30
N SER B 542 -53.98 8.10 -42.09
CA SER B 542 -53.48 8.92 -40.97
C SER B 542 -52.03 8.50 -40.65
N LEU B 543 -51.74 7.22 -40.74
CA LEU B 543 -50.40 6.72 -40.54
C LEU B 543 -49.54 7.32 -41.57
N GLN B 544 -50.01 7.37 -42.80
CA GLN B 544 -49.26 7.99 -43.83
C GLN B 544 -49.08 9.47 -43.59
N GLN B 545 -50.11 10.20 -43.16
CA GLN B 545 -49.95 11.67 -42.93
C GLN B 545 -48.88 11.93 -41.82
N ILE B 546 -48.86 11.05 -40.84
CA ILE B 546 -47.89 11.20 -39.69
C ILE B 546 -46.46 10.98 -40.15
N ALA B 547 -46.20 9.91 -40.92
CA ALA B 547 -44.87 9.55 -41.35
C ALA B 547 -44.29 10.47 -42.39
N ARG B 548 -45.15 11.00 -43.26
CA ARG B 548 -44.69 11.83 -44.37
C ARG B 548 -44.81 13.31 -44.21
N GLN B 549 -45.71 13.77 -43.38
CA GLN B 549 -45.87 15.22 -43.11
C GLN B 549 -45.46 15.56 -41.67
N GLU B 550 -46.18 15.01 -40.72
CA GLU B 550 -46.03 15.47 -39.32
C GLU B 550 -44.58 15.21 -38.79
N LEU B 551 -44.10 13.99 -38.99
CA LEU B 551 -42.80 13.65 -38.35
C LEU B 551 -41.63 14.37 -38.96
N PRO B 552 -41.53 14.47 -40.30
CA PRO B 552 -40.49 15.30 -40.87
C PRO B 552 -40.57 16.75 -40.40
N GLU B 553 -41.75 17.25 -40.20
CA GLU B 553 -41.89 18.65 -39.73
C GLU B 553 -41.43 18.72 -38.27
N LEU B 554 -41.73 17.69 -37.53
CA LEU B 554 -41.31 17.65 -36.06
C LEU B 554 -39.81 17.70 -36.04
N ARG B 555 -39.16 16.92 -36.89
CA ARG B 555 -37.68 16.98 -37.03
C ARG B 555 -37.19 18.38 -37.35
N SER B 556 -37.83 19.03 -38.31
CA SER B 556 -37.41 20.34 -38.67
C SER B 556 -37.59 21.32 -37.46
N GLN B 557 -38.70 21.21 -36.74
CA GLN B 557 -38.88 22.02 -35.53
C GLN B 557 -37.78 21.75 -34.44
N ILE B 558 -37.45 20.49 -34.27
CA ILE B 558 -36.40 20.11 -33.26
C ILE B 558 -35.07 20.61 -33.71
N GLU B 559 -34.81 20.54 -35.02
CA GLU B 559 -33.58 21.16 -35.49
C GLU B 559 -33.48 22.68 -35.21
N ASP B 560 -34.57 23.37 -35.42
CA ASP B 560 -34.65 24.78 -35.08
C ASP B 560 -34.49 25.03 -33.57
N PHE B 561 -35.08 24.15 -32.75
CA PHE B 561 -34.89 24.19 -31.26
C PHE B 561 -33.45 23.97 -30.90
N HIS B 562 -32.77 22.99 -31.53
CA HIS B 562 -31.37 22.74 -31.29
C HIS B 562 -30.54 23.94 -31.58
N ALA B 563 -30.87 24.63 -32.66
CA ALA B 563 -30.16 25.86 -33.00
C ALA B 563 -30.33 27.03 -32.01
N LEU B 564 -31.54 27.22 -31.51
CA LEU B 564 -31.90 28.26 -30.50
C LEU B 564 -31.22 27.89 -29.17
N PHE B 565 -31.29 26.59 -28.87
CA PHE B 565 -30.71 26.06 -27.62
C PHE B 565 -29.20 26.30 -27.68
N SER B 566 -28.60 26.03 -28.82
CA SER B 566 -27.18 26.16 -28.98
C SER B 566 -26.73 27.61 -28.86
N HIS B 567 -27.52 28.51 -29.41
CA HIS B 567 -27.28 29.96 -29.28
C HIS B 567 -27.26 30.38 -27.78
N GLN B 568 -28.30 29.93 -27.09
CA GLN B 568 -28.44 30.13 -25.65
C GLN B 568 -27.20 29.59 -24.91
N TRP B 569 -26.80 28.36 -25.20
CA TRP B 569 -25.72 27.70 -24.47
C TRP B 569 -24.46 28.48 -24.67
N LEU B 570 -24.20 28.82 -25.91
CA LEU B 570 -22.87 29.39 -26.23
C LEU B 570 -22.84 30.87 -25.75
N LYS B 571 -24.00 31.51 -25.58
CA LYS B 571 -24.03 32.85 -24.98
C LYS B 571 -23.63 32.78 -23.52
N GLU B 572 -24.19 31.77 -22.86
CA GLU B 572 -24.03 31.67 -21.36
C GLU B 572 -22.80 30.89 -20.85
N ASN B 573 -22.45 29.81 -21.58
CA ASN B 573 -21.54 28.78 -21.12
C ASN B 573 -20.31 28.67 -22.02
N LYS B 574 -19.29 27.93 -21.55
CA LYS B 574 -18.26 27.47 -22.44
C LYS B 574 -18.81 26.41 -23.41
N VAL B 575 -18.11 26.17 -24.52
CA VAL B 575 -18.57 25.17 -25.48
C VAL B 575 -18.62 23.75 -24.89
N PHE B 576 -17.70 23.41 -24.02
CA PHE B 576 -17.59 22.09 -23.46
C PHE B 576 -18.89 21.69 -22.77
N GLY B 577 -19.30 20.47 -22.96
CA GLY B 577 -20.65 20.08 -22.43
C GLY B 577 -21.84 20.17 -23.36
N LEU B 578 -21.75 20.99 -24.40
CA LEU B 578 -22.78 21.11 -25.40
C LEU B 578 -22.83 19.84 -26.19
N ASP B 579 -21.69 19.16 -26.24
CA ASP B 579 -21.60 17.86 -26.91
C ASP B 579 -22.68 16.83 -26.49
N THR B 580 -22.93 16.75 -25.21
CA THR B 580 -23.91 15.83 -24.69
C THR B 580 -25.30 16.11 -25.20
N VAL B 581 -25.63 17.37 -25.29
CA VAL B 581 -26.91 17.74 -25.88
C VAL B 581 -26.99 17.45 -27.36
N ASP B 582 -25.90 17.70 -28.10
CA ASP B 582 -25.86 17.29 -29.49
C ASP B 582 -26.14 15.76 -29.63
N ILE B 583 -25.57 14.94 -28.77
CA ILE B 583 -25.66 13.50 -28.87
C ILE B 583 -27.18 13.18 -28.61
N ARG B 584 -27.71 13.78 -27.55
CA ARG B 584 -29.10 13.43 -27.14
C ARG B 584 -30.09 13.86 -28.21
N MET B 585 -29.96 15.07 -28.72
CA MET B 585 -30.82 15.55 -29.74
C MET B 585 -30.65 14.84 -31.07
N GLY B 586 -29.40 14.56 -31.45
CA GLY B 586 -29.15 13.70 -32.61
C GLY B 586 -29.88 12.37 -32.50
N GLY B 587 -29.87 11.74 -31.32
CA GLY B 587 -30.40 10.43 -31.16
C GLY B 587 -31.94 10.51 -31.25
N LEU B 588 -32.51 11.59 -30.72
CA LEU B 588 -33.96 11.77 -30.79
C LEU B 588 -34.37 11.91 -32.29
N LEU B 589 -33.68 12.78 -32.99
CA LEU B 589 -33.92 12.94 -34.46
C LEU B 589 -33.85 11.57 -35.19
N GLN B 590 -32.86 10.73 -34.86
CA GLN B 590 -32.69 9.46 -35.53
C GLN B 590 -33.82 8.53 -35.19
N ARG B 591 -34.34 8.63 -33.96
CA ARG B 591 -35.47 7.82 -33.53
C ARG B 591 -36.79 8.26 -34.22
N ILE B 592 -36.94 9.55 -34.45
CA ILE B 592 -38.08 10.05 -35.23
C ILE B 592 -37.96 9.50 -36.67
N LYS B 593 -36.77 9.51 -37.23
CA LYS B 593 -36.55 8.85 -38.55
C LYS B 593 -36.90 7.38 -38.55
N ARG B 594 -36.59 6.65 -37.48
CA ARG B 594 -37.03 5.27 -37.38
C ARG B 594 -38.56 5.11 -37.36
N ALA B 595 -39.28 5.93 -36.62
CA ALA B 595 -40.72 5.89 -36.64
C ALA B 595 -41.26 6.03 -38.11
N GLU B 596 -40.72 7.00 -38.82
CA GLU B 596 -41.06 7.21 -40.23
C GLU B 596 -40.76 5.94 -41.02
N SER B 597 -39.53 5.41 -40.94
CA SER B 597 -39.15 4.22 -41.72
C SER B 597 -39.96 2.96 -41.36
N ARG B 598 -40.18 2.70 -40.06
CA ARG B 598 -40.98 1.59 -39.63
C ARG B 598 -42.43 1.69 -40.15
N ILE B 599 -42.99 2.88 -40.08
CA ILE B 599 -44.35 3.07 -40.59
C ILE B 599 -44.36 2.86 -42.14
N GLU B 600 -43.42 3.44 -42.87
CA GLU B 600 -43.35 3.22 -44.34
C GLU B 600 -43.22 1.69 -44.69
N VAL B 601 -42.36 0.94 -43.99
CA VAL B 601 -42.19 -0.50 -44.28
C VAL B 601 -43.52 -1.19 -44.18
N TYR B 602 -44.26 -0.83 -43.14
CA TYR B 602 -45.52 -1.43 -42.85
C TYR B 602 -46.59 -1.04 -43.83
N LEU B 603 -46.62 0.22 -44.21
CA LEU B 603 -47.61 0.68 -45.21
C LEU B 603 -47.37 0.02 -46.57
N ALA B 604 -46.11 -0.29 -46.87
CA ALA B 604 -45.73 -1.07 -48.07
C ALA B 604 -46.12 -2.56 -48.06
N GLY B 605 -46.69 -3.08 -46.98
CA GLY B 605 -46.95 -4.51 -46.85
C GLY B 605 -45.75 -5.37 -46.55
N GLN B 606 -44.59 -4.76 -46.24
CA GLN B 606 -43.39 -5.55 -45.97
C GLN B 606 -43.31 -6.08 -44.54
N LEU B 607 -44.32 -5.75 -43.73
CA LEU B 607 -44.41 -6.15 -42.35
C LEU B 607 -45.86 -6.39 -42.10
N ASP B 608 -46.16 -7.45 -41.36
CA ASP B 608 -47.52 -7.75 -40.94
C ASP B 608 -47.94 -6.95 -39.69
N ARG B 609 -46.98 -6.60 -38.83
CA ARG B 609 -47.25 -5.96 -37.56
C ARG B 609 -46.05 -5.02 -37.30
N ILE B 610 -46.26 -3.93 -36.58
CA ILE B 610 -45.12 -3.10 -36.16
C ILE B 610 -44.93 -3.43 -34.69
N ASP B 611 -43.97 -4.31 -34.37
CA ASP B 611 -43.98 -4.92 -33.03
C ASP B 611 -43.97 -3.94 -31.86
N GLU B 612 -43.32 -2.80 -32.05
CA GLU B 612 -43.16 -1.80 -30.99
C GLU B 612 -44.56 -1.41 -30.53
N LEU B 613 -45.43 -1.30 -31.52
CA LEU B 613 -46.76 -0.78 -31.29
C LEU B 613 -47.68 -1.78 -30.66
N GLU B 614 -47.28 -3.03 -30.50
CA GLU B 614 -48.10 -4.09 -29.88
C GLU B 614 -47.75 -4.21 -28.42
N VAL B 615 -46.80 -3.39 -27.93
CA VAL B 615 -46.49 -3.45 -26.51
C VAL B 615 -47.41 -2.45 -25.84
N GLU B 616 -48.11 -2.87 -24.78
CA GLU B 616 -48.95 -1.92 -24.00
C GLU B 616 -48.13 -1.10 -23.06
N ILE B 617 -48.47 0.17 -22.96
CA ILE B 617 -47.66 1.14 -22.19
C ILE B 617 -48.08 1.08 -20.74
N LEU B 618 -47.12 0.95 -19.85
CA LEU B 618 -47.33 0.93 -18.44
C LEU B 618 -47.01 2.31 -17.93
N PRO B 619 -47.35 2.59 -16.68
CA PRO B 619 -46.83 3.78 -16.03
C PRO B 619 -45.29 3.76 -16.03
N PHE B 620 -44.71 4.92 -16.27
CA PHE B 620 -43.25 5.06 -16.19
C PHE B 620 -42.78 4.98 -14.75
N THR B 621 -43.50 5.66 -13.83
CA THR B 621 -43.15 5.65 -12.40
C THR B 621 -44.46 5.81 -11.63
N ASP B 622 -44.51 5.29 -10.41
CA ASP B 622 -45.64 5.52 -9.54
C ASP B 622 -45.39 6.68 -8.54
N PHE B 623 -44.39 7.55 -8.76
CA PHE B 623 -43.97 8.47 -7.75
C PHE B 623 -45.12 9.41 -7.31
N TYR B 624 -45.94 9.80 -8.30
CA TYR B 624 -47.10 10.69 -8.11
C TYR B 624 -48.38 9.90 -8.45
N ALA B 625 -48.35 8.59 -8.30
CA ALA B 625 -49.50 7.80 -8.71
C ALA B 625 -50.77 8.16 -7.86
N ASP B 626 -50.56 8.66 -6.63
CA ASP B 626 -51.64 8.81 -5.63
C ASP B 626 -52.61 9.92 -6.12
N LYS B 627 -52.16 10.70 -7.11
CA LYS B 627 -52.65 12.05 -7.28
C LYS B 627 -53.65 12.08 -8.41
N ASP B 628 -54.35 13.20 -8.55
CA ASP B 628 -55.39 13.36 -9.57
C ASP B 628 -54.85 14.16 -10.77
N PHE B 629 -53.63 13.85 -11.16
CA PHE B 629 -53.15 14.38 -12.42
C PHE B 629 -52.24 13.25 -12.99
N ALA B 630 -51.91 13.34 -14.25
CA ALA B 630 -51.22 12.20 -14.93
C ALA B 630 -49.75 12.51 -15.03
N ALA B 631 -49.40 13.77 -14.99
CA ALA B 631 -47.91 14.12 -15.11
C ALA B 631 -47.07 13.58 -14.00
N THR B 632 -45.73 13.55 -14.19
CA THR B 632 -44.86 12.97 -13.24
C THR B 632 -43.48 13.65 -13.28
N THR B 633 -42.54 13.05 -12.56
CA THR B 633 -41.18 13.51 -12.51
C THR B 633 -40.31 12.47 -13.24
N ALA B 634 -39.50 12.89 -14.22
CA ALA B 634 -38.58 11.94 -14.92
C ALA B 634 -37.39 12.81 -15.37
N ASN B 635 -36.26 12.65 -14.71
CA ASN B 635 -35.16 13.60 -14.97
C ASN B 635 -33.82 12.95 -15.25
N GLN B 636 -33.86 11.76 -15.86
CA GLN B 636 -32.66 11.12 -16.38
C GLN B 636 -32.90 10.87 -17.84
N TRP B 637 -32.15 11.58 -18.69
CA TRP B 637 -32.30 11.44 -20.12
C TRP B 637 -32.29 9.99 -20.52
N HIS B 638 -31.31 9.21 -20.06
CA HIS B 638 -31.08 7.87 -20.57
C HIS B 638 -32.27 6.93 -20.29
N THR B 639 -33.07 7.20 -19.24
CA THR B 639 -34.30 6.41 -19.06
C THR B 639 -35.56 6.99 -19.66
N ILE B 640 -35.57 8.30 -19.95
CA ILE B 640 -36.62 8.92 -20.74
C ILE B 640 -36.56 8.33 -22.12
N ALA B 641 -35.36 8.16 -22.68
CA ALA B 641 -35.27 7.98 -24.17
C ALA B 641 -35.41 6.53 -24.62
N THR B 642 -35.18 5.59 -23.73
CA THR B 642 -35.20 4.16 -24.09
C THR B 642 -35.34 3.28 -22.85
N ALA B 643 -36.04 2.15 -23.02
CA ALA B 643 -36.13 1.08 -22.03
C ALA B 643 -34.99 0.05 -22.21
N SER B 644 -34.17 0.26 -23.25
CA SER B 644 -33.03 -0.57 -23.57
C SER B 644 -31.84 -0.15 -22.71
N THR B 645 -30.83 -1.00 -22.63
CA THR B 645 -29.60 -0.61 -21.97
C THR B 645 -28.91 0.39 -22.83
N ILE B 646 -28.22 1.31 -22.21
CA ILE B 646 -27.45 2.31 -23.00
C ILE B 646 -26.12 2.69 -22.36
N TYR B 647 -26.01 2.62 -21.04
CA TYR B 647 -24.69 2.86 -20.43
C TYR B 647 -24.12 1.61 -19.77
N THR B 648 -24.99 0.66 -19.42
CA THR B 648 -24.51 -0.56 -18.76
C THR B 648 -23.85 -1.53 -19.75
N THR B 649 -22.97 -2.35 -19.17
CA THR B 649 -22.31 -3.40 -19.90
C THR B 649 -23.19 -4.62 -19.99
N SER C 23 27.41 46.29 21.75
CA SER C 23 26.74 47.02 22.87
C SER C 23 27.55 48.21 23.38
N MET C 24 26.86 49.26 23.78
CA MET C 24 27.49 50.40 24.50
C MET C 24 27.31 50.31 26.04
N VAL C 25 26.90 49.15 26.55
CA VAL C 25 26.65 48.98 27.98
C VAL C 25 27.90 49.37 28.77
N ARG C 26 27.76 50.00 29.95
CA ARG C 26 28.92 50.35 30.80
C ARG C 26 28.72 49.79 32.24
N PHE C 27 29.72 49.08 32.76
CA PHE C 27 29.64 48.51 34.11
C PHE C 27 30.63 49.26 35.04
N THR C 28 30.30 49.33 36.34
CA THR C 28 31.32 49.66 37.34
C THR C 28 31.37 48.54 38.33
N GLY C 29 32.55 48.33 38.91
CA GLY C 29 32.73 47.33 39.94
C GLY C 29 33.25 45.98 39.48
N LEU C 30 33.55 45.85 38.19
CA LEU C 30 33.97 44.55 37.62
C LEU C 30 35.46 44.27 37.75
N SER C 31 35.80 43.01 37.94
CA SER C 31 37.17 42.55 37.82
C SER C 31 37.53 42.46 36.32
N LEU C 32 38.83 42.31 36.04
CA LEU C 32 39.30 41.96 34.68
C LEU C 32 38.57 40.68 34.25
N LYS C 33 38.61 39.65 35.10
CA LYS C 33 38.03 38.33 34.84
C LYS C 33 36.58 38.52 34.37
N GLN C 34 35.83 39.26 35.15
CA GLN C 34 34.42 39.50 34.87
C GLN C 34 34.19 40.25 33.60
N THR C 35 35.07 41.21 33.33
CA THR C 35 34.96 41.97 32.13
C THR C 35 35.18 41.06 30.93
N GLN C 36 36.16 40.18 31.01
CA GLN C 36 36.45 39.23 29.92
C GLN C 36 35.26 38.25 29.66
N ALA C 37 34.66 37.78 30.76
CA ALA C 37 33.48 36.87 30.66
C ALA C 37 32.31 37.51 29.99
N ILE C 38 31.97 38.72 30.41
CA ILE C 38 30.88 39.45 29.77
C ILE C 38 31.16 39.62 28.26
N GLU C 39 32.38 39.96 27.88
CA GLU C 39 32.70 40.09 26.44
C GLU C 39 32.36 38.78 25.67
N VAL C 40 32.73 37.64 26.24
CA VAL C 40 32.36 36.33 25.63
C VAL C 40 30.80 36.23 25.55
N LEU C 41 30.11 36.60 26.60
CA LEU C 41 28.68 36.42 26.62
C LEU C 41 27.90 37.33 25.71
N LYS C 42 28.53 38.40 25.26
CA LYS C 42 27.86 39.23 24.26
C LYS C 42 27.59 38.50 22.95
N GLY C 43 28.27 37.40 22.73
CA GLY C 43 27.95 36.53 21.59
C GLY C 43 26.60 35.84 21.68
N HIS C 44 26.02 35.78 22.88
CA HIS C 44 24.70 35.21 23.14
C HIS C 44 23.61 36.17 23.49
N ILE C 45 23.93 37.27 24.20
CA ILE C 45 22.90 38.14 24.67
C ILE C 45 23.22 39.56 24.22
N SER C 46 22.16 40.35 24.04
CA SER C 46 22.26 41.79 23.66
C SER C 46 22.07 42.67 24.86
N LEU C 47 23.18 43.16 25.38
CA LEU C 47 23.12 44.07 26.55
C LEU C 47 22.75 45.49 26.07
N PRO C 48 21.74 46.10 26.70
CA PRO C 48 21.31 47.42 26.23
C PRO C 48 22.25 48.51 26.74
N ASP C 49 22.08 49.73 26.23
CA ASP C 49 22.99 50.83 26.47
C ASP C 49 22.62 51.47 27.80
N VAL C 50 23.07 50.84 28.89
CA VAL C 50 22.71 51.28 30.23
C VAL C 50 23.95 51.24 31.08
N GLU C 51 23.79 51.70 32.32
CA GLU C 51 24.86 51.72 33.28
C GLU C 51 24.53 50.79 34.41
N VAL C 52 25.47 49.93 34.73
CA VAL C 52 25.25 48.93 35.77
C VAL C 52 26.35 48.92 36.80
N ALA C 53 25.95 49.06 38.06
CA ALA C 53 26.91 49.04 39.16
C ALA C 53 26.82 47.68 39.76
N VAL C 54 27.94 46.97 39.77
CA VAL C 54 27.95 45.57 40.19
C VAL C 54 28.74 45.42 41.45
N THR C 55 28.23 44.60 42.33
CA THR C 55 29.01 44.17 43.47
C THR C 55 28.53 42.84 44.06
N GLN C 56 29.43 42.14 44.70
CA GLN C 56 29.05 40.98 45.51
C GLN C 56 28.26 41.39 46.74
N SER C 57 27.23 40.60 47.06
CA SER C 57 26.55 40.79 48.30
C SER C 57 25.86 39.55 48.77
N ASP C 58 25.83 39.29 50.10
CA ASP C 58 25.15 38.13 50.63
C ASP C 58 23.68 38.29 50.74
N GLN C 59 23.12 39.44 50.38
CA GLN C 59 21.69 39.67 50.60
C GLN C 59 20.80 38.78 49.77
N ALA C 60 21.28 38.34 48.61
CA ALA C 60 20.43 37.51 47.73
C ALA C 60 21.32 36.76 46.74
N SER C 61 20.81 35.70 46.15
CA SER C 61 21.56 35.05 45.08
C SER C 61 21.80 36.05 44.00
N ILE C 62 20.74 36.71 43.58
CA ILE C 62 20.80 37.81 42.60
C ILE C 62 19.86 38.91 43.06
N SER C 63 20.33 40.15 42.98
CA SER C 63 19.44 41.31 43.21
C SER C 63 19.74 42.29 42.12
N ILE C 64 18.67 42.82 41.53
CA ILE C 64 18.82 43.89 40.54
C ILE C 64 17.79 44.98 40.87
N GLU C 65 18.29 46.20 41.02
CA GLU C 65 17.40 47.38 41.22
C GLU C 65 17.75 48.50 40.27
N GLY C 66 16.83 49.45 40.16
CA GLY C 66 17.08 50.56 39.26
C GLY C 66 15.96 50.96 38.32
N GLU C 67 16.29 52.01 37.57
CA GLU C 67 15.39 52.66 36.60
C GLU C 67 16.13 53.74 35.79
N GLU C 68 15.53 54.07 34.65
CA GLU C 68 15.99 55.17 33.80
C GLU C 68 17.47 55.00 33.43
N GLY C 69 17.85 53.77 33.12
CA GLY C 69 19.19 53.54 32.61
C GLY C 69 20.31 53.36 33.62
N HIS C 70 20.00 53.41 34.93
CA HIS C 70 20.97 53.21 36.00
C HIS C 70 20.59 52.05 36.91
N TYR C 71 21.46 51.02 36.96
CA TYR C 71 21.10 49.81 37.67
C TYR C 71 22.15 49.43 38.68
N GLN C 72 21.64 48.86 39.77
CA GLN C 72 22.49 48.22 40.77
C GLN C 72 22.21 46.70 40.79
N LEU C 73 23.27 45.92 40.62
CA LEU C 73 23.18 44.49 40.50
C LEU C 73 24.13 43.89 41.54
N THR C 74 23.61 42.95 42.34
CA THR C 74 24.41 42.20 43.27
C THR C 74 24.26 40.69 43.00
N TYR C 75 25.31 39.96 43.29
CA TYR C 75 25.32 38.52 43.25
C TYR C 75 25.94 38.01 44.55
N ARG C 76 25.54 36.80 44.96
CA ARG C 76 26.11 36.15 46.15
C ARG C 76 27.37 35.42 45.79
N LYS C 77 27.29 34.55 44.76
CA LYS C 77 28.41 33.80 44.27
C LYS C 77 28.80 34.33 42.89
N PRO C 78 30.10 34.44 42.59
CA PRO C 78 30.53 35.07 41.35
C PRO C 78 29.88 34.59 40.04
N HIS C 79 29.61 33.30 39.90
CA HIS C 79 29.00 32.79 38.65
C HIS C 79 27.61 33.36 38.43
N GLN C 80 26.96 33.73 39.53
CA GLN C 80 25.57 34.27 39.44
C GLN C 80 25.48 35.64 38.76
N LEU C 81 26.59 36.34 38.55
CA LEU C 81 26.59 37.55 37.74
C LEU C 81 26.02 37.24 36.35
N TYR C 82 26.28 36.04 35.84
CA TYR C 82 26.01 35.75 34.44
C TYR C 82 24.51 35.52 34.25
N ARG C 83 23.87 34.80 35.14
CA ARG C 83 22.40 34.73 35.18
C ARG C 83 21.79 36.11 35.44
N ALA C 84 22.40 36.88 36.32
CA ALA C 84 21.83 38.19 36.59
C ALA C 84 21.77 39.03 35.28
N LEU C 85 22.81 38.94 34.45
CA LEU C 85 22.83 39.72 33.21
C LEU C 85 21.75 39.25 32.26
N SER C 86 21.55 37.93 32.19
CA SER C 86 20.44 37.40 31.42
C SER C 86 19.11 37.88 31.92
N LEU C 87 18.92 37.95 33.23
CA LEU C 87 17.68 38.50 33.79
C LEU C 87 17.53 40.00 33.48
N LEU C 88 18.64 40.72 33.52
CA LEU C 88 18.59 42.16 33.29
C LEU C 88 18.17 42.45 31.84
N VAL C 89 18.83 41.80 30.90
CA VAL C 89 18.56 41.97 29.50
C VAL C 89 17.06 41.71 29.28
N THR C 90 16.56 40.68 29.91
CA THR C 90 15.20 40.26 29.75
C THR C 90 14.21 41.33 30.21
N VAL C 91 14.37 41.78 31.44
CA VAL C 91 13.39 42.65 32.10
C VAL C 91 13.40 44.01 31.40
N LEU C 92 14.55 44.43 30.91
CA LEU C 92 14.65 45.77 30.28
C LEU C 92 13.91 45.93 28.92
N ALA C 93 13.61 44.82 28.26
CA ALA C 93 12.55 44.82 27.27
C ALA C 93 11.28 44.93 28.10
N GLU C 94 10.23 45.55 27.61
CA GLU C 94 8.99 45.60 28.43
C GLU C 94 9.03 46.48 29.71
N ALA C 95 10.20 46.86 30.23
CA ALA C 95 10.23 47.68 31.47
C ALA C 95 11.50 48.50 31.65
N ASP C 96 11.34 49.58 32.43
CA ASP C 96 12.39 50.53 32.72
C ASP C 96 12.91 50.34 34.16
N LYS C 97 11.97 50.29 35.10
CA LYS C 97 12.18 50.00 36.52
C LYS C 97 12.39 48.49 36.66
N VAL C 98 13.28 48.09 37.56
CA VAL C 98 13.60 46.67 37.85
C VAL C 98 13.56 46.47 39.39
N GLU C 99 13.00 45.35 39.82
CA GLU C 99 12.89 44.94 41.24
C GLU C 99 13.00 43.40 41.23
N ILE C 100 14.22 42.93 41.17
CA ILE C 100 14.47 41.49 41.12
C ILE C 100 15.24 41.09 42.37
N GLU C 101 14.84 40.00 42.98
CA GLU C 101 15.58 39.40 44.06
C GLU C 101 15.32 37.90 43.96
N GLU C 102 16.39 37.14 43.80
CA GLU C 102 16.25 35.70 43.72
C GLU C 102 17.06 35.09 44.83
N GLN C 103 16.48 34.03 45.39
CA GLN C 103 17.12 33.24 46.45
C GLN C 103 17.07 31.76 45.99
N ALA C 104 18.20 31.28 45.51
CA ALA C 104 18.25 29.93 44.91
C ALA C 104 18.11 28.86 45.98
N ALA C 105 17.46 27.76 45.68
CA ALA C 105 17.23 26.71 46.65
C ALA C 105 18.45 25.82 46.83
N TYR C 106 19.32 25.73 45.78
CA TYR C 106 20.37 24.72 45.77
C TYR C 106 21.67 25.47 45.80
N GLU C 107 22.51 25.01 46.71
CA GLU C 107 23.87 25.52 46.80
C GLU C 107 24.66 25.18 45.57
N ASP C 108 24.36 24.06 44.90
CA ASP C 108 25.02 23.77 43.61
C ASP C 108 24.03 23.22 42.68
N LEU C 109 24.11 23.66 41.42
CA LEU C 109 23.22 23.12 40.35
C LEU C 109 24.16 22.75 39.18
N ALA C 110 24.17 21.48 38.77
CA ALA C 110 25.10 20.98 37.80
C ALA C 110 24.44 20.40 36.59
N TYR C 111 25.17 20.35 35.46
CA TYR C 111 24.74 19.58 34.31
C TYR C 111 25.83 18.65 33.94
N MET C 112 25.44 17.39 33.78
CA MET C 112 26.35 16.28 33.48
C MET C 112 26.08 15.76 32.07
N VAL C 113 27.06 15.97 31.18
CA VAL C 113 26.96 15.53 29.78
C VAL C 113 27.53 14.11 29.70
N ASP C 114 26.82 13.20 29.07
CA ASP C 114 27.37 11.86 28.77
C ASP C 114 28.35 11.90 27.63
N CYS C 115 29.60 11.51 27.91
CA CYS C 115 30.59 11.39 26.86
C CYS C 115 31.10 9.99 26.71
N SER C 116 30.28 9.03 27.08
CA SER C 116 30.62 7.61 27.03
C SER C 116 29.80 6.70 26.18
N ARG C 117 28.70 7.26 25.59
CA ARG C 117 27.84 6.50 24.75
C ARG C 117 28.07 6.63 23.27
N ASN C 118 29.29 7.07 22.92
CA ASN C 118 29.85 7.21 21.58
C ASN C 118 30.05 8.67 21.22
N ALA C 119 29.26 9.54 21.81
CA ALA C 119 29.36 10.98 21.53
C ALA C 119 30.22 11.65 22.63
N VAL C 120 31.41 12.07 22.24
CA VAL C 120 32.35 12.82 23.07
C VAL C 120 32.22 14.28 22.68
N LEU C 121 31.71 15.08 23.61
CA LEU C 121 31.43 16.49 23.37
C LEU C 121 32.79 17.15 23.03
N ASN C 122 32.87 17.82 21.89
CA ASN C 122 34.19 18.38 21.50
C ASN C 122 34.49 19.65 22.31
N VAL C 123 35.78 20.05 22.31
CA VAL C 123 36.15 21.16 23.16
C VAL C 123 35.40 22.46 22.85
N ALA C 124 35.20 22.79 21.56
CA ALA C 124 34.56 24.00 21.18
C ALA C 124 33.13 24.00 21.69
N SER C 125 32.51 22.83 21.64
CA SER C 125 31.11 22.70 22.11
C SER C 125 30.98 22.70 23.63
N ALA C 126 32.00 22.20 24.30
CA ALA C 126 32.06 22.26 25.74
C ALA C 126 32.09 23.73 26.17
N LYS C 127 32.91 24.50 25.47
CA LYS C 127 32.95 25.92 25.74
C LYS C 127 31.57 26.58 25.56
N GLN C 128 30.91 26.32 24.44
CA GLN C 128 29.61 26.86 24.17
C GLN C 128 28.57 26.47 25.24
N MET C 129 28.60 25.22 25.67
CA MET C 129 27.69 24.77 26.69
C MET C 129 27.97 25.45 28.08
N ILE C 130 29.27 25.64 28.41
CA ILE C 130 29.67 26.40 29.56
C ILE C 130 29.11 27.82 29.56
N GLU C 131 29.16 28.49 28.41
CA GLU C 131 28.70 29.86 28.32
C GLU C 131 27.19 29.85 28.61
N ILE C 132 26.48 28.89 28.04
CA ILE C 132 25.00 28.86 28.21
C ILE C 132 24.67 28.50 29.67
N LEU C 133 25.36 27.52 30.27
CA LEU C 133 25.11 27.15 31.64
C LEU C 133 25.33 28.36 32.59
N ALA C 134 26.35 29.16 32.31
CA ALA C 134 26.62 30.39 33.13
C ALA C 134 25.45 31.35 33.04
N LEU C 135 24.94 31.56 31.82
CA LEU C 135 23.80 32.39 31.64
C LEU C 135 22.55 31.89 32.33
N MET C 136 22.39 30.57 32.43
CA MET C 136 21.17 30.05 33.07
C MET C 136 21.22 30.04 34.62
N GLY C 137 22.43 29.95 35.19
CA GLY C 137 22.65 29.96 36.65
C GLY C 137 23.26 28.74 37.25
N TYR C 138 23.71 27.83 36.38
CA TYR C 138 24.46 26.63 36.83
C TYR C 138 25.80 26.99 37.41
N SER C 139 26.14 26.29 38.49
CA SER C 139 27.43 26.48 39.15
C SER C 139 28.49 25.51 38.67
N THR C 140 28.05 24.38 38.09
CA THR C 140 28.91 23.21 37.93
C THR C 140 28.67 22.56 36.57
N PHE C 141 29.76 22.18 35.89
CA PHE C 141 29.71 21.44 34.63
C PHE C 141 30.38 20.09 34.83
N GLU C 142 29.80 19.02 34.30
CA GLU C 142 30.31 17.67 34.58
C GLU C 142 30.33 16.90 33.29
N LEU C 143 31.34 16.05 33.13
CA LEU C 143 31.38 15.11 32.01
C LEU C 143 31.42 13.69 32.54
N TYR C 144 30.54 12.82 32.04
CA TYR C 144 30.49 11.41 32.32
C TYR C 144 31.34 10.59 31.37
N MET C 145 32.44 10.11 31.91
CA MET C 145 33.49 9.43 31.15
C MET C 145 33.82 8.06 31.72
N GLU C 146 33.30 6.99 31.13
CA GLU C 146 33.60 5.64 31.58
C GLU C 146 35.10 5.36 31.25
N ASP C 147 35.38 5.27 29.97
CA ASP C 147 36.71 4.98 29.43
C ASP C 147 37.21 6.13 28.61
N THR C 148 36.55 7.31 28.61
CA THR C 148 36.86 8.33 27.64
C THR C 148 37.72 9.51 28.22
N TYR C 149 38.68 9.13 29.05
CA TYR C 149 39.81 9.99 29.40
C TYR C 149 41.09 9.12 29.41
N GLN C 150 42.19 9.71 29.04
CA GLN C 150 43.43 9.02 28.84
C GLN C 150 44.11 8.75 30.19
N ILE C 151 44.57 7.52 30.34
CA ILE C 151 45.33 7.09 31.51
C ILE C 151 46.71 6.61 31.04
N GLU C 152 47.73 7.23 31.62
CA GLU C 152 49.08 6.83 31.25
C GLU C 152 49.31 5.35 31.55
N GLY C 153 49.90 4.67 30.58
CA GLY C 153 50.19 3.25 30.70
C GLY C 153 49.07 2.27 30.51
N GLN C 154 47.91 2.77 30.03
CA GLN C 154 46.71 1.96 29.80
C GLN C 154 46.26 2.36 28.38
N PRO C 155 46.98 1.90 27.36
CA PRO C 155 46.76 2.31 25.99
C PRO C 155 45.42 1.81 25.43
N TYR C 156 44.79 0.81 26.04
CA TYR C 156 43.50 0.31 25.50
C TYR C 156 42.31 1.10 26.11
N PHE C 157 42.58 1.87 27.16
CA PHE C 157 41.53 2.62 27.86
C PHE C 157 41.15 3.85 27.08
N GLY C 158 40.00 3.76 26.39
CA GLY C 158 39.60 4.85 25.48
C GLY C 158 40.13 4.79 24.06
N TYR C 159 40.69 3.65 23.69
CA TYR C 159 41.34 3.42 22.37
C TYR C 159 40.32 3.56 21.24
N PHE C 160 40.57 4.50 20.33
CA PHE C 160 39.67 4.79 19.20
C PHE C 160 38.27 5.27 19.69
N ARG C 161 38.20 5.77 20.90
CA ARG C 161 36.94 6.35 21.42
C ARG C 161 36.95 7.84 21.49
N GLY C 162 38.10 8.47 21.18
CA GLY C 162 38.18 9.90 21.36
C GLY C 162 38.38 10.37 22.79
N ALA C 163 38.97 9.53 23.62
CA ALA C 163 39.21 9.87 25.03
C ALA C 163 39.88 11.23 25.15
N TYR C 164 39.44 11.99 26.11
CA TYR C 164 39.98 13.29 26.33
C TYR C 164 41.42 13.11 26.87
N SER C 165 42.31 13.89 26.28
CA SER C 165 43.66 14.05 26.93
C SER C 165 43.58 14.84 28.22
N ALA C 166 44.62 14.72 29.02
CA ALA C 166 44.65 15.56 30.22
C ALA C 166 44.61 17.03 29.84
N GLU C 167 45.26 17.42 28.75
CA GLU C 167 45.29 18.82 28.33
C GLU C 167 43.88 19.30 27.91
N GLU C 168 43.16 18.45 27.22
CA GLU C 168 41.78 18.82 26.86
C GLU C 168 40.90 19.02 28.06
N LEU C 169 41.01 18.14 29.05
CA LEU C 169 40.15 18.28 30.26
C LEU C 169 40.59 19.53 31.03
N GLN C 170 41.91 19.74 31.12
CA GLN C 170 42.39 21.04 31.71
C GLN C 170 41.86 22.26 30.99
N GLU C 171 41.82 22.24 29.65
CA GLU C 171 41.28 23.36 28.89
C GLU C 171 39.80 23.61 29.15
N ILE C 172 39.05 22.52 29.15
CA ILE C 172 37.62 22.65 29.46
C ILE C 172 37.42 23.22 30.85
N GLU C 173 38.08 22.63 31.83
CA GLU C 173 37.99 23.11 33.24
C GLU C 173 38.39 24.57 33.37
N ALA C 174 39.55 24.94 32.79
CA ALA C 174 39.97 26.36 32.81
C ALA C 174 38.95 27.33 32.17
N TYR C 175 38.28 26.90 31.11
CA TYR C 175 37.26 27.70 30.42
C TYR C 175 36.05 27.86 31.33
N ALA C 176 35.63 26.81 31.99
CA ALA C 176 34.52 26.93 32.96
C ALA C 176 34.93 27.92 34.08
N GLN C 177 36.20 27.85 34.49
CA GLN C 177 36.67 28.71 35.60
C GLN C 177 36.62 30.19 35.20
N GLN C 178 36.75 30.51 33.88
CA GLN C 178 36.60 31.86 33.40
C GLN C 178 35.30 32.46 33.87
N PHE C 179 34.29 31.62 34.03
CA PHE C 179 32.95 32.01 34.44
C PHE C 179 32.61 31.66 35.88
N ASP C 180 33.63 31.24 36.63
CA ASP C 180 33.46 30.76 38.00
C ASP C 180 32.53 29.57 38.14
N VAL C 181 32.57 28.73 37.10
CA VAL C 181 31.87 27.43 37.05
C VAL C 181 32.91 26.37 37.39
N THR C 182 32.52 25.47 38.29
CA THR C 182 33.43 24.41 38.72
C THR C 182 33.22 23.20 37.82
N PHE C 183 34.16 22.27 37.88
CA PHE C 183 34.18 21.10 36.97
C PHE C 183 34.25 19.89 37.85
N VAL C 184 33.37 18.91 37.55
CA VAL C 184 33.30 17.63 38.27
C VAL C 184 33.30 16.45 37.29
N PRO C 185 34.39 15.71 37.23
CA PRO C 185 34.46 14.52 36.41
C PRO C 185 33.58 13.46 37.02
N CYS C 186 32.79 12.78 36.16
CA CYS C 186 32.07 11.65 36.59
C CYS C 186 32.61 10.43 35.88
N ILE C 187 33.16 9.50 36.65
CA ILE C 187 33.85 8.31 36.14
C ILE C 187 33.23 7.03 36.65
N GLN C 188 33.84 5.88 36.32
CA GLN C 188 33.44 4.63 36.83
C GLN C 188 34.62 3.89 37.44
N THR C 189 34.41 3.41 38.65
CA THR C 189 35.42 2.67 39.37
C THR C 189 35.03 1.28 39.66
N LEU C 190 33.92 0.78 39.08
CA LEU C 190 33.57 -0.60 39.25
C LEU C 190 32.96 -1.23 37.97
N ALA C 191 31.81 -0.73 37.59
CA ALA C 191 31.06 -1.27 36.43
C ALA C 191 30.94 -0.19 35.34
N HIS C 192 30.15 -0.50 34.30
CA HIS C 192 29.92 0.40 33.20
C HIS C 192 31.27 0.68 32.48
N LEU C 193 32.11 -0.31 32.29
CA LEU C 193 33.41 -0.15 31.58
C LEU C 193 33.46 -1.06 30.33
N SER C 194 32.28 -1.34 29.77
CA SER C 194 32.21 -2.25 28.65
C SER C 194 33.14 -1.96 27.51
N ALA C 195 33.30 -0.69 27.18
CA ALA C 195 34.10 -0.34 25.95
C ALA C 195 35.62 -0.57 26.16
N PHE C 196 36.00 -0.69 27.43
CA PHE C 196 37.41 -0.94 27.82
C PHE C 196 37.65 -2.42 27.98
N VAL C 197 36.79 -3.12 28.70
CA VAL C 197 37.02 -4.53 29.03
C VAL C 197 36.86 -5.49 27.90
N LYS C 198 36.36 -5.05 26.75
CA LYS C 198 36.24 -5.92 25.61
C LYS C 198 37.58 -6.33 24.98
N TRP C 199 38.63 -5.58 25.23
CA TRP C 199 39.96 -5.75 24.55
C TRP C 199 40.68 -7.03 25.02
N GLY C 200 40.88 -7.94 24.07
CA GLY C 200 41.35 -9.28 24.33
C GLY C 200 42.89 -9.30 24.43
N VAL C 201 43.39 -8.65 25.46
CA VAL C 201 44.80 -8.67 25.83
C VAL C 201 44.86 -8.92 27.34
N LYS C 202 45.91 -9.62 27.75
CA LYS C 202 46.06 -9.97 29.14
C LYS C 202 45.92 -8.87 30.13
N GLU C 203 46.46 -7.72 29.82
CA GLU C 203 46.50 -6.53 30.67
C GLU C 203 45.13 -5.92 30.90
N VAL C 204 44.19 -6.32 30.06
CA VAL C 204 42.82 -5.91 30.25
C VAL C 204 41.98 -7.00 30.84
N GLN C 205 42.09 -8.22 30.30
CA GLN C 205 41.28 -9.32 30.74
C GLN C 205 41.52 -9.68 32.18
N GLU C 206 42.75 -9.49 32.63
CA GLU C 206 43.05 -9.79 34.05
C GLU C 206 42.30 -8.87 35.05
N LEU C 207 41.69 -7.82 34.57
CA LEU C 207 41.03 -6.81 35.38
C LEU C 207 39.56 -7.11 35.56
N ARG C 208 39.07 -8.17 34.92
CA ARG C 208 37.59 -8.41 34.81
C ARG C 208 37.05 -9.39 35.81
N ASP C 209 35.83 -9.12 36.28
CA ASP C 209 35.01 -10.08 36.99
C ASP C 209 34.06 -10.73 36.00
N VAL C 210 33.11 -9.95 35.47
CA VAL C 210 32.11 -10.46 34.54
C VAL C 210 31.43 -9.24 33.86
N GLU C 211 30.92 -9.43 32.67
CA GLU C 211 30.29 -8.35 31.92
C GLU C 211 31.12 -7.14 31.92
N ASP C 212 30.58 -6.06 32.44
CA ASP C 212 31.20 -4.72 32.38
C ASP C 212 31.87 -4.34 33.70
N ILE C 213 32.09 -5.35 34.54
CA ILE C 213 32.50 -5.15 35.92
C ILE C 213 33.97 -5.55 36.20
N LEU C 214 34.68 -4.64 36.84
CA LEU C 214 36.11 -4.89 37.29
C LEU C 214 36.18 -5.84 38.44
N LEU C 215 37.31 -6.55 38.55
CA LEU C 215 37.52 -7.59 39.55
C LEU C 215 37.98 -7.00 40.91
N ILE C 216 37.09 -7.04 41.87
CA ILE C 216 37.35 -6.43 43.19
C ILE C 216 38.43 -7.34 43.84
N GLY C 217 39.37 -6.72 44.55
CA GLY C 217 40.40 -7.49 45.25
C GLY C 217 41.66 -7.71 44.45
N GLU C 218 41.62 -7.45 43.14
CA GLU C 218 42.78 -7.62 42.29
C GLU C 218 43.66 -6.39 42.27
N GLU C 219 44.94 -6.52 42.68
CA GLU C 219 45.78 -5.36 42.76
C GLU C 219 45.92 -4.60 41.47
N LYS C 220 45.85 -5.27 40.32
CA LYS C 220 46.03 -4.54 39.05
C LYS C 220 44.81 -3.65 38.78
N VAL C 221 43.69 -3.99 39.38
CA VAL C 221 42.48 -3.11 39.29
C VAL C 221 42.70 -1.84 40.09
N TYR C 222 43.26 -1.97 41.30
CA TYR C 222 43.57 -0.81 42.07
C TYR C 222 44.63 0.02 41.44
N ASP C 223 45.56 -0.61 40.73
CA ASP C 223 46.56 0.12 39.96
C ASP C 223 45.94 0.93 38.81
N LEU C 224 44.96 0.35 38.12
CA LEU C 224 44.17 1.13 37.16
C LEU C 224 43.42 2.33 37.82
N ILE C 225 42.78 2.11 38.94
CA ILE C 225 41.99 3.11 39.60
C ILE C 225 42.94 4.23 40.08
N ASP C 226 44.14 3.83 40.53
CA ASP C 226 45.15 4.84 40.83
C ASP C 226 45.44 5.68 39.66
N GLY C 227 45.59 5.04 38.50
CA GLY C 227 45.91 5.75 37.30
C GLY C 227 44.76 6.67 36.92
N MET C 228 43.52 6.25 37.21
CA MET C 228 42.37 7.18 36.92
C MET C 228 42.53 8.48 37.73
N PHE C 229 42.82 8.36 39.04
CA PHE C 229 42.99 9.55 39.86
C PHE C 229 44.26 10.34 39.54
N ALA C 230 45.29 9.66 39.05
CA ALA C 230 46.51 10.27 38.60
C ALA C 230 46.24 11.22 37.41
N THR C 231 45.36 10.78 36.49
CA THR C 231 44.94 11.70 35.44
C THR C 231 44.07 12.86 36.00
N LEU C 232 43.04 12.56 36.78
CA LEU C 232 42.17 13.58 37.27
C LEU C 232 42.90 14.61 38.15
N SER C 233 43.98 14.17 38.80
CA SER C 233 44.72 15.07 39.71
C SER C 233 45.51 16.15 38.97
N LYS C 234 45.63 16.02 37.67
CA LYS C 234 46.09 17.09 36.81
C LYS C 234 45.13 18.27 36.65
N LEU C 235 43.87 18.09 37.05
CA LEU C 235 42.88 19.14 37.06
C LEU C 235 43.03 19.91 38.39
N LYS C 236 42.38 21.05 38.47
CA LYS C 236 42.31 21.84 39.70
C LYS C 236 41.29 21.29 40.63
N THR C 237 40.12 20.86 40.07
CA THR C 237 39.04 20.30 40.90
C THR C 237 39.43 19.11 41.81
N ARG C 238 38.87 19.06 42.99
CA ARG C 238 39.03 17.90 43.86
C ARG C 238 37.71 17.28 44.27
N LYS C 239 36.77 17.38 43.36
CA LYS C 239 35.47 16.83 43.53
C LYS C 239 35.27 15.88 42.34
N VAL C 240 34.82 14.69 42.64
CA VAL C 240 34.68 13.59 41.65
C VAL C 240 33.46 12.75 41.98
N ASN C 241 32.76 12.30 40.93
CA ASN C 241 31.75 11.27 41.06
C ASN C 241 32.31 9.93 40.57
N ILE C 242 32.48 8.97 41.49
CA ILE C 242 33.23 7.75 41.21
C ILE C 242 32.34 6.63 40.67
N GLY C 243 31.08 6.92 40.40
CA GLY C 243 30.13 5.97 39.81
C GLY C 243 29.58 4.96 40.77
N MET C 244 29.86 3.69 40.46
CA MET C 244 29.40 2.52 41.23
C MET C 244 27.91 2.23 41.17
N ASP C 245 27.27 2.60 40.06
CA ASP C 245 25.89 2.19 39.86
C ASP C 245 25.91 0.83 39.15
N GLU C 246 24.80 0.12 39.21
CA GLU C 246 24.45 -0.98 38.23
C GLU C 246 25.54 -2.05 38.04
N ALA C 247 26.03 -2.58 39.17
CA ALA C 247 27.00 -3.67 39.10
C ALA C 247 26.27 -4.95 39.59
N HIS C 248 25.21 -5.33 38.90
CA HIS C 248 24.26 -6.36 39.33
C HIS C 248 24.92 -7.71 39.62
N LEU C 249 25.82 -8.12 38.76
CA LEU C 249 26.50 -9.42 38.92
C LEU C 249 27.87 -9.34 39.66
N VAL C 250 28.13 -8.26 40.40
CA VAL C 250 29.38 -8.09 41.11
C VAL C 250 29.63 -9.30 42.04
N GLY C 251 30.86 -9.83 41.98
CA GLY C 251 31.20 -10.96 42.81
C GLY C 251 30.84 -12.31 42.23
N LEU C 252 30.17 -12.35 41.06
CA LEU C 252 29.66 -13.60 40.52
C LEU C 252 30.34 -14.16 39.33
N GLY C 253 31.44 -13.56 38.86
CA GLY C 253 32.05 -14.09 37.69
C GLY C 253 33.40 -14.68 38.03
N ARG C 254 34.43 -14.09 37.46
CA ARG C 254 35.77 -14.50 37.88
C ARG C 254 35.98 -14.38 39.38
N TYR C 255 35.35 -13.38 40.02
CA TYR C 255 35.49 -13.27 41.47
C TYR C 255 35.09 -14.56 42.23
N LEU C 256 33.94 -15.14 41.82
CA LEU C 256 33.40 -16.31 42.41
C LEU C 256 34.27 -17.54 42.11
N ILE C 257 34.75 -17.65 40.87
CA ILE C 257 35.66 -18.73 40.46
C ILE C 257 36.93 -18.71 41.36
N LEU C 258 37.55 -17.55 41.53
CA LEU C 258 38.75 -17.44 42.35
C LEU C 258 38.53 -17.54 43.88
N ASN C 259 37.44 -16.97 44.40
CA ASN C 259 37.26 -16.67 45.82
C ASN C 259 36.07 -17.37 46.49
N GLY C 260 35.22 -18.02 45.70
CA GLY C 260 33.98 -18.55 46.20
C GLY C 260 32.94 -17.50 46.57
N VAL C 261 31.95 -18.00 47.32
CA VAL C 261 30.79 -17.25 47.73
C VAL C 261 31.20 -16.32 48.85
N VAL C 262 30.86 -15.05 48.74
CA VAL C 262 31.15 -14.10 49.80
C VAL C 262 29.91 -13.26 50.01
N ASP C 263 29.81 -12.55 51.15
CA ASP C 263 28.78 -11.52 51.35
C ASP C 263 29.06 -10.37 50.39
N ARG C 264 28.18 -10.19 49.40
CA ARG C 264 28.46 -9.21 48.36
C ARG C 264 28.34 -7.74 48.80
N SER C 265 27.53 -7.52 49.82
CA SER C 265 27.42 -6.20 50.39
C SER C 265 28.73 -5.82 51.05
N LEU C 266 29.33 -6.77 51.75
CA LEU C 266 30.65 -6.53 52.36
C LEU C 266 31.72 -6.36 51.27
N LEU C 267 31.56 -7.11 50.18
CA LEU C 267 32.45 -7.01 49.05
C LEU C 267 32.45 -5.60 48.46
N MET C 268 31.27 -5.03 48.26
CA MET C 268 31.12 -3.65 47.77
C MET C 268 31.74 -2.71 48.78
N CYS C 269 31.56 -2.97 50.06
CA CYS C 269 32.18 -2.10 51.06
C CYS C 269 33.71 -2.10 50.97
N GLN C 270 34.26 -3.29 50.81
CA GLN C 270 35.73 -3.41 50.65
C GLN C 270 36.26 -2.65 49.49
N HIS C 271 35.58 -2.79 48.36
CA HIS C 271 36.03 -2.05 47.15
C HIS C 271 35.92 -0.54 47.35
N LEU C 272 34.76 -0.11 47.81
CA LEU C 272 34.54 1.30 48.04
C LEU C 272 35.66 1.89 48.95
N GLU C 273 36.06 1.13 49.94
CA GLU C 273 37.04 1.61 50.89
C GLU C 273 38.35 1.77 50.19
N ARG C 274 38.70 0.81 49.35
CA ARG C 274 39.97 0.90 48.60
C ARG C 274 39.90 2.10 47.69
N VAL C 275 38.75 2.33 47.06
CA VAL C 275 38.66 3.47 46.12
C VAL C 275 38.71 4.79 46.87
N LEU C 276 38.03 4.85 48.02
CA LEU C 276 38.08 6.10 48.81
C LEU C 276 39.48 6.36 49.29
N ASP C 277 40.20 5.28 49.65
CA ASP C 277 41.65 5.44 50.01
C ASP C 277 42.48 5.99 48.92
N ILE C 278 42.24 5.55 47.68
CA ILE C 278 42.96 6.13 46.55
C ILE C 278 42.63 7.61 46.30
N ALA C 279 41.37 7.95 46.41
CA ALA C 279 40.90 9.27 46.21
C ALA C 279 41.54 10.17 47.30
N ASP C 280 41.58 9.66 48.54
CA ASP C 280 42.21 10.39 49.66
C ASP C 280 43.67 10.69 49.35
N LYS C 281 44.36 9.71 48.81
CA LYS C 281 45.80 9.88 48.37
C LYS C 281 46.01 11.06 47.47
N TYR C 282 45.06 11.29 46.54
CA TYR C 282 45.18 12.42 45.62
C TYR C 282 44.38 13.65 46.06
N GLY C 283 43.78 13.62 47.27
CA GLY C 283 43.11 14.78 47.90
C GLY C 283 41.66 15.02 47.39
N PHE C 284 41.06 14.01 46.78
CA PHE C 284 39.71 14.15 46.22
C PHE C 284 38.64 13.85 47.23
N HIS C 285 37.50 14.56 47.10
CA HIS C 285 36.24 14.28 47.81
C HIS C 285 35.24 13.64 46.81
N CYS C 286 34.58 12.59 47.24
CA CYS C 286 33.85 11.73 46.31
C CYS C 286 32.36 11.81 46.51
N GLN C 287 31.64 11.71 45.39
CA GLN C 287 30.23 11.48 45.30
C GLN C 287 30.08 10.12 44.59
N MET C 288 28.98 9.41 44.81
CA MET C 288 28.69 8.16 44.09
C MET C 288 27.19 7.94 43.93
N TRP C 289 26.81 7.20 42.89
CA TRP C 289 25.42 6.80 42.72
C TRP C 289 25.10 5.90 43.87
N SER C 290 23.92 6.06 44.44
CA SER C 290 23.62 5.47 45.72
C SER C 290 23.02 4.06 45.57
N ASP C 291 22.74 3.68 44.32
CA ASP C 291 21.76 2.61 44.03
C ASP C 291 22.21 1.24 44.32
N MET C 292 23.48 0.95 44.28
CA MET C 292 23.90 -0.41 44.63
C MET C 292 23.64 -0.61 46.11
N PHE C 293 23.46 0.50 46.82
CA PHE C 293 23.67 0.41 48.26
C PHE C 293 23.49 1.72 48.93
N GLU C 311 24.63 -7.03 60.36
CA GLU C 311 25.21 -6.11 61.36
C GLU C 311 26.65 -5.75 61.01
N GLU C 312 27.47 -6.76 60.68
CA GLU C 312 28.84 -6.47 60.18
C GLU C 312 28.75 -5.53 58.96
N THR C 313 27.69 -5.65 58.16
CA THR C 313 27.56 -4.81 56.95
C THR C 313 27.08 -3.42 57.30
N ARG C 314 26.05 -3.34 58.13
CA ARG C 314 25.59 -2.05 58.65
C ARG C 314 26.75 -1.23 59.22
N VAL C 315 27.61 -1.87 60.03
CA VAL C 315 28.75 -1.19 60.68
C VAL C 315 29.73 -0.66 59.64
N TYR C 316 30.12 -1.52 58.69
CA TYR C 316 31.03 -1.12 57.60
C TYR C 316 30.41 0.05 56.80
N LEU C 317 29.16 -0.08 56.38
CA LEU C 317 28.50 0.97 55.56
C LEU C 317 28.38 2.24 56.35
N ASP C 318 28.03 2.09 57.62
CA ASP C 318 28.01 3.24 58.51
C ASP C 318 29.33 4.01 58.55
N ARG C 319 30.47 3.33 58.60
CA ARG C 319 31.77 4.06 58.58
C ARG C 319 32.02 4.75 57.19
N LEU C 320 31.73 4.05 56.12
CA LEU C 320 32.02 4.60 54.78
C LEU C 320 31.15 5.81 54.46
N LYS C 321 29.93 5.84 54.94
CA LYS C 321 29.02 6.93 54.57
C LYS C 321 29.47 8.32 54.99
N ASP C 322 30.35 8.47 55.97
CA ASP C 322 30.92 9.82 56.32
C ASP C 322 31.97 10.30 55.37
N ARG C 323 32.34 9.46 54.37
CA ARG C 323 33.42 9.74 53.52
C ARG C 323 32.96 10.00 52.08
N VAL C 324 31.65 9.86 51.81
CA VAL C 324 31.16 10.00 50.46
C VAL C 324 29.79 10.73 50.49
N THR C 325 29.47 11.44 49.40
CA THR C 325 28.17 11.98 49.23
C THR C 325 27.41 10.99 48.40
N LEU C 326 26.25 10.54 48.84
CA LEU C 326 25.42 9.66 48.04
C LEU C 326 24.50 10.46 47.08
N VAL C 327 24.45 10.01 45.83
CA VAL C 327 23.55 10.65 44.83
C VAL C 327 22.36 9.75 44.51
N TYR C 328 21.20 10.18 44.95
CA TYR C 328 19.95 9.51 44.60
C TYR C 328 19.54 10.05 43.23
N TRP C 329 19.51 9.15 42.27
CA TRP C 329 19.19 9.47 40.83
C TRP C 329 17.77 8.96 40.55
N ASP C 330 16.96 9.79 39.93
CA ASP C 330 15.64 9.37 39.53
C ASP C 330 15.13 10.30 38.44
N TYR C 331 14.73 9.72 37.34
CA TYR C 331 14.40 10.51 36.13
C TYR C 331 12.96 10.36 35.75
N TYR C 332 12.19 9.71 36.61
CA TYR C 332 10.96 9.08 36.23
C TYR C 332 9.66 9.47 36.93
N GLN C 333 9.70 9.90 38.17
CA GLN C 333 8.47 9.95 38.97
C GLN C 333 7.66 11.18 38.69
N ASP C 334 6.33 11.00 38.66
CA ASP C 334 5.46 12.11 38.34
C ASP C 334 4.84 12.87 39.53
N SER C 335 5.31 12.65 40.75
CA SER C 335 4.75 13.34 41.90
C SER C 335 5.78 13.46 42.98
N GLU C 336 5.75 14.56 43.72
CA GLU C 336 6.65 14.73 44.84
C GLU C 336 6.73 13.58 45.84
N GLU C 337 5.58 12.99 46.22
CA GLU C 337 5.58 11.96 47.25
C GLU C 337 6.44 10.73 46.89
N LYS C 338 6.49 10.42 45.60
CA LYS C 338 7.25 9.28 45.12
C LYS C 338 8.72 9.54 45.38
N TYR C 339 9.19 10.76 45.13
CA TYR C 339 10.60 11.09 45.37
C TYR C 339 10.78 11.08 46.88
N ASN C 340 9.82 11.63 47.60
CA ASN C 340 9.98 11.83 49.05
C ASN C 340 10.19 10.51 49.79
N ARG C 341 9.49 9.46 49.38
CA ARG C 341 9.66 8.09 49.97
C ARG C 341 11.12 7.59 49.82
N ASN C 342 11.73 7.91 48.68
CA ASN C 342 13.06 7.45 48.42
C ASN C 342 14.00 8.34 49.11
N PHE C 343 13.67 9.62 49.25
CA PHE C 343 14.54 10.45 50.08
C PHE C 343 14.54 9.92 51.53
N ARG C 344 13.35 9.54 52.02
CA ARG C 344 13.23 8.99 53.40
C ARG C 344 14.10 7.77 53.57
N ASN C 345 14.03 6.87 52.58
CA ASN C 345 14.77 5.63 52.67
C ASN C 345 16.28 5.87 52.60
N HIS C 346 16.75 6.90 51.87
CA HIS C 346 18.17 7.28 51.88
C HIS C 346 18.63 7.80 53.24
N HIS C 347 17.76 8.56 53.90
CA HIS C 347 18.05 9.13 55.23
C HIS C 347 18.33 8.06 56.31
N LYS C 348 17.76 6.87 56.14
CA LYS C 348 18.16 5.66 56.89
C LYS C 348 19.70 5.41 56.87
N ILE C 349 20.35 5.75 55.76
CA ILE C 349 21.80 5.63 55.61
C ILE C 349 22.52 6.92 55.95
N SER C 350 22.11 8.03 55.34
CA SER C 350 22.91 9.26 55.38
C SER C 350 22.10 10.45 55.04
N HIS C 351 22.55 11.60 55.53
CA HIS C 351 21.99 12.91 55.20
C HIS C 351 22.97 13.72 54.31
N ASP C 352 24.06 13.10 53.93
CA ASP C 352 24.97 13.70 52.97
C ASP C 352 24.54 13.20 51.59
N LEU C 353 23.55 13.87 51.01
CA LEU C 353 22.89 13.38 49.80
C LEU C 353 22.88 14.46 48.76
N ALA C 354 22.98 14.06 47.51
CA ALA C 354 22.60 14.96 46.42
C ALA C 354 21.49 14.29 45.60
N PHE C 355 20.86 15.03 44.68
CA PHE C 355 19.83 14.46 43.83
C PHE C 355 20.22 14.64 42.37
N ALA C 356 20.04 13.60 41.57
CA ALA C 356 20.19 13.68 40.13
C ALA C 356 18.88 13.50 39.43
N GLY C 357 18.55 14.51 38.64
CA GLY C 357 17.36 14.48 37.81
C GLY C 357 17.82 14.27 36.37
N GLY C 358 16.92 14.40 35.43
CA GLY C 358 17.19 13.99 34.06
C GLY C 358 16.67 14.94 32.99
N ALA C 359 17.60 15.33 32.09
CA ALA C 359 17.28 16.05 30.88
C ALA C 359 17.21 14.95 29.83
N TRP C 360 16.01 14.49 29.48
CA TRP C 360 15.85 13.32 28.64
C TRP C 360 16.35 13.40 27.18
N LYS C 361 17.60 12.93 26.97
CA LYS C 361 18.16 12.92 25.63
C LYS C 361 18.81 11.58 25.26
N TRP C 362 18.34 10.53 25.89
CA TRP C 362 18.89 9.15 25.75
C TRP C 362 17.93 8.17 25.11
N ILE C 363 16.92 8.65 24.33
CA ILE C 363 15.97 7.76 23.73
C ILE C 363 15.96 7.83 22.19
N GLY C 364 17.14 8.02 21.59
CA GLY C 364 17.37 7.83 20.15
C GLY C 364 17.88 9.09 19.58
N PHE C 365 17.11 9.69 18.65
CA PHE C 365 17.49 10.92 17.97
C PHE C 365 16.88 12.20 18.49
N THR C 366 15.80 12.10 19.24
CA THR C 366 14.93 13.17 19.57
C THR C 366 14.79 13.16 21.11
N PRO C 367 14.90 14.32 21.76
CA PRO C 367 14.83 14.40 23.23
C PRO C 367 13.37 14.41 23.69
N HIS C 368 13.20 14.51 24.99
CA HIS C 368 11.88 14.66 25.61
C HIS C 368 11.92 15.74 26.65
N ASN C 369 12.05 16.98 26.17
CA ASN C 369 12.04 18.09 27.05
C ASN C 369 10.70 18.22 27.79
N HIS C 370 9.61 17.87 27.11
CA HIS C 370 8.27 17.92 27.75
C HIS C 370 8.16 17.04 29.00
N PHE C 371 8.58 15.78 28.89
CA PHE C 371 8.59 14.86 30.05
C PHE C 371 9.56 15.40 31.07
N SER C 372 10.71 15.88 30.67
CA SER C 372 11.63 16.42 31.63
C SER C 372 11.05 17.54 32.45
N ARG C 373 10.26 18.39 31.78
CA ARG C 373 9.65 19.52 32.51
C ARG C 373 8.70 18.98 33.58
N LEU C 374 7.88 18.02 33.16
CA LEU C 374 6.90 17.39 34.04
C LEU C 374 7.55 16.86 35.32
N VAL C 375 8.60 16.03 35.16
CA VAL C 375 9.24 15.47 36.35
C VAL C 375 10.09 16.48 37.13
N ALA C 376 10.67 17.48 36.45
CA ALA C 376 11.39 18.48 37.17
C ALA C 376 10.56 19.25 38.23
N ILE C 377 9.37 19.65 37.83
CA ILE C 377 8.47 20.40 38.68
C ILE C 377 8.26 19.66 40.00
N GLU C 378 8.05 18.35 39.93
CA GLU C 378 7.81 17.49 41.09
C GLU C 378 9.07 17.13 41.86
N ALA C 379 10.14 16.83 41.14
CA ALA C 379 11.46 16.58 41.78
C ALA C 379 11.90 17.83 42.53
N ASN C 380 11.74 19.03 41.95
CA ASN C 380 12.08 20.27 42.69
C ASN C 380 11.29 20.40 43.99
N LYS C 381 10.01 20.09 43.97
CA LYS C 381 9.27 20.13 45.25
C LYS C 381 9.87 19.18 46.30
N ALA C 382 10.27 17.98 45.87
CA ALA C 382 10.78 16.99 46.79
C ALA C 382 12.17 17.31 47.30
N CYS C 383 13.01 17.83 46.40
CA CYS C 383 14.35 18.29 46.80
C CYS C 383 14.23 19.40 47.87
N ARG C 384 13.37 20.37 47.63
CA ARG C 384 13.18 21.44 48.60
C ARG C 384 12.65 20.90 49.94
N ALA C 385 11.70 19.99 49.88
CA ALA C 385 11.10 19.43 51.10
C ALA C 385 12.12 18.68 51.90
N ASN C 386 13.18 18.20 51.26
CA ASN C 386 14.19 17.40 51.96
C ASN C 386 15.51 18.10 52.19
N GLN C 387 15.55 19.42 52.02
CA GLN C 387 16.70 20.25 52.30
C GLN C 387 17.88 19.79 51.49
N ILE C 388 17.63 19.36 50.26
CA ILE C 388 18.73 18.93 49.38
C ILE C 388 19.57 20.09 48.92
N LYS C 389 20.88 19.96 49.00
CA LYS C 389 21.71 21.10 48.67
C LYS C 389 22.19 21.13 47.23
N GLU C 390 22.29 19.99 46.59
CA GLU C 390 22.88 19.89 45.27
C GLU C 390 21.99 19.11 44.36
N VAL C 391 21.65 19.67 43.19
CA VAL C 391 20.99 18.94 42.13
C VAL C 391 21.90 18.81 40.91
N ILE C 392 22.07 17.59 40.41
CA ILE C 392 22.73 17.33 39.12
C ILE C 392 21.64 16.92 38.12
N VAL C 393 21.62 17.62 36.98
CA VAL C 393 20.77 17.30 35.87
C VAL C 393 21.62 16.43 34.92
N THR C 394 21.15 15.21 34.63
CA THR C 394 21.95 14.29 33.83
C THR C 394 21.49 14.32 32.37
N GLY C 395 22.45 14.24 31.47
CA GLY C 395 22.17 14.20 30.04
C GLY C 395 22.70 12.94 29.39
N TRP C 396 22.19 11.82 29.79
CA TRP C 396 22.67 10.49 29.25
C TRP C 396 22.41 10.37 27.78
N GLY C 397 23.12 9.42 27.14
CA GLY C 397 23.06 9.23 25.68
C GLY C 397 22.97 7.79 25.27
N ASP C 398 22.22 6.98 26.04
CA ASP C 398 22.12 5.54 25.87
C ASP C 398 22.13 5.00 24.48
N ASN C 399 23.00 4.00 24.27
CA ASN C 399 22.95 3.14 23.09
C ASN C 399 23.29 3.95 21.80
N GLY C 400 24.38 4.76 21.88
CA GLY C 400 24.95 5.37 20.72
C GLY C 400 25.04 6.87 20.65
N GLY C 401 24.44 7.56 21.62
CA GLY C 401 24.56 8.98 21.65
C GLY C 401 23.93 9.73 20.48
N GLU C 402 22.82 9.23 19.93
CA GLU C 402 22.23 9.71 18.65
C GLU C 402 21.44 11.02 18.82
N THR C 403 21.19 11.45 20.05
CA THR C 403 20.49 12.75 20.27
C THR C 403 21.40 13.93 20.41
N ALA C 404 21.02 15.07 19.83
CA ALA C 404 21.93 16.16 19.86
C ALA C 404 22.29 16.62 21.28
N GLN C 405 23.52 17.07 21.45
CA GLN C 405 24.00 17.58 22.76
C GLN C 405 23.26 18.86 23.21
N PHE C 406 22.85 19.71 22.27
CA PHE C 406 22.20 20.96 22.61
C PHE C 406 20.66 20.85 22.55
N SER C 407 20.18 19.63 22.32
CA SER C 407 18.72 19.40 22.23
C SER C 407 17.92 19.67 23.49
N ILE C 408 18.57 19.67 24.67
CA ILE C 408 17.91 19.73 25.92
C ILE C 408 18.04 21.11 26.61
N LEU C 409 18.51 22.15 25.90
CA LEU C 409 18.58 23.46 26.51
C LEU C 409 17.30 23.83 27.28
N PRO C 410 16.11 23.50 26.76
CA PRO C 410 14.97 23.89 27.57
C PRO C 410 14.88 23.26 28.93
N SER C 411 15.21 21.98 28.99
CA SER C 411 15.25 21.28 30.27
C SER C 411 16.30 21.87 31.22
N LEU C 412 17.43 22.34 30.69
CA LEU C 412 18.36 22.96 31.52
C LEU C 412 17.83 24.29 32.09
N GLN C 413 17.20 25.09 31.27
CA GLN C 413 16.62 26.36 31.74
C GLN C 413 15.54 26.13 32.79
N ILE C 414 14.78 25.05 32.62
CA ILE C 414 13.71 24.72 33.55
C ILE C 414 14.25 24.44 34.93
N TRP C 415 15.30 23.62 35.02
CA TRP C 415 15.89 23.38 36.33
C TRP C 415 16.47 24.65 36.98
N ALA C 416 17.05 25.52 36.17
CA ALA C 416 17.59 26.81 36.67
C ALA C 416 16.49 27.71 37.19
N GLU C 417 15.41 27.81 36.45
CA GLU C 417 14.24 28.60 36.93
C GLU C 417 13.71 28.02 38.22
N LEU C 418 13.58 26.69 38.29
CA LEU C 418 13.04 26.11 39.53
C LEU C 418 13.93 26.35 40.70
N SER C 419 15.25 26.27 40.54
CA SER C 419 16.16 26.60 41.66
C SER C 419 16.09 28.05 42.08
N TYR C 420 16.16 28.95 41.10
CA TYR C 420 16.31 30.39 41.38
C TYR C 420 14.99 31.10 41.73
N ARG C 421 13.88 30.61 41.20
CA ARG C 421 12.61 31.31 41.35
C ARG C 421 11.51 30.45 41.94
N ASN C 422 11.67 29.13 41.90
CA ASN C 422 10.65 28.19 42.31
C ASN C 422 9.41 28.27 41.43
N ASP C 423 9.55 28.73 40.20
CA ASP C 423 8.41 28.72 39.25
C ASP C 423 9.01 28.87 37.89
N LEU C 424 8.17 28.73 36.87
CA LEU C 424 8.55 28.86 35.46
C LEU C 424 8.01 30.13 34.77
N ASP C 425 7.65 31.12 35.57
CA ASP C 425 7.11 32.35 35.03
C ASP C 425 8.06 33.07 34.08
N GLY C 426 9.37 32.98 34.32
CA GLY C 426 10.34 33.64 33.50
C GLY C 426 10.98 32.73 32.44
N LEU C 427 10.50 31.49 32.37
CA LEU C 427 11.17 30.46 31.58
C LEU C 427 11.34 30.88 30.11
N SER C 428 10.22 31.23 29.47
CA SER C 428 10.31 31.51 28.06
C SER C 428 11.15 32.71 27.73
N ALA C 429 10.98 33.76 28.55
CA ALA C 429 11.64 35.02 28.33
C ALA C 429 13.13 34.94 28.60
N HIS C 430 13.56 34.26 29.67
CA HIS C 430 15.01 34.11 29.91
C HIS C 430 15.57 33.22 28.82
N PHE C 431 14.82 32.20 28.49
CA PHE C 431 15.26 31.26 27.43
C PHE C 431 15.54 31.95 26.08
N LYS C 432 14.61 32.81 25.68
CA LYS C 432 14.71 33.59 24.42
C LYS C 432 15.87 34.58 24.47
N THR C 433 16.10 35.20 25.61
CA THR C 433 17.30 36.01 25.79
C THR C 433 18.55 35.26 25.55
N ASN C 434 18.58 34.05 26.13
CA ASN C 434 19.75 33.23 26.05
C ASN C 434 19.99 32.55 24.69
N THR C 435 18.94 32.24 23.96
CA THR C 435 19.11 31.43 22.77
C THR C 435 18.57 32.06 21.50
N GLY C 436 17.70 33.02 21.66
CA GLY C 436 17.08 33.69 20.51
C GLY C 436 15.72 33.08 20.13
N LEU C 437 15.34 31.93 20.75
CA LEU C 437 14.07 31.29 20.50
C LEU C 437 13.25 31.28 21.71
N THR C 438 11.94 31.26 21.53
CA THR C 438 11.13 31.02 22.67
C THR C 438 11.26 29.54 23.11
N VAL C 439 10.97 29.33 24.38
CA VAL C 439 11.05 27.93 24.92
C VAL C 439 10.07 27.03 24.23
N GLU C 440 8.88 27.56 23.96
CA GLU C 440 7.87 26.78 23.28
C GLU C 440 8.29 26.40 21.87
N ASP C 441 8.85 27.32 21.08
CA ASP C 441 9.40 26.97 19.79
C ASP C 441 10.55 25.90 19.87
N PHE C 442 11.47 26.12 20.78
CA PHE C 442 12.62 25.22 20.98
C PHE C 442 12.12 23.82 21.33
N MET C 443 11.15 23.74 22.23
CA MET C 443 10.62 22.48 22.64
C MET C 443 9.83 21.70 21.57
N GLN C 444 9.54 22.30 20.40
CA GLN C 444 9.06 21.54 19.28
C GLN C 444 10.08 20.50 18.84
N ILE C 445 11.37 20.68 19.21
CA ILE C 445 12.40 19.67 18.91
C ILE C 445 11.97 18.24 19.30
N ASP C 446 11.12 18.14 20.30
CA ASP C 446 10.56 16.87 20.89
C ASP C 446 9.59 16.16 19.98
N LEU C 447 9.15 16.80 18.87
CA LEU C 447 7.91 16.37 18.19
C LEU C 447 7.87 14.88 17.74
N ALA C 448 8.95 14.33 17.31
CA ALA C 448 8.89 12.93 16.85
C ALA C 448 8.55 11.93 17.92
N ASN C 449 8.63 12.35 19.18
CA ASN C 449 8.14 11.53 20.31
C ASN C 449 6.71 11.84 20.77
N LEU C 450 6.19 12.98 20.33
CA LEU C 450 4.98 13.54 20.92
C LEU C 450 3.76 13.03 20.23
N LEU C 451 3.59 11.74 20.18
CA LEU C 451 2.35 11.21 19.56
C LEU C 451 1.12 11.65 20.32
N PRO C 452 0.03 12.02 19.59
CA PRO C 452 -1.05 12.76 20.24
C PRO C 452 -1.86 11.99 21.26
N ASP C 453 -1.83 10.67 21.21
CA ASP C 453 -2.63 9.90 22.18
C ASP C 453 -1.85 9.44 23.39
N LEU C 454 -0.63 9.95 23.58
CA LEU C 454 0.14 9.57 24.79
C LEU C 454 -0.17 10.45 25.98
N PRO C 455 -0.23 9.89 27.17
CA PRO C 455 -0.39 10.72 28.32
C PRO C 455 0.94 11.32 28.63
N GLY C 456 0.92 12.47 29.24
CA GLY C 456 2.24 13.21 29.40
C GLY C 456 3.24 12.59 30.36
N ASN C 457 2.82 11.64 31.18
CA ASN C 457 3.57 11.21 32.35
C ASN C 457 4.19 9.82 32.26
N LEU C 458 4.37 9.31 31.05
CA LEU C 458 4.94 7.99 30.85
C LEU C 458 6.24 8.19 30.04
N SER C 459 7.31 7.68 30.59
CA SER C 459 8.63 7.90 30.04
C SER C 459 9.05 6.87 29.00
N GLY C 460 10.05 7.24 28.20
CA GLY C 460 10.68 6.26 27.31
C GLY C 460 10.01 5.97 26.01
N ILE C 461 8.84 6.59 25.74
CA ILE C 461 8.12 6.27 24.55
C ILE C 461 8.78 6.98 23.39
N ASN C 462 9.33 6.18 22.52
CA ASN C 462 10.36 6.70 21.61
C ASN C 462 10.22 6.28 20.18
N PRO C 463 9.08 6.63 19.57
CA PRO C 463 8.90 6.23 18.17
C PRO C 463 9.86 6.92 17.19
N ASN C 464 10.43 8.06 17.59
CA ASN C 464 11.45 8.71 16.77
C ASN C 464 12.45 7.66 16.33
N ARG C 465 12.75 6.73 17.27
CA ARG C 465 13.92 5.85 17.03
C ARG C 465 13.49 4.56 16.40
N TYR C 466 12.46 3.92 16.94
CA TYR C 466 12.07 2.63 16.48
C TYR C 466 11.34 2.62 15.10
N VAL C 467 10.64 3.70 14.82
CA VAL C 467 10.07 3.88 13.46
C VAL C 467 11.21 3.97 12.47
N PHE C 468 12.26 4.67 12.86
CA PHE C 468 13.34 4.90 11.94
C PHE C 468 14.05 3.61 11.61
N TYR C 469 14.49 2.91 12.66
CA TYR C 469 15.41 1.80 12.48
C TYR C 469 14.73 0.46 12.18
N GLN C 470 13.39 0.39 12.37
CA GLN C 470 12.64 -0.83 12.03
C GLN C 470 12.88 -1.31 10.61
N ASP C 471 12.89 -2.59 10.40
CA ASP C 471 12.98 -3.20 9.11
C ASP C 471 11.73 -2.91 8.22
N ILE C 472 11.91 -3.07 6.93
CA ILE C 472 10.75 -2.95 6.03
C ILE C 472 9.96 -4.28 5.83
N LEU C 473 10.67 -5.33 5.43
CA LEU C 473 10.09 -6.67 5.16
C LEU C 473 9.62 -7.33 6.41
N CYS C 474 10.33 -7.10 7.54
CA CYS C 474 10.04 -7.77 8.79
C CYS C 474 9.85 -6.70 9.88
N PRO C 475 8.71 -5.98 9.84
CA PRO C 475 8.51 -4.78 10.69
C PRO C 475 8.01 -5.18 12.02
N ILE C 476 8.93 -5.53 12.89
CA ILE C 476 8.59 -6.12 14.18
C ILE C 476 7.99 -5.19 15.20
N LEU C 477 7.93 -3.88 14.90
CA LEU C 477 7.25 -2.90 15.76
C LEU C 477 5.90 -2.45 15.14
N ASP C 478 5.48 -3.14 14.08
CA ASP C 478 4.32 -2.70 13.28
C ASP C 478 3.07 -2.61 14.12
N GLN C 479 2.94 -3.47 15.13
CA GLN C 479 1.77 -3.37 16.04
C GLN C 479 1.69 -2.12 16.86
N HIS C 480 2.80 -1.37 16.96
CA HIS C 480 2.84 -0.20 17.77
C HIS C 480 2.55 1.08 17.04
N MET C 481 2.26 0.96 15.75
CA MET C 481 2.04 2.10 14.90
C MET C 481 0.51 2.34 14.69
N THR C 482 0.13 3.62 14.54
CA THR C 482 -1.28 4.07 14.34
C THR C 482 -1.25 5.05 13.20
N PRO C 483 -1.23 4.54 11.99
CA PRO C 483 -0.97 5.38 10.80
C PRO C 483 -1.93 6.56 10.63
N GLU C 484 -3.21 6.35 10.97
CA GLU C 484 -4.22 7.43 10.87
C GLU C 484 -3.84 8.64 11.71
N GLN C 485 -3.22 8.42 12.87
CA GLN C 485 -2.73 9.47 13.75
C GLN C 485 -1.28 9.90 13.39
N ASP C 486 -0.44 8.87 13.22
CA ASP C 486 1.03 9.11 13.19
C ASP C 486 1.50 9.70 11.89
N LYS C 487 0.95 9.28 10.73
CA LYS C 487 1.40 9.88 9.50
C LYS C 487 1.23 11.43 9.50
N PRO C 488 0.00 11.92 9.79
CA PRO C 488 -0.12 13.36 9.77
C PRO C 488 0.63 14.06 10.87
N HIS C 489 0.74 13.42 12.01
CA HIS C 489 1.51 14.00 13.12
C HIS C 489 2.95 14.30 12.65
N PHE C 490 3.56 13.29 12.12
CA PHE C 490 4.97 13.39 11.66
C PHE C 490 5.05 14.37 10.51
N ALA C 491 4.08 14.34 9.60
CA ALA C 491 4.13 15.24 8.43
C ALA C 491 4.07 16.67 8.89
N GLN C 492 3.16 16.97 9.77
CA GLN C 492 2.98 18.32 10.30
C GLN C 492 4.23 18.74 11.07
N ALA C 493 4.80 17.83 11.85
CA ALA C 493 6.00 18.13 12.58
C ALA C 493 7.11 18.55 11.64
N ALA C 494 7.23 17.94 10.48
CA ALA C 494 8.37 18.26 9.59
C ALA C 494 8.19 19.73 9.14
N GLU C 495 6.92 20.12 8.95
CA GLU C 495 6.60 21.50 8.51
C GLU C 495 6.84 22.49 9.60
N THR C 496 6.40 22.19 10.82
CA THR C 496 6.57 23.05 11.98
C THR C 496 8.05 23.27 12.21
N LEU C 497 8.79 22.13 12.17
CA LEU C 497 10.22 22.24 12.46
C LEU C 497 11.01 23.06 11.45
N ALA C 498 10.67 22.89 10.18
CA ALA C 498 11.32 23.68 9.11
C ALA C 498 11.13 25.15 9.34
N ASN C 499 9.96 25.54 9.82
CA ASN C 499 9.67 26.95 10.14
C ASN C 499 10.49 27.44 11.31
N ILE C 500 10.70 26.58 12.32
CA ILE C 500 11.51 26.98 13.46
C ILE C 500 12.96 27.08 13.00
N LYS C 501 13.40 26.18 12.15
CA LYS C 501 14.77 26.14 11.65
C LYS C 501 15.10 27.51 11.04
N GLU C 502 14.14 28.01 10.27
CA GLU C 502 14.38 29.22 9.49
C GLU C 502 14.66 30.41 10.33
N LYS C 503 14.29 30.36 11.62
CA LYS C 503 14.54 31.44 12.57
C LYS C 503 15.32 31.10 13.85
N ALA C 504 16.02 29.98 13.86
CA ALA C 504 16.68 29.46 15.08
C ALA C 504 18.14 29.89 15.17
N GLY C 505 18.59 30.70 14.20
CA GLY C 505 20.02 31.10 14.15
C GLY C 505 21.05 30.00 14.33
N ASN C 506 21.93 30.12 15.34
CA ASN C 506 23.02 29.13 15.49
C ASN C 506 22.54 27.74 15.93
N TYR C 507 21.27 27.65 16.30
CA TYR C 507 20.65 26.37 16.62
C TYR C 507 19.85 25.77 15.51
N ALA C 508 19.88 26.39 14.31
CA ALA C 508 19.08 25.83 13.26
C ALA C 508 19.36 24.38 12.92
N TYR C 509 20.61 23.95 12.97
CA TYR C 509 20.97 22.59 12.64
C TYR C 509 20.16 21.60 13.42
N LEU C 510 19.80 21.93 14.67
CA LEU C 510 19.05 20.96 15.51
C LEU C 510 17.69 20.69 14.93
N PHE C 511 17.12 21.76 14.40
CA PHE C 511 15.77 21.71 13.85
C PHE C 511 15.71 21.11 12.45
N GLU C 512 16.72 21.39 11.68
CA GLU C 512 16.84 20.82 10.33
C GLU C 512 16.95 19.29 10.39
N THR C 513 17.72 18.78 11.37
CA THR C 513 17.80 17.34 11.57
C THR C 513 16.39 16.76 11.85
N GLN C 514 15.77 17.33 12.84
CA GLN C 514 14.48 16.82 13.30
C GLN C 514 13.39 16.97 12.22
N ALA C 515 13.41 18.07 11.48
CA ALA C 515 12.43 18.14 10.35
C ALA C 515 12.56 16.97 9.38
N GLN C 516 13.78 16.63 9.01
CA GLN C 516 14.00 15.61 8.05
C GLN C 516 13.63 14.24 8.61
N LEU C 517 13.94 14.08 9.90
CA LEU C 517 13.59 12.86 10.59
C LEU C 517 12.06 12.66 10.51
N ASN C 518 11.32 13.66 10.93
CA ASN C 518 9.80 13.58 10.89
C ASN C 518 9.27 13.35 9.47
N ALA C 519 9.87 13.97 8.51
CA ALA C 519 9.46 13.75 7.09
C ALA C 519 9.60 12.27 6.70
N ILE C 520 10.76 11.62 7.08
CA ILE C 520 10.96 10.23 6.87
C ILE C 520 9.92 9.40 7.63
N LEU C 521 9.69 9.67 8.91
CA LEU C 521 8.79 8.84 9.69
C LEU C 521 7.32 8.90 9.17
N SER C 522 7.00 10.05 8.55
CA SER C 522 5.61 10.21 8.06
C SER C 522 5.24 9.15 7.04
N SER C 523 6.16 8.69 6.22
CA SER C 523 5.92 7.61 5.26
C SER C 523 6.36 6.25 5.76
N LYS C 524 7.48 6.22 6.50
CA LYS C 524 8.01 4.92 6.94
C LYS C 524 7.19 4.26 8.01
N VAL C 525 6.41 5.03 8.76
CA VAL C 525 5.65 4.47 9.84
C VAL C 525 4.73 3.33 9.39
N ASP C 526 4.27 3.37 8.13
CA ASP C 526 3.39 2.32 7.64
C ASP C 526 3.77 1.70 6.35
N VAL C 527 4.96 1.96 5.79
CA VAL C 527 5.28 1.35 4.52
C VAL C 527 5.31 -0.14 4.58
N GLY C 528 5.83 -0.67 5.69
CA GLY C 528 5.87 -2.10 5.91
C GLY C 528 4.46 -2.68 5.93
N ARG C 529 3.56 -1.98 6.56
CA ARG C 529 2.15 -2.47 6.63
C ARG C 529 1.50 -2.41 5.25
N ARG C 530 1.75 -1.34 4.52
CA ARG C 530 1.17 -1.19 3.16
C ARG C 530 1.71 -2.21 2.16
N ILE C 531 2.98 -2.62 2.35
CA ILE C 531 3.52 -3.68 1.54
C ILE C 531 2.76 -4.98 1.82
N ARG C 532 2.53 -5.28 3.07
CA ARG C 532 1.80 -6.50 3.43
C ARG C 532 0.35 -6.40 2.89
N GLN C 533 -0.27 -5.22 2.99
CA GLN C 533 -1.69 -5.04 2.48
C GLN C 533 -1.76 -5.28 0.97
N ALA C 534 -0.87 -4.65 0.23
CA ALA C 534 -0.78 -4.88 -1.21
C ALA C 534 -0.46 -6.34 -1.56
N TYR C 535 0.46 -6.98 -0.83
CA TYR C 535 0.81 -8.35 -1.12
C TYR C 535 -0.40 -9.28 -0.90
N GLN C 536 -1.10 -9.11 0.21
CA GLN C 536 -2.26 -9.97 0.50
C GLN C 536 -3.43 -9.76 -0.51
N ALA C 537 -3.57 -8.54 -1.00
CA ALA C 537 -4.63 -8.14 -1.93
C ALA C 537 -4.21 -8.47 -3.31
N ASP C 538 -3.05 -9.10 -3.42
CA ASP C 538 -2.38 -9.30 -4.69
C ASP C 538 -2.36 -8.07 -5.59
N ASP C 539 -2.21 -6.89 -4.98
CA ASP C 539 -2.15 -5.63 -5.72
C ASP C 539 -0.76 -5.39 -6.23
N LYS C 540 -0.42 -6.08 -7.31
CA LYS C 540 0.92 -6.05 -7.85
C LYS C 540 1.38 -4.68 -8.37
N GLU C 541 0.49 -3.83 -8.86
CA GLU C 541 0.90 -2.48 -9.35
C GLU C 541 1.38 -1.59 -8.15
N SER C 542 0.69 -1.73 -7.02
CA SER C 542 1.04 -0.95 -5.88
C SER C 542 2.42 -1.44 -5.34
N LEU C 543 2.61 -2.75 -5.35
CA LEU C 543 3.90 -3.34 -4.93
C LEU C 543 4.95 -2.82 -5.79
N GLN C 544 4.69 -2.71 -7.10
CA GLN C 544 5.67 -2.16 -8.00
C GLN C 544 6.03 -0.74 -7.69
N GLN C 545 5.00 0.07 -7.39
CA GLN C 545 5.17 1.49 -7.08
C GLN C 545 6.01 1.68 -5.79
N ILE C 546 5.73 0.82 -4.83
CA ILE C 546 6.47 0.83 -3.55
C ILE C 546 7.91 0.46 -3.81
N ALA C 547 8.15 -0.63 -4.52
CA ALA C 547 9.56 -0.95 -4.88
C ALA C 547 10.39 -0.04 -5.74
N ARG C 548 9.75 0.61 -6.74
CA ARG C 548 10.52 1.39 -7.73
C ARG C 548 10.47 2.86 -7.54
N GLN C 549 9.48 3.34 -6.84
CA GLN C 549 9.41 4.74 -6.55
C GLN C 549 9.53 5.02 -5.05
N GLU C 550 8.71 4.43 -4.20
CA GLU C 550 8.66 4.89 -2.82
C GLU C 550 9.95 4.52 -2.03
N LEU C 551 10.37 3.29 -2.14
CA LEU C 551 11.51 2.83 -1.35
C LEU C 551 12.82 3.51 -1.82
N PRO C 552 13.00 3.80 -3.14
CA PRO C 552 14.27 4.46 -3.43
C PRO C 552 14.23 5.90 -2.96
N GLU C 553 13.05 6.47 -2.92
CA GLU C 553 12.91 7.83 -2.43
C GLU C 553 13.16 7.82 -0.91
N LEU C 554 12.74 6.75 -0.25
CA LEU C 554 12.95 6.66 1.20
C LEU C 554 14.45 6.60 1.44
N ARG C 555 15.15 5.79 0.67
CA ARG C 555 16.61 5.71 0.79
C ARG C 555 17.28 7.12 0.59
N SER C 556 16.84 7.86 -0.42
CA SER C 556 17.37 9.18 -0.68
C SER C 556 17.12 10.09 0.49
N GLN C 557 15.95 10.02 1.09
CA GLN C 557 15.66 10.89 2.24
C GLN C 557 16.48 10.46 3.46
N ILE C 558 16.68 9.16 3.64
CA ILE C 558 17.55 8.67 4.77
C ILE C 558 18.99 9.12 4.52
N GLU C 559 19.45 9.09 3.28
CA GLU C 559 20.82 9.58 3.01
C GLU C 559 20.93 11.05 3.39
N ASP C 560 19.93 11.84 3.03
CA ASP C 560 19.87 13.25 3.41
C ASP C 560 19.88 13.43 4.92
N PHE C 561 19.05 12.67 5.64
CA PHE C 561 19.07 12.64 7.12
C PHE C 561 20.50 12.30 7.67
N HIS C 562 21.14 11.27 7.11
CA HIS C 562 22.51 10.89 7.48
C HIS C 562 23.48 12.05 7.37
N ALA C 563 23.37 12.81 6.28
CA ALA C 563 24.22 13.97 6.13
C ALA C 563 23.95 15.06 7.12
N LEU C 564 22.67 15.37 7.39
CA LEU C 564 22.28 16.37 8.38
C LEU C 564 22.74 15.93 9.78
N PHE C 565 22.59 14.64 10.01
CA PHE C 565 22.93 14.04 11.31
C PHE C 565 24.44 14.12 11.51
N SER C 566 25.13 13.85 10.48
CA SER C 566 26.61 13.85 10.48
C SER C 566 27.15 15.29 10.72
N HIS C 567 26.54 16.26 10.05
CA HIS C 567 26.83 17.67 10.33
C HIS C 567 26.64 18.06 11.77
N GLN C 568 25.52 17.65 12.32
CA GLN C 568 25.22 17.90 13.75
C GLN C 568 26.22 17.22 14.69
N TRP C 569 26.53 15.93 14.44
CA TRP C 569 27.43 15.19 15.26
C TRP C 569 28.84 15.84 15.19
N LEU C 570 29.26 16.16 13.98
CA LEU C 570 30.62 16.67 13.88
C LEU C 570 30.69 18.14 14.44
N LYS C 571 29.62 18.85 14.44
CA LYS C 571 29.58 20.18 15.08
C LYS C 571 29.79 20.04 16.59
N GLU C 572 29.05 19.11 17.20
CA GLU C 572 28.99 18.94 18.68
C GLU C 572 30.06 18.01 19.30
N ASN C 573 30.49 17.00 18.58
CA ASN C 573 31.22 15.87 19.11
C ASN C 573 32.56 15.68 18.37
N LYS C 574 33.44 14.89 18.96
CA LYS C 574 34.57 14.40 18.20
C LYS C 574 34.06 13.36 17.13
N VAL C 575 34.89 13.06 16.15
CA VAL C 575 34.50 12.14 15.06
C VAL C 575 34.26 10.71 15.53
N PHE C 576 34.98 10.28 16.57
CA PHE C 576 34.93 8.92 17.03
C PHE C 576 33.47 8.63 17.54
N GLY C 577 32.97 7.43 17.27
CA GLY C 577 31.59 7.12 17.61
C GLY C 577 30.61 7.33 16.48
N LEU C 578 30.92 8.25 15.58
CA LEU C 578 30.03 8.40 14.44
C LEU C 578 29.97 7.12 13.61
N ASP C 579 31.05 6.36 13.67
CA ASP C 579 31.13 5.08 12.91
C ASP C 579 29.99 4.11 13.18
N THR C 580 29.54 4.07 14.42
CA THR C 580 28.41 3.22 14.79
C THR C 580 27.16 3.65 14.09
N VAL C 581 26.95 4.96 14.00
CA VAL C 581 25.80 5.46 13.28
C VAL C 581 25.91 5.16 11.79
N ASP C 582 27.10 5.37 11.18
CA ASP C 582 27.29 4.94 9.81
C ASP C 582 26.92 3.46 9.54
N ILE C 583 27.34 2.59 10.46
CA ILE C 583 27.05 1.19 10.33
C ILE C 583 25.54 0.92 10.43
N ARG C 584 24.91 1.50 11.43
CA ARG C 584 23.45 1.33 11.64
C ARG C 584 22.65 1.86 10.42
N MET C 585 22.98 3.05 10.00
CA MET C 585 22.24 3.63 8.86
C MET C 585 22.52 2.91 7.56
N GLY C 586 23.77 2.53 7.30
CA GLY C 586 24.11 1.72 6.19
C GLY C 586 23.37 0.43 6.13
N GLY C 587 23.24 -0.19 7.29
CA GLY C 587 22.50 -1.43 7.33
C GLY C 587 20.99 -1.23 7.02
N LEU C 588 20.39 -0.17 7.51
CA LEU C 588 18.99 0.15 7.24
C LEU C 588 18.78 0.33 5.73
N LEU C 589 19.67 1.10 5.14
CA LEU C 589 19.64 1.32 3.69
C LEU C 589 19.73 0.02 2.91
N GLN C 590 20.59 -0.90 3.34
CA GLN C 590 20.77 -2.15 2.68
C GLN C 590 19.52 -3.04 2.86
N ARG C 591 18.87 -2.92 4.04
CA ARG C 591 17.63 -3.63 4.23
C ARG C 591 16.47 -3.07 3.37
N ILE C 592 16.49 -1.78 3.12
CA ILE C 592 15.49 -1.19 2.22
C ILE C 592 15.77 -1.72 0.84
N LYS C 593 17.03 -1.79 0.42
CA LYS C 593 17.37 -2.40 -0.84
C LYS C 593 16.91 -3.84 -0.98
N ARG C 594 16.99 -4.61 0.13
CA ARG C 594 16.42 -5.93 0.12
C ARG C 594 14.91 -6.00 -0.08
N ALA C 595 14.19 -5.07 0.50
CA ALA C 595 12.74 -5.00 0.30
C ALA C 595 12.46 -4.74 -1.17
N GLU C 596 13.23 -3.86 -1.79
CA GLU C 596 13.09 -3.63 -3.26
C GLU C 596 13.32 -4.89 -4.08
N SER C 597 14.45 -5.55 -3.81
CA SER C 597 14.85 -6.65 -4.62
C SER C 597 13.95 -7.85 -4.40
N ARG C 598 13.60 -8.14 -3.17
CA ARG C 598 12.65 -9.22 -2.93
C ARG C 598 11.23 -9.01 -3.63
N ILE C 599 10.71 -7.82 -3.57
CA ILE C 599 9.43 -7.55 -4.25
C ILE C 599 9.64 -7.70 -5.77
N GLU C 600 10.79 -7.28 -6.30
CA GLU C 600 11.03 -7.41 -7.77
C GLU C 600 11.08 -8.88 -8.23
N VAL C 601 11.81 -9.70 -7.46
CA VAL C 601 11.94 -11.13 -7.74
C VAL C 601 10.51 -11.74 -7.76
N TYR C 602 9.72 -11.36 -6.77
CA TYR C 602 8.36 -11.83 -6.69
C TYR C 602 7.51 -11.35 -7.89
N LEU C 603 7.60 -10.06 -8.20
CA LEU C 603 6.82 -9.46 -9.30
C LEU C 603 7.19 -10.09 -10.64
N ALA C 604 8.42 -10.60 -10.73
CA ALA C 604 8.92 -11.22 -11.94
C ALA C 604 8.55 -12.68 -12.06
N GLY C 605 7.87 -13.22 -11.07
CA GLY C 605 7.44 -14.61 -11.10
C GLY C 605 8.54 -15.61 -10.74
N GLN C 606 9.67 -15.14 -10.20
CA GLN C 606 10.74 -16.04 -9.75
C GLN C 606 10.59 -16.53 -8.29
N LEU C 607 9.53 -16.12 -7.60
CA LEU C 607 9.08 -16.66 -6.33
C LEU C 607 7.57 -16.78 -6.29
N ASP C 608 7.04 -17.79 -5.60
CA ASP C 608 5.61 -17.99 -5.38
C ASP C 608 5.09 -17.16 -4.23
N ARG C 609 5.97 -16.90 -3.25
CA ARG C 609 5.61 -16.29 -2.00
C ARG C 609 6.83 -15.46 -1.50
N ILE C 610 6.53 -14.40 -0.77
CA ILE C 610 7.59 -13.70 -0.04
C ILE C 610 7.44 -14.10 1.41
N ASP C 611 8.32 -15.00 1.89
CA ASP C 611 8.10 -15.64 3.16
C ASP C 611 8.08 -14.65 4.31
N GLU C 612 8.85 -13.58 4.22
CA GLU C 612 8.87 -12.61 5.30
C GLU C 612 7.45 -12.10 5.59
N LEU C 613 6.70 -11.86 4.48
CA LEU C 613 5.39 -11.24 4.51
C LEU C 613 4.32 -12.18 5.06
N GLU C 614 4.63 -13.45 5.08
CA GLU C 614 3.69 -14.43 5.59
C GLU C 614 3.77 -14.63 7.07
N VAL C 615 4.82 -14.08 7.73
CA VAL C 615 4.86 -14.14 9.19
C VAL C 615 3.95 -13.10 9.81
N GLU C 616 3.11 -13.52 10.75
CA GLU C 616 2.22 -12.64 11.53
C GLU C 616 3.02 -11.84 12.55
N ILE C 617 2.75 -10.53 12.62
CA ILE C 617 3.48 -9.68 13.50
C ILE C 617 2.86 -9.67 14.90
N LEU C 618 3.69 -9.93 15.92
CA LEU C 618 3.28 -9.94 17.29
C LEU C 618 3.64 -8.59 17.94
N PRO C 619 3.07 -8.29 19.10
CA PRO C 619 3.56 -7.14 19.83
C PRO C 619 5.10 -7.28 20.03
N PHE C 620 5.83 -6.20 19.90
CA PHE C 620 7.29 -6.23 20.18
C PHE C 620 7.56 -6.39 21.67
N THR C 621 6.80 -5.70 22.48
CA THR C 621 6.96 -5.72 23.97
C THR C 621 5.58 -5.47 24.58
N ASP C 622 5.34 -6.02 25.75
CA ASP C 622 4.06 -5.75 26.48
C ASP C 622 4.21 -4.69 27.56
N PHE C 623 5.34 -4.00 27.58
CA PHE C 623 5.61 -2.93 28.54
C PHE C 623 4.45 -1.97 28.76
N TYR C 624 3.88 -1.48 27.67
CA TYR C 624 2.72 -0.57 27.76
C TYR C 624 1.41 -1.23 27.24
N ALA C 625 1.39 -2.57 27.25
CA ALA C 625 0.25 -3.38 26.74
C ALA C 625 -1.10 -3.01 27.33
N ASP C 626 -1.06 -2.56 28.57
CA ASP C 626 -2.29 -2.27 29.32
C ASP C 626 -2.83 -0.86 29.08
N LYS C 627 -2.23 -0.13 28.12
CA LYS C 627 -2.61 1.26 27.84
C LYS C 627 -3.38 1.33 26.54
N ASP C 628 -4.08 2.45 26.35
CA ASP C 628 -4.93 2.62 25.20
C ASP C 628 -4.16 2.83 23.91
N PHE C 629 -2.98 3.44 24.02
CA PHE C 629 -2.21 3.86 22.86
C PHE C 629 -1.39 2.65 22.40
N ALA C 630 -0.94 2.65 21.16
CA ALA C 630 -0.27 1.56 20.58
C ALA C 630 1.27 1.68 20.69
N ALA C 631 1.77 2.92 20.88
CA ALA C 631 3.25 3.17 20.95
C ALA C 631 3.85 2.51 22.16
N THR C 632 5.15 2.33 22.11
CA THR C 632 5.85 1.67 23.23
C THR C 632 7.31 2.24 23.36
N THR C 633 8.12 1.53 24.14
CA THR C 633 9.53 1.86 24.39
C THR C 633 10.35 0.75 23.77
N ALA C 634 11.34 1.15 22.97
CA ALA C 634 12.21 0.22 22.39
C ALA C 634 13.54 0.98 22.11
N ASN C 635 14.59 0.70 22.89
CA ASN C 635 15.72 1.56 22.89
C ASN C 635 17.04 0.82 22.77
N GLN C 636 17.04 -0.33 22.09
CA GLN C 636 18.25 -0.96 21.70
C GLN C 636 18.23 -1.15 20.20
N TRP C 637 19.15 -0.55 19.52
CA TRP C 637 19.21 -0.63 18.06
C TRP C 637 19.15 -2.06 17.57
N HIS C 638 19.96 -2.94 18.14
CA HIS C 638 20.10 -4.27 17.60
C HIS C 638 18.82 -5.08 17.69
N THR C 639 17.96 -4.80 18.64
CA THR C 639 16.67 -5.47 18.71
C THR C 639 15.53 -4.75 17.95
N ILE C 640 15.65 -3.45 17.68
CA ILE C 640 14.75 -2.76 16.72
C ILE C 640 14.94 -3.32 15.34
N ALA C 641 16.21 -3.54 14.97
CA ALA C 641 16.55 -3.76 13.56
C ALA C 641 16.32 -5.14 13.02
N THR C 642 16.35 -6.15 13.89
CA THR C 642 16.26 -7.53 13.48
C THR C 642 15.92 -8.38 14.66
N ALA C 643 15.15 -9.44 14.32
CA ALA C 643 14.82 -10.58 15.20
C ALA C 643 15.92 -11.66 15.19
N SER C 644 16.84 -11.55 14.27
CA SER C 644 17.93 -12.49 14.12
C SER C 644 18.99 -12.20 15.19
N THR C 645 19.93 -13.13 15.35
CA THR C 645 21.11 -12.84 16.18
C THR C 645 22.08 -11.87 15.44
N ILE C 646 22.71 -10.97 16.17
CA ILE C 646 23.65 -10.07 15.51
C ILE C 646 24.91 -9.79 16.33
N TYR C 647 24.83 -9.87 17.66
CA TYR C 647 26.05 -9.74 18.46
C TYR C 647 26.43 -11.04 19.21
N THR C 648 25.48 -11.93 19.41
CA THR C 648 25.79 -13.20 20.08
C THR C 648 26.53 -14.19 19.14
N THR C 649 27.26 -15.11 19.75
CA THR C 649 27.91 -16.21 19.03
C THR C 649 26.93 -17.32 18.80
N SER D 23 21.78 -44.62 -16.96
CA SER D 23 22.55 -45.81 -16.53
C SER D 23 21.93 -47.15 -16.98
N MET D 24 22.75 -48.11 -17.42
CA MET D 24 22.25 -49.41 -17.86
C MET D 24 22.45 -50.48 -16.74
N VAL D 25 22.80 -50.03 -15.54
CA VAL D 25 23.03 -50.97 -14.45
C VAL D 25 21.79 -51.81 -14.15
N ARG D 26 21.98 -53.08 -13.85
CA ARG D 26 20.83 -53.95 -13.50
C ARG D 26 21.11 -54.55 -12.10
N PHE D 27 20.13 -54.55 -11.21
CA PHE D 27 20.34 -55.13 -9.87
C PHE D 27 19.45 -56.32 -9.67
N THR D 28 19.90 -57.26 -8.84
CA THR D 28 19.01 -58.24 -8.23
C THR D 28 19.11 -58.14 -6.72
N GLY D 29 17.99 -58.42 -6.05
CA GLY D 29 17.96 -58.45 -4.57
C GLY D 29 17.35 -57.23 -3.91
N LEU D 30 16.95 -56.20 -4.67
CA LEU D 30 16.47 -54.96 -4.07
C LEU D 30 15.01 -54.91 -3.68
N SER D 31 14.70 -54.18 -2.61
CA SER D 31 13.31 -53.85 -2.23
C SER D 31 12.89 -52.71 -3.10
N LEU D 32 11.59 -52.41 -3.12
CA LEU D 32 11.03 -51.25 -3.83
C LEU D 32 11.74 -49.99 -3.19
N LYS D 33 11.90 -50.01 -1.89
CA LYS D 33 12.47 -48.86 -1.17
C LYS D 33 13.91 -48.62 -1.67
N GLN D 34 14.69 -49.68 -1.84
CA GLN D 34 16.06 -49.54 -2.31
C GLN D 34 16.11 -49.10 -3.77
N THR D 35 15.15 -49.61 -4.56
CA THR D 35 15.15 -49.23 -5.98
C THR D 35 14.88 -47.73 -6.15
N GLN D 36 13.96 -47.20 -5.37
CA GLN D 36 13.57 -45.80 -5.41
C GLN D 36 14.74 -44.93 -4.95
N ALA D 37 15.42 -45.42 -3.92
CA ALA D 37 16.56 -44.69 -3.37
C ALA D 37 17.67 -44.55 -4.39
N ILE D 38 17.95 -45.62 -5.14
CA ILE D 38 19.06 -45.62 -6.07
C ILE D 38 18.69 -44.68 -7.23
N GLU D 39 17.43 -44.64 -7.58
CA GLU D 39 16.98 -43.80 -8.68
C GLU D 39 17.25 -42.34 -8.33
N VAL D 40 16.99 -41.98 -7.08
CA VAL D 40 17.40 -40.63 -6.61
C VAL D 40 18.93 -40.39 -6.72
N LEU D 41 19.74 -41.34 -6.28
CA LEU D 41 21.20 -41.19 -6.22
C LEU D 41 21.86 -41.21 -7.55
N LYS D 42 21.13 -41.67 -8.57
CA LYS D 42 21.62 -41.53 -9.93
C LYS D 42 21.84 -40.08 -10.41
N GLY D 43 21.22 -39.12 -9.71
CA GLY D 43 21.43 -37.71 -9.98
C GLY D 43 22.77 -37.21 -9.49
N HIS D 44 23.45 -38.00 -8.63
CA HIS D 44 24.81 -37.71 -8.16
C HIS D 44 25.89 -38.57 -8.76
N ILE D 45 25.62 -39.87 -8.96
CA ILE D 45 26.67 -40.79 -9.36
C ILE D 45 26.22 -41.47 -10.66
N SER D 46 27.23 -41.94 -11.35
CA SER D 46 27.07 -42.55 -12.64
C SER D 46 27.37 -44.07 -12.61
N LEU D 47 26.31 -44.86 -12.55
CA LEU D 47 26.47 -46.31 -12.42
C LEU D 47 26.67 -46.92 -13.80
N PRO D 48 27.75 -47.63 -13.98
CA PRO D 48 28.01 -48.23 -15.26
C PRO D 48 27.16 -49.48 -15.52
N ASP D 49 27.30 -49.97 -16.75
CA ASP D 49 26.48 -51.03 -17.28
C ASP D 49 27.06 -52.34 -16.80
N VAL D 50 26.75 -52.66 -15.56
CA VAL D 50 27.18 -53.90 -14.96
C VAL D 50 25.97 -54.59 -14.30
N GLU D 51 26.15 -55.84 -13.83
CA GLU D 51 25.07 -56.58 -13.13
C GLU D 51 25.47 -56.71 -11.65
N VAL D 52 24.56 -56.38 -10.73
CA VAL D 52 24.92 -56.38 -9.32
C VAL D 52 23.86 -57.12 -8.50
N ALA D 53 24.32 -58.18 -7.86
CA ALA D 53 23.51 -58.96 -6.97
C ALA D 53 23.76 -58.42 -5.58
N VAL D 54 22.70 -58.00 -4.96
CA VAL D 54 22.74 -57.34 -3.68
C VAL D 54 22.06 -58.17 -2.58
N THR D 55 22.70 -58.29 -1.41
CA THR D 55 22.04 -58.85 -0.27
C THR D 55 22.64 -58.27 1.02
N GLN D 56 21.81 -58.26 2.03
CA GLN D 56 22.25 -57.95 3.39
C GLN D 56 23.09 -59.10 3.89
N SER D 57 24.22 -58.79 4.52
CA SER D 57 24.96 -59.80 5.25
C SER D 57 25.65 -59.26 6.49
N ASP D 58 25.78 -60.06 7.55
CA ASP D 58 26.48 -59.64 8.77
C ASP D 58 28.01 -59.64 8.59
N GLN D 59 28.47 -60.14 7.47
CA GLN D 59 29.86 -60.41 7.34
C GLN D 59 30.77 -59.20 7.30
N ALA D 60 30.30 -58.10 6.76
CA ALA D 60 31.13 -56.86 6.70
C ALA D 60 30.20 -55.69 6.65
N SER D 61 30.70 -54.50 6.99
CA SER D 61 29.85 -53.34 6.75
C SER D 61 29.46 -53.25 5.26
N ILE D 62 30.45 -53.36 4.42
CA ILE D 62 30.26 -53.43 2.98
C ILE D 62 31.23 -54.45 2.41
N SER D 63 30.68 -55.28 1.51
CA SER D 63 31.48 -56.17 0.67
C SER D 63 31.08 -56.09 -0.78
N ILE D 64 32.09 -55.99 -1.62
CA ILE D 64 31.91 -56.08 -3.09
C ILE D 64 33.00 -57.00 -3.68
N GLU D 65 32.51 -57.99 -4.41
CA GLU D 65 33.34 -58.90 -5.15
C GLU D 65 32.75 -59.07 -6.56
N GLY D 66 33.63 -59.49 -7.46
CA GLY D 66 33.23 -59.83 -8.85
C GLY D 66 34.19 -59.39 -9.93
N GLU D 67 33.79 -59.66 -11.17
CA GLU D 67 34.59 -59.34 -12.38
C GLU D 67 33.73 -59.47 -13.64
N GLU D 68 34.28 -58.97 -14.75
CA GLU D 68 33.62 -59.05 -16.06
C GLU D 68 32.18 -58.63 -15.99
N GLY D 69 31.91 -57.59 -15.24
CA GLY D 69 30.58 -56.99 -15.26
C GLY D 69 29.52 -57.70 -14.47
N HIS D 70 29.92 -58.64 -13.61
CA HIS D 70 29.01 -59.34 -12.71
C HIS D 70 29.56 -59.18 -11.32
N TYR D 71 28.78 -58.54 -10.45
CA TYR D 71 29.30 -58.21 -9.10
C TYR D 71 28.34 -58.67 -8.01
N GLN D 72 28.92 -59.03 -6.85
CA GLN D 72 28.12 -59.33 -5.64
C GLN D 72 28.39 -58.28 -4.54
N LEU D 73 27.32 -57.63 -4.14
CA LEU D 73 27.38 -56.52 -3.16
C LEU D 73 26.65 -56.94 -1.90
N THR D 74 27.31 -56.82 -0.74
CA THR D 74 26.63 -57.01 0.54
C THR D 74 26.83 -55.79 1.47
N TYR D 75 25.82 -55.59 2.31
CA TYR D 75 25.82 -54.52 3.30
C TYR D 75 25.35 -55.13 4.61
N ARG D 76 25.87 -54.58 5.71
CA ARG D 76 25.30 -54.90 7.04
C ARG D 76 24.06 -54.15 7.42
N LYS D 77 24.07 -52.80 7.40
CA LYS D 77 22.90 -52.01 7.71
C LYS D 77 22.40 -51.39 6.41
N PRO D 78 21.11 -51.22 6.27
CA PRO D 78 20.55 -50.83 4.99
C PRO D 78 21.16 -49.55 4.38
N HIS D 79 21.43 -48.55 5.21
CA HIS D 79 22.03 -47.29 4.65
C HIS D 79 23.35 -47.52 3.97
N GLN D 80 24.08 -48.60 4.31
CA GLN D 80 25.43 -48.82 3.82
C GLN D 80 25.51 -49.29 2.32
N LEU D 81 24.35 -49.66 1.83
CA LEU D 81 24.12 -49.93 0.38
C LEU D 81 24.56 -48.71 -0.43
N TYR D 82 24.26 -47.53 0.08
CA TYR D 82 24.50 -46.32 -0.74
C TYR D 82 25.99 -46.00 -0.81
N ARG D 83 26.74 -46.08 0.29
CA ARG D 83 28.18 -45.97 0.19
C ARG D 83 28.80 -47.06 -0.71
N ALA D 84 28.25 -48.26 -0.59
CA ALA D 84 28.74 -49.33 -1.43
C ALA D 84 28.65 -49.00 -2.92
N LEU D 85 27.52 -48.41 -3.34
CA LEU D 85 27.36 -47.99 -4.74
C LEU D 85 28.42 -46.97 -5.12
N SER D 86 28.69 -46.00 -4.23
CA SER D 86 29.79 -45.05 -4.50
C SER D 86 31.09 -45.75 -4.68
N LEU D 87 31.37 -46.72 -3.82
CA LEU D 87 32.65 -47.41 -3.93
C LEU D 87 32.73 -48.21 -5.25
N LEU D 88 31.60 -48.78 -5.61
CA LEU D 88 31.54 -49.61 -6.81
C LEU D 88 31.78 -48.73 -8.08
N VAL D 89 31.06 -47.62 -8.21
CA VAL D 89 31.30 -46.69 -9.31
C VAL D 89 32.76 -46.30 -9.35
N THR D 90 33.34 -45.95 -8.21
CA THR D 90 34.71 -45.49 -8.20
C THR D 90 35.70 -46.56 -8.74
N VAL D 91 35.56 -47.77 -8.21
CA VAL D 91 36.57 -48.80 -8.41
C VAL D 91 36.54 -49.28 -9.86
N LEU D 92 35.35 -49.27 -10.46
CA LEU D 92 35.18 -49.82 -11.82
C LEU D 92 35.77 -48.88 -12.88
N ALA D 93 36.18 -47.68 -12.46
CA ALA D 93 36.79 -46.71 -13.37
C ALA D 93 38.19 -47.16 -13.73
N GLU D 94 38.90 -47.73 -12.77
CA GLU D 94 40.31 -48.08 -12.90
C GLU D 94 40.57 -49.60 -13.07
N ALA D 95 39.61 -50.47 -12.78
CA ALA D 95 39.85 -51.91 -12.91
C ALA D 95 38.58 -52.75 -13.05
N ASP D 96 38.74 -53.99 -13.51
CA ASP D 96 37.61 -54.91 -13.74
C ASP D 96 37.19 -55.79 -12.53
N LYS D 97 38.17 -56.35 -11.84
CA LYS D 97 37.92 -57.27 -10.71
C LYS D 97 37.81 -56.41 -9.47
N VAL D 98 36.88 -56.72 -8.59
CA VAL D 98 36.64 -55.88 -7.41
C VAL D 98 36.87 -56.75 -6.17
N GLU D 99 37.60 -56.21 -5.21
CA GLU D 99 37.86 -56.90 -3.94
C GLU D 99 37.78 -55.88 -2.78
N ILE D 100 36.55 -55.57 -2.38
CA ILE D 100 36.31 -54.59 -1.34
C ILE D 100 35.75 -55.25 -0.14
N GLU D 101 36.29 -54.88 1.03
CA GLU D 101 35.71 -55.28 2.31
C GLU D 101 35.95 -54.18 3.32
N GLU D 102 34.88 -53.52 3.75
CA GLU D 102 35.04 -52.53 4.79
C GLU D 102 34.36 -52.95 6.10
N GLN D 103 35.01 -52.66 7.20
CA GLN D 103 34.46 -52.87 8.52
C GLN D 103 34.48 -51.49 9.20
N ALA D 104 33.32 -50.88 9.35
CA ALA D 104 33.28 -49.55 9.93
C ALA D 104 33.58 -49.60 11.40
N ALA D 105 34.37 -48.62 11.84
CA ALA D 105 34.73 -48.49 13.26
C ALA D 105 33.59 -48.05 14.14
N TYR D 106 32.66 -47.27 13.62
CA TYR D 106 31.57 -46.69 14.40
C TYR D 106 30.24 -47.23 14.01
N GLU D 107 29.47 -47.57 15.04
CA GLU D 107 28.09 -48.04 14.87
C GLU D 107 27.20 -46.94 14.34
N ASP D 108 27.56 -45.70 14.68
CA ASP D 108 26.83 -44.54 14.19
C ASP D 108 27.81 -43.43 13.86
N LEU D 109 27.61 -42.83 12.68
CA LEU D 109 28.37 -41.68 12.22
C LEU D 109 27.32 -40.64 11.76
N ALA D 110 27.34 -39.48 12.39
CA ALA D 110 26.33 -38.44 12.19
C ALA D 110 27.00 -37.14 11.75
N TYR D 111 26.19 -36.33 11.05
CA TYR D 111 26.51 -34.92 10.77
C TYR D 111 25.43 -34.09 11.36
N MET D 112 25.79 -33.04 12.10
CA MET D 112 24.91 -32.14 12.75
C MET D 112 25.10 -30.72 12.14
N VAL D 113 24.05 -30.23 11.51
CA VAL D 113 24.11 -28.93 10.87
C VAL D 113 23.61 -27.92 11.91
N ASP D 114 24.22 -26.75 12.01
CA ASP D 114 23.71 -25.69 12.88
C ASP D 114 22.61 -24.93 12.16
N CYS D 115 21.39 -24.95 12.73
CA CYS D 115 20.30 -24.17 12.18
C CYS D 115 19.90 -23.05 13.15
N SER D 116 20.79 -22.60 14.02
CA SER D 116 20.48 -21.64 15.06
C SER D 116 21.26 -20.33 15.03
N ARG D 117 22.27 -20.25 14.18
CA ARG D 117 23.16 -19.12 14.09
C ARG D 117 22.81 -18.12 12.95
N ASN D 118 21.53 -18.21 12.54
CA ASN D 118 20.81 -17.38 11.57
C ASN D 118 20.52 -18.16 10.28
N ALA D 119 21.31 -19.15 9.99
CA ALA D 119 21.20 -19.97 8.80
C ALA D 119 20.43 -21.23 9.09
N VAL D 120 19.23 -21.30 8.55
CA VAL D 120 18.34 -22.46 8.74
C VAL D 120 18.33 -23.15 7.38
N LEU D 121 18.91 -24.34 7.34
CA LEU D 121 18.98 -25.14 6.14
C LEU D 121 17.59 -25.32 5.55
N ASN D 122 17.39 -24.96 4.29
CA ASN D 122 16.05 -25.11 3.74
C ASN D 122 15.74 -26.56 3.43
N VAL D 123 14.46 -26.88 3.27
CA VAL D 123 14.11 -28.29 3.04
C VAL D 123 14.80 -28.93 1.84
N ALA D 124 14.84 -28.24 0.72
CA ALA D 124 15.41 -28.80 -0.44
C ALA D 124 16.88 -29.11 -0.26
N SER D 125 17.58 -28.22 0.45
CA SER D 125 19.02 -28.47 0.74
C SER D 125 19.24 -29.58 1.76
N ALA D 126 18.31 -29.75 2.68
CA ALA D 126 18.40 -30.86 3.69
C ALA D 126 18.32 -32.18 2.95
N LYS D 127 17.41 -32.25 1.94
CA LYS D 127 17.29 -33.45 1.08
C LYS D 127 18.56 -33.69 0.33
N GLN D 128 19.15 -32.65 -0.25
CA GLN D 128 20.43 -32.80 -0.99
C GLN D 128 21.57 -33.25 -0.03
N MET D 129 21.64 -32.65 1.15
CA MET D 129 22.63 -33.08 2.16
C MET D 129 22.48 -34.58 2.59
N ILE D 130 21.25 -35.00 2.85
CA ILE D 130 20.90 -36.42 3.13
C ILE D 130 21.38 -37.35 2.02
N GLU D 131 21.17 -36.97 0.77
CA GLU D 131 21.60 -37.82 -0.32
C GLU D 131 23.09 -38.02 -0.28
N ILE D 132 23.79 -36.91 -0.06
CA ILE D 132 25.23 -36.92 -0.07
C ILE D 132 25.78 -37.72 1.17
N LEU D 133 25.18 -37.50 2.31
CA LEU D 133 25.57 -38.23 3.51
C LEU D 133 25.41 -39.77 3.31
N ALA D 134 24.28 -40.14 2.68
CA ALA D 134 24.00 -41.55 2.32
C ALA D 134 25.13 -42.11 1.49
N LEU D 135 25.52 -41.37 0.46
CA LEU D 135 26.59 -41.84 -0.37
C LEU D 135 27.94 -41.96 0.28
N MET D 136 28.19 -41.10 1.24
CA MET D 136 29.39 -41.16 1.99
C MET D 136 29.42 -42.27 3.03
N GLY D 137 28.29 -42.67 3.62
CA GLY D 137 28.32 -43.71 4.68
C GLY D 137 27.77 -43.32 6.02
N TYR D 138 27.23 -42.10 6.12
CA TYR D 138 26.66 -41.59 7.39
C TYR D 138 25.39 -42.34 7.74
N SER D 139 25.19 -42.68 9.01
CA SER D 139 23.91 -43.24 9.48
C SER D 139 22.89 -42.30 9.93
N THR D 140 23.30 -41.10 10.25
CA THR D 140 22.44 -40.21 11.00
C THR D 140 22.62 -38.76 10.59
N PHE D 141 21.51 -38.04 10.58
CA PHE D 141 21.51 -36.59 10.20
C PHE D 141 20.90 -35.86 11.34
N GLU D 142 21.54 -34.74 11.73
CA GLU D 142 21.10 -34.01 12.88
C GLU D 142 21.00 -32.50 12.61
N LEU D 143 20.02 -31.86 13.20
CA LEU D 143 19.88 -30.40 13.09
C LEU D 143 19.95 -29.81 14.49
N TYR D 144 20.77 -28.74 14.63
CA TYR D 144 20.91 -28.03 15.91
C TYR D 144 20.00 -26.82 15.95
N MET D 145 18.98 -26.88 16.77
CA MET D 145 17.91 -25.92 16.80
C MET D 145 17.74 -25.45 18.25
N GLU D 146 18.27 -24.27 18.56
CA GLU D 146 18.03 -23.60 19.85
C GLU D 146 16.55 -23.22 19.99
N ASP D 147 16.13 -22.32 19.11
CA ASP D 147 14.77 -21.78 19.08
C ASP D 147 14.16 -21.93 17.68
N THR D 148 14.77 -22.71 16.84
CA THR D 148 14.35 -22.79 15.44
C THR D 148 13.49 -23.99 15.09
N TYR D 149 12.62 -24.37 16.03
CA TYR D 149 11.49 -25.29 15.73
C TYR D 149 10.28 -24.75 16.43
N GLN D 150 9.09 -24.95 15.85
CA GLN D 150 7.90 -24.37 16.38
C GLN D 150 7.34 -25.20 17.59
N ILE D 151 6.89 -24.49 18.57
CA ILE D 151 6.25 -25.06 19.73
C ILE D 151 4.88 -24.43 19.86
N GLU D 152 3.90 -25.31 19.98
CA GLU D 152 2.53 -24.84 20.04
C GLU D 152 2.33 -24.02 21.28
N GLY D 153 1.72 -22.84 21.14
CA GLY D 153 1.41 -21.99 22.29
C GLY D 153 2.58 -21.17 22.79
N GLN D 154 3.67 -21.17 22.02
CA GLN D 154 4.89 -20.35 22.31
C GLN D 154 5.20 -19.50 21.07
N PRO D 155 4.43 -18.45 20.85
CA PRO D 155 4.56 -17.79 19.52
C PRO D 155 5.87 -17.00 19.30
N TYR D 156 6.55 -16.63 20.38
CA TYR D 156 7.88 -15.96 20.30
C TYR D 156 9.03 -16.90 20.09
N PHE D 157 8.82 -18.18 20.36
CA PHE D 157 9.86 -19.18 20.15
C PHE D 157 10.12 -19.44 18.67
N GLY D 158 11.22 -18.86 18.14
CA GLY D 158 11.48 -18.94 16.76
C GLY D 158 10.87 -17.87 15.89
N TYR D 159 10.39 -16.83 16.50
CA TYR D 159 9.64 -15.77 15.78
C TYR D 159 10.57 -15.02 14.82
N PHE D 160 10.19 -14.95 13.55
CA PHE D 160 10.98 -14.33 12.50
C PHE D 160 12.34 -14.97 12.28
N ARG D 161 12.52 -16.23 12.77
CA ARG D 161 13.78 -16.93 12.62
C ARG D 161 13.73 -18.04 11.63
N GLY D 162 12.54 -18.24 10.98
CA GLY D 162 12.41 -19.36 10.07
C GLY D 162 12.43 -20.73 10.77
N ALA D 163 11.92 -20.75 11.99
CA ALA D 163 11.74 -21.99 12.76
C ALA D 163 11.03 -23.03 11.93
N TYR D 164 11.55 -24.24 11.96
CA TYR D 164 10.89 -25.35 11.23
C TYR D 164 9.56 -25.65 11.87
N SER D 165 8.58 -25.81 11.02
CA SER D 165 7.31 -26.35 11.45
C SER D 165 7.47 -27.86 11.72
N ALA D 166 6.54 -28.42 12.50
CA ALA D 166 6.59 -29.87 12.73
C ALA D 166 6.52 -30.58 11.39
N GLU D 167 5.74 -30.04 10.45
CA GLU D 167 5.58 -30.68 9.15
C GLU D 167 6.87 -30.71 8.36
N GLU D 168 7.64 -29.61 8.43
CA GLU D 168 8.94 -29.56 7.78
C GLU D 168 9.88 -30.54 8.43
N LEU D 169 9.88 -30.63 9.76
CA LEU D 169 10.77 -31.59 10.41
C LEU D 169 10.39 -33.03 10.05
N GLN D 170 9.10 -33.31 10.07
CA GLN D 170 8.66 -34.64 9.65
C GLN D 170 9.04 -34.95 8.23
N GLU D 171 8.96 -33.96 7.34
CA GLU D 171 9.30 -34.18 5.93
C GLU D 171 10.79 -34.46 5.78
N ILE D 172 11.60 -33.72 6.53
CA ILE D 172 13.09 -33.94 6.47
C ILE D 172 13.47 -35.32 7.04
N GLU D 173 12.85 -35.65 8.17
CA GLU D 173 13.10 -37.00 8.76
C GLU D 173 12.69 -38.16 7.81
N ALA D 174 11.52 -38.02 7.20
CA ALA D 174 10.99 -39.08 6.33
C ALA D 174 11.86 -39.18 5.09
N TYR D 175 12.47 -38.08 4.66
CA TYR D 175 13.31 -38.17 3.47
C TYR D 175 14.60 -38.90 3.81
N ALA D 176 15.15 -38.61 4.99
CA ALA D 176 16.27 -39.38 5.50
C ALA D 176 15.90 -40.89 5.57
N GLN D 177 14.69 -41.17 6.00
CA GLN D 177 14.27 -42.60 6.18
C GLN D 177 14.19 -43.34 4.81
N GLN D 178 14.02 -42.57 3.72
CA GLN D 178 14.09 -43.19 2.37
C GLN D 178 15.38 -43.85 2.16
N PHE D 179 16.44 -43.34 2.83
CA PHE D 179 17.77 -43.86 2.70
C PHE D 179 18.21 -44.70 3.92
N ASP D 180 17.26 -45.04 4.81
CA ASP D 180 17.59 -45.67 6.10
C ASP D 180 18.62 -44.91 6.94
N VAL D 181 18.55 -43.57 6.80
CA VAL D 181 19.28 -42.64 7.66
C VAL D 181 18.36 -42.13 8.75
N THR D 182 18.87 -42.13 9.99
CA THR D 182 18.13 -41.71 11.17
C THR D 182 18.26 -40.19 11.40
N PHE D 183 17.27 -39.63 12.04
CA PHE D 183 17.22 -38.18 12.35
C PHE D 183 17.36 -38.05 13.84
N VAL D 184 18.24 -37.13 14.27
CA VAL D 184 18.33 -36.74 15.67
C VAL D 184 18.23 -35.18 15.82
N PRO D 185 17.21 -34.66 16.46
CA PRO D 185 17.21 -33.20 16.78
C PRO D 185 18.17 -32.91 17.94
N CYS D 186 18.93 -31.78 17.82
CA CYS D 186 19.80 -31.30 18.87
C CYS D 186 19.20 -29.98 19.32
N ILE D 187 18.77 -29.93 20.55
CA ILE D 187 18.04 -28.82 21.09
C ILE D 187 18.72 -28.28 22.34
N GLN D 188 18.14 -27.26 22.94
CA GLN D 188 18.62 -26.72 24.21
C GLN D 188 17.56 -26.72 25.24
N THR D 189 17.89 -27.29 26.42
CA THR D 189 16.85 -27.38 27.50
C THR D 189 17.20 -26.52 28.72
N LEU D 190 18.31 -25.78 28.67
CA LEU D 190 18.65 -24.85 29.72
C LEU D 190 19.18 -23.50 29.27
N ALA D 191 20.20 -23.49 28.43
CA ALA D 191 20.92 -22.26 28.06
C ALA D 191 21.07 -22.21 26.54
N HIS D 192 21.69 -21.19 26.01
CA HIS D 192 21.82 -21.02 24.57
C HIS D 192 20.49 -20.88 23.93
N LEU D 193 19.66 -20.04 24.53
CA LEU D 193 18.36 -19.67 23.95
C LEU D 193 18.23 -18.13 23.79
N SER D 194 19.38 -17.49 23.49
CA SER D 194 19.45 -16.03 23.46
C SER D 194 18.43 -15.42 22.50
N ALA D 195 18.14 -16.03 21.36
CA ALA D 195 17.21 -15.40 20.38
C ALA D 195 15.75 -15.48 20.80
N PHE D 196 15.45 -16.37 21.73
CA PHE D 196 14.11 -16.45 22.30
C PHE D 196 13.95 -15.57 23.52
N VAL D 197 14.88 -15.65 24.47
CA VAL D 197 14.68 -14.98 25.72
C VAL D 197 14.79 -13.42 25.61
N LYS D 198 15.22 -12.89 24.49
CA LYS D 198 15.27 -11.41 24.31
C LYS D 198 13.88 -10.77 24.24
N TRP D 199 12.82 -11.56 23.99
CA TRP D 199 11.50 -10.96 23.75
C TRP D 199 10.85 -10.42 25.01
N GLY D 200 10.63 -9.08 25.03
CA GLY D 200 10.19 -8.37 26.25
C GLY D 200 8.69 -8.50 26.46
N VAL D 201 8.28 -9.71 26.76
CA VAL D 201 6.85 -10.00 27.12
C VAL D 201 6.93 -10.89 28.34
N LYS D 202 5.90 -10.82 29.17
CA LYS D 202 5.92 -11.48 30.49
C LYS D 202 6.06 -12.95 30.36
N GLU D 203 5.42 -13.52 29.34
CA GLU D 203 5.42 -15.02 29.12
C GLU D 203 6.80 -15.56 28.73
N VAL D 204 7.67 -14.66 28.31
CA VAL D 204 9.06 -15.02 27.99
C VAL D 204 9.96 -14.62 29.14
N GLN D 205 9.84 -13.37 29.61
CA GLN D 205 10.69 -12.92 30.66
C GLN D 205 10.59 -13.69 31.95
N GLU D 206 9.40 -14.11 32.31
CA GLU D 206 9.27 -14.95 33.53
C GLU D 206 10.01 -16.30 33.46
N LEU D 207 10.63 -16.67 32.32
CA LEU D 207 11.27 -17.96 32.11
C LEU D 207 12.77 -17.83 32.28
N ARG D 208 13.22 -16.62 32.62
CA ARG D 208 14.66 -16.37 32.55
C ARG D 208 15.34 -16.38 33.90
N ASP D 209 16.56 -16.85 33.86
CA ASP D 209 17.50 -16.66 34.96
C ASP D 209 18.35 -15.40 34.70
N VAL D 210 19.16 -15.46 33.67
CA VAL D 210 20.11 -14.40 33.30
C VAL D 210 20.71 -14.71 31.96
N GLU D 211 21.02 -13.67 31.18
CA GLU D 211 21.59 -13.90 29.85
C GLU D 211 20.76 -14.87 29.01
N ASP D 212 21.32 -15.95 28.52
CA ASP D 212 20.63 -16.85 27.62
C ASP D 212 20.12 -18.10 28.38
N ILE D 213 19.98 -18.01 29.70
CA ILE D 213 19.70 -19.21 30.55
C ILE D 213 18.32 -19.14 31.14
N LEU D 214 17.65 -20.29 31.10
CA LEU D 214 16.30 -20.43 31.59
C LEU D 214 16.32 -20.59 33.12
N LEU D 215 15.22 -20.27 33.76
CA LEU D 215 15.10 -20.29 35.19
C LEU D 215 14.77 -21.69 35.78
N ILE D 216 15.79 -22.31 36.34
CA ILE D 216 15.60 -23.62 36.97
C ILE D 216 14.55 -23.48 38.12
N GLY D 217 13.67 -24.46 38.15
CA GLY D 217 12.68 -24.60 39.22
C GLY D 217 11.39 -23.87 38.96
N GLU D 218 11.31 -23.10 37.88
CA GLU D 218 10.10 -22.38 37.55
C GLU D 218 9.17 -23.31 36.74
N GLU D 219 7.96 -23.53 37.21
CA GLU D 219 7.13 -24.51 36.51
C GLU D 219 6.82 -24.12 35.03
N LYS D 220 6.71 -22.82 34.75
CA LYS D 220 6.48 -22.40 33.37
C LYS D 220 7.67 -22.76 32.47
N VAL D 221 8.86 -22.88 33.06
CA VAL D 221 10.01 -23.39 32.27
C VAL D 221 9.85 -24.84 31.89
N TYR D 222 9.36 -25.65 32.83
CA TYR D 222 9.04 -27.06 32.53
C TYR D 222 7.86 -27.19 31.60
N ASP D 223 6.88 -26.26 31.64
CA ASP D 223 5.80 -26.24 30.62
C ASP D 223 6.38 -26.00 29.20
N LEU D 224 7.34 -25.06 29.08
CA LEU D 224 8.03 -24.86 27.80
C LEU D 224 8.76 -26.12 27.34
N ILE D 225 9.50 -26.74 28.25
CA ILE D 225 10.32 -27.91 27.92
C ILE D 225 9.37 -29.08 27.56
N ASP D 226 8.22 -29.20 28.23
CA ASP D 226 7.25 -30.20 27.82
C ASP D 226 6.78 -29.94 26.37
N GLY D 227 6.58 -28.68 26.04
CA GLY D 227 6.24 -28.30 24.68
C GLY D 227 7.31 -28.58 23.66
N MET D 228 8.58 -28.48 24.06
CA MET D 228 9.62 -28.86 23.14
C MET D 228 9.47 -30.36 22.76
N PHE D 229 9.35 -31.20 23.78
CA PHE D 229 9.23 -32.64 23.54
C PHE D 229 7.89 -33.01 22.88
N ALA D 230 6.87 -32.22 23.13
CA ALA D 230 5.55 -32.42 22.46
C ALA D 230 5.72 -32.20 20.95
N THR D 231 6.52 -31.18 20.55
CA THR D 231 6.81 -30.98 19.13
C THR D 231 7.63 -32.10 18.60
N LEU D 232 8.66 -32.47 19.32
CA LEU D 232 9.59 -33.45 18.81
C LEU D 232 8.92 -34.87 18.74
N SER D 233 8.02 -35.16 19.66
CA SER D 233 7.32 -36.46 19.61
C SER D 233 6.52 -36.68 18.32
N LYS D 234 6.27 -35.62 17.57
CA LYS D 234 5.62 -35.75 16.25
C LYS D 234 6.49 -36.46 15.28
N LEU D 235 7.79 -36.56 15.56
CA LEU D 235 8.69 -37.27 14.72
C LEU D 235 8.64 -38.78 15.05
N LYS D 236 9.21 -39.57 14.17
CA LYS D 236 9.44 -41.00 14.45
C LYS D 236 10.60 -41.27 15.41
N THR D 237 11.71 -40.52 15.26
CA THR D 237 12.88 -40.74 16.07
C THR D 237 12.57 -40.57 17.57
N ARG D 238 13.28 -41.32 18.40
CA ARG D 238 13.14 -41.13 19.83
C ARG D 238 14.50 -40.99 20.49
N LYS D 239 15.38 -40.35 19.71
CA LYS D 239 16.70 -39.99 20.16
C LYS D 239 16.84 -38.47 19.95
N VAL D 240 17.36 -37.79 20.95
CA VAL D 240 17.50 -36.30 20.98
C VAL D 240 18.77 -35.93 21.77
N ASN D 241 19.44 -34.86 21.35
CA ASN D 241 20.51 -34.26 22.13
C ASN D 241 19.90 -33.03 22.82
N ILE D 242 19.90 -33.00 24.17
CA ILE D 242 19.21 -31.99 24.92
C ILE D 242 20.10 -30.83 25.27
N GLY D 243 21.35 -30.95 24.87
CA GLY D 243 22.34 -29.91 25.15
C GLY D 243 22.95 -29.97 26.52
N MET D 244 22.62 -28.99 27.34
CA MET D 244 22.92 -29.08 28.81
C MET D 244 24.39 -28.89 29.18
N ASP D 245 25.13 -28.16 28.38
CA ASP D 245 26.29 -27.40 28.88
C ASP D 245 26.00 -26.86 30.31
N GLU D 246 27.04 -26.85 31.14
CA GLU D 246 26.98 -26.20 32.44
C GLU D 246 27.46 -24.74 32.30
N ALA D 247 26.60 -23.86 31.76
CA ALA D 247 26.95 -22.43 31.58
C ALA D 247 27.33 -21.73 32.91
N HIS D 248 28.37 -20.88 32.94
CA HIS D 248 28.86 -20.30 34.25
C HIS D 248 27.76 -19.67 35.02
N LEU D 249 26.86 -18.94 34.33
CA LEU D 249 25.97 -18.14 35.14
C LEU D 249 24.71 -18.87 35.63
N VAL D 250 24.59 -20.21 35.45
CA VAL D 250 23.37 -20.90 35.92
C VAL D 250 23.25 -20.74 37.46
N GLY D 251 22.10 -20.31 37.94
CA GLY D 251 21.90 -20.04 39.32
C GLY D 251 22.20 -18.68 39.83
N LEU D 252 22.84 -17.86 38.97
CA LEU D 252 23.42 -16.60 39.46
C LEU D 252 22.70 -15.33 39.06
N GLY D 253 21.55 -15.45 38.40
CA GLY D 253 20.77 -14.24 38.09
C GLY D 253 19.53 -14.15 38.92
N ARG D 254 18.39 -14.15 38.25
CA ARG D 254 17.12 -14.17 38.93
C ARG D 254 17.03 -15.38 39.89
N TYR D 255 17.67 -16.51 39.52
CA TYR D 255 17.64 -17.71 40.37
C TYR D 255 18.16 -17.29 41.77
N LEU D 256 19.31 -16.60 41.79
CA LEU D 256 19.97 -16.23 43.06
C LEU D 256 19.12 -15.24 43.85
N ILE D 257 18.52 -14.26 43.13
CA ILE D 257 17.64 -13.30 43.75
C ILE D 257 16.43 -13.94 44.43
N LEU D 258 15.75 -14.86 43.73
CA LEU D 258 14.62 -15.57 44.27
C LEU D 258 14.95 -16.60 45.32
N ASN D 259 16.10 -17.27 45.21
CA ASN D 259 16.30 -18.52 45.93
C ASN D 259 17.54 -18.54 46.83
N GLY D 260 18.37 -17.50 46.79
CA GLY D 260 19.67 -17.56 47.45
C GLY D 260 20.67 -18.48 46.79
N VAL D 261 21.83 -18.64 47.44
CA VAL D 261 22.91 -19.45 46.93
C VAL D 261 22.62 -20.93 46.99
N VAL D 262 22.87 -21.62 45.88
CA VAL D 262 22.67 -23.08 45.83
C VAL D 262 23.82 -23.57 45.01
N ASP D 263 24.37 -24.73 45.37
CA ASP D 263 25.48 -25.27 44.59
C ASP D 263 25.04 -25.55 43.15
N ARG D 264 25.86 -25.11 42.22
CA ARG D 264 25.53 -25.10 40.83
C ARG D 264 25.34 -26.56 40.36
N SER D 265 26.18 -27.49 40.86
CA SER D 265 26.05 -28.92 40.42
C SER D 265 24.74 -29.51 40.86
N LEU D 266 24.30 -29.19 42.08
CA LEU D 266 23.03 -29.69 42.57
C LEU D 266 21.91 -29.10 41.73
N LEU D 267 22.02 -27.82 41.43
CA LEU D 267 21.06 -27.17 40.58
C LEU D 267 20.95 -27.87 39.22
N MET D 268 22.09 -28.14 38.61
CA MET D 268 22.09 -28.85 37.35
C MET D 268 21.43 -30.24 37.42
N CYS D 269 21.65 -30.93 38.54
CA CYS D 269 21.09 -32.23 38.71
C CYS D 269 19.57 -32.14 38.81
N GLN D 270 19.05 -31.12 39.51
CA GLN D 270 17.58 -31.05 39.73
C GLN D 270 16.89 -30.74 38.38
N HIS D 271 17.49 -29.80 37.66
CA HIS D 271 16.96 -29.43 36.33
C HIS D 271 17.04 -30.64 35.38
N LEU D 272 18.19 -31.28 35.32
CA LEU D 272 18.33 -32.40 34.45
C LEU D 272 17.31 -33.51 34.78
N GLU D 273 17.08 -33.78 36.08
CA GLU D 273 16.14 -34.80 36.41
C GLU D 273 14.75 -34.49 35.86
N ARG D 274 14.35 -33.23 35.98
CA ARG D 274 13.03 -32.79 35.44
C ARG D 274 12.99 -32.99 33.94
N VAL D 275 14.07 -32.60 33.26
CA VAL D 275 14.09 -32.70 31.79
C VAL D 275 14.03 -34.17 31.36
N LEU D 276 14.77 -35.06 32.02
CA LEU D 276 14.74 -36.47 31.71
C LEU D 276 13.35 -37.07 31.97
N ASP D 277 12.70 -36.63 33.05
CA ASP D 277 11.33 -37.08 33.33
C ASP D 277 10.36 -36.67 32.22
N ILE D 278 10.54 -35.48 31.64
CA ILE D 278 9.71 -35.08 30.54
C ILE D 278 10.03 -35.96 29.33
N ALA D 279 11.30 -36.24 29.10
CA ALA D 279 11.74 -36.96 27.91
C ALA D 279 11.20 -38.38 28.02
N ASP D 280 11.24 -38.90 29.26
CA ASP D 280 10.66 -40.23 29.52
C ASP D 280 9.16 -40.31 29.18
N LYS D 281 8.42 -39.25 29.52
CA LYS D 281 6.99 -39.13 29.25
C LYS D 281 6.71 -39.27 27.77
N TYR D 282 7.60 -38.74 26.95
CA TYR D 282 7.43 -38.78 25.48
C TYR D 282 8.17 -39.93 24.79
N GLY D 283 8.85 -40.77 25.57
CA GLY D 283 9.58 -41.93 25.04
C GLY D 283 10.98 -41.71 24.52
N PHE D 284 11.56 -40.53 24.81
CA PHE D 284 12.89 -40.21 24.27
C PHE D 284 14.03 -40.72 25.12
N HIS D 285 15.13 -41.10 24.45
CA HIS D 285 16.45 -41.28 25.07
C HIS D 285 17.28 -40.04 24.72
N CYS D 286 17.94 -39.48 25.72
CA CYS D 286 18.76 -38.26 25.58
C CYS D 286 20.28 -38.42 25.57
N GLN D 287 20.88 -37.67 24.67
CA GLN D 287 22.28 -37.42 24.64
C GLN D 287 22.48 -36.03 25.13
N MET D 288 23.62 -35.76 25.74
CA MET D 288 23.87 -34.40 26.18
C MET D 288 25.39 -34.19 26.22
N TRP D 289 25.85 -32.94 26.16
CA TRP D 289 27.28 -32.70 26.32
C TRP D 289 27.62 -33.12 27.71
N SER D 290 28.84 -33.57 27.83
CA SER D 290 29.34 -34.25 29.06
C SER D 290 29.80 -33.34 30.19
N ASP D 291 29.81 -32.07 29.87
CA ASP D 291 30.40 -31.08 30.71
C ASP D 291 29.97 -31.14 32.16
N MET D 292 28.67 -31.26 32.40
CA MET D 292 28.24 -31.21 33.78
C MET D 292 28.71 -32.35 34.65
N PHE D 293 29.19 -33.41 34.01
CA PHE D 293 29.75 -34.57 34.71
C PHE D 293 31.26 -34.56 34.96
N PHE D 294 31.98 -33.52 34.55
CA PHE D 294 33.41 -33.55 34.65
C PHE D 294 33.87 -33.71 36.10
N LYS D 295 33.02 -33.27 37.03
CA LYS D 295 33.40 -33.28 38.42
C LYS D 295 33.47 -34.70 38.98
N MET D 296 32.78 -35.62 38.33
CA MET D 296 32.89 -37.02 38.71
C MET D 296 34.23 -37.67 38.31
N SER D 297 35.00 -37.07 37.39
CA SER D 297 36.26 -37.66 36.87
C SER D 297 37.48 -37.33 37.70
N ILE D 308 32.42 -30.99 45.57
CA ILE D 308 31.03 -31.43 45.54
C ILE D 308 30.78 -32.33 46.76
N PRO D 309 29.75 -32.06 47.55
CA PRO D 309 29.39 -33.08 48.53
C PRO D 309 29.07 -34.47 47.94
N GLU D 310 29.23 -35.52 48.76
CA GLU D 310 29.01 -36.86 48.31
C GLU D 310 27.57 -37.05 47.79
N GLU D 311 26.60 -36.41 48.43
CA GLU D 311 25.18 -36.58 48.05
C GLU D 311 25.02 -36.09 46.62
N THR D 312 25.77 -35.05 46.30
CA THR D 312 25.77 -34.49 44.94
C THR D 312 26.45 -35.41 43.95
N ARG D 313 27.56 -36.01 44.33
CA ARG D 313 28.16 -37.03 43.54
C ARG D 313 27.23 -38.19 43.27
N VAL D 314 26.49 -38.67 44.28
CA VAL D 314 25.52 -39.75 44.08
C VAL D 314 24.40 -39.36 43.07
N TYR D 315 23.94 -38.11 43.17
CA TYR D 315 22.88 -37.57 42.34
C TYR D 315 23.42 -37.57 40.85
N LEU D 316 24.61 -37.04 40.66
CA LEU D 316 25.19 -37.00 39.30
C LEU D 316 25.30 -38.41 38.73
N ASP D 317 25.79 -39.35 39.57
CA ASP D 317 25.99 -40.69 39.14
C ASP D 317 24.67 -41.39 38.78
N ARG D 318 23.60 -41.10 39.46
CA ARG D 318 22.35 -41.71 39.15
C ARG D 318 21.80 -41.17 37.79
N LEU D 319 21.89 -39.87 37.58
CA LEU D 319 21.44 -39.27 36.30
C LEU D 319 22.31 -39.64 35.10
N LYS D 320 23.62 -39.78 35.32
CA LYS D 320 24.52 -40.25 34.24
C LYS D 320 24.07 -41.57 33.65
N ASP D 321 23.42 -42.42 34.45
CA ASP D 321 23.07 -43.75 33.96
C ASP D 321 21.77 -43.65 33.10
N ARG D 322 21.27 -42.44 32.87
CA ARG D 322 20.03 -42.28 32.07
C ARG D 322 20.27 -41.60 30.70
N VAL D 323 21.49 -41.22 30.41
CA VAL D 323 21.83 -40.43 29.21
C VAL D 323 23.05 -40.95 28.54
N THR D 324 23.22 -40.62 27.27
CA THR D 324 24.49 -40.78 26.63
C THR D 324 25.27 -39.51 26.76
N LEU D 325 26.53 -39.59 27.19
CA LEU D 325 27.39 -38.41 27.31
C LEU D 325 28.16 -38.19 26.02
N VAL D 326 28.27 -36.92 25.61
CA VAL D 326 29.00 -36.64 24.39
C VAL D 326 30.17 -35.76 24.74
N TYR D 327 31.36 -36.29 24.55
CA TYR D 327 32.56 -35.59 24.70
C TYR D 327 32.86 -34.88 23.38
N TRP D 328 32.85 -33.55 23.42
CA TRP D 328 33.09 -32.71 22.21
C TRP D 328 34.50 -32.08 22.29
N ASP D 329 35.18 -32.15 21.16
CA ASP D 329 36.50 -31.46 20.99
C ASP D 329 36.83 -31.34 19.54
N TYR D 330 37.09 -30.11 19.14
CA TYR D 330 37.29 -29.76 17.71
C TYR D 330 38.74 -29.33 17.43
N TYR D 331 39.59 -29.47 18.40
CA TYR D 331 40.85 -28.66 18.46
C TYR D 331 42.17 -29.41 18.55
N GLN D 332 42.17 -30.60 19.14
CA GLN D 332 43.46 -31.20 19.56
C GLN D 332 44.19 -31.82 18.42
N ASP D 333 45.52 -31.62 18.43
CA ASP D 333 46.35 -32.05 17.33
C ASP D 333 47.06 -33.34 17.55
N SER D 334 46.74 -34.06 18.62
CA SER D 334 47.31 -35.40 18.81
C SER D 334 46.35 -36.41 19.39
N GLU D 335 46.54 -37.65 19.00
CA GLU D 335 45.75 -38.76 19.51
C GLU D 335 45.76 -38.79 21.03
N GLU D 336 46.94 -38.57 21.60
CA GLU D 336 47.08 -38.78 23.05
C GLU D 336 46.26 -37.77 23.86
N LYS D 337 46.08 -36.55 23.31
CA LYS D 337 45.22 -35.57 23.97
C LYS D 337 43.79 -36.02 24.04
N TYR D 338 43.22 -36.56 22.94
CA TYR D 338 41.91 -37.12 22.98
C TYR D 338 41.87 -38.34 23.93
N ASN D 339 42.87 -39.22 23.84
CA ASN D 339 42.86 -40.50 24.66
C ASN D 339 42.72 -40.21 26.17
N ARG D 340 43.46 -39.23 26.65
CA ARG D 340 43.40 -38.83 28.08
C ARG D 340 41.97 -38.53 28.48
N ASN D 341 41.26 -37.76 27.64
CA ASN D 341 39.85 -37.47 27.89
C ASN D 341 38.93 -38.69 27.78
N PHE D 342 39.16 -39.57 26.80
CA PHE D 342 38.32 -40.69 26.66
C PHE D 342 38.48 -41.60 27.94
N ARG D 343 39.70 -41.80 28.33
CA ARG D 343 39.97 -42.63 29.54
C ARG D 343 39.28 -42.07 30.78
N ASN D 344 39.34 -40.77 30.97
CA ASN D 344 38.69 -40.12 32.13
C ASN D 344 37.22 -40.31 32.03
N HIS D 345 36.66 -40.14 30.82
CA HIS D 345 35.17 -40.32 30.67
C HIS D 345 34.73 -41.76 31.01
N HIS D 346 35.52 -42.68 30.54
CA HIS D 346 35.20 -44.09 30.64
C HIS D 346 35.21 -44.56 32.12
N LYS D 347 36.01 -43.88 32.93
CA LYS D 347 35.94 -44.10 34.41
C LYS D 347 34.56 -43.85 35.00
N ILE D 348 33.73 -43.06 34.33
CA ILE D 348 32.35 -42.86 34.79
C ILE D 348 31.22 -43.37 33.95
N SER D 349 31.39 -43.50 32.63
CA SER D 349 30.31 -43.98 31.75
C SER D 349 30.85 -44.65 30.52
N HIS D 350 30.19 -45.72 30.12
CA HIS D 350 30.47 -46.41 28.86
C HIS D 350 29.61 -45.85 27.79
N ASP D 351 28.53 -45.15 28.17
CA ASP D 351 27.53 -44.71 27.22
C ASP D 351 27.97 -43.30 26.76
N LEU D 352 28.94 -43.30 25.86
CA LEU D 352 29.68 -42.16 25.38
C LEU D 352 29.62 -42.07 23.88
N ALA D 353 29.64 -40.84 23.39
CA ALA D 353 29.84 -40.54 22.00
C ALA D 353 30.91 -39.44 21.90
N PHE D 354 31.57 -39.36 20.75
CA PHE D 354 32.54 -38.33 20.53
C PHE D 354 31.94 -37.34 19.48
N ALA D 355 32.05 -36.06 19.74
CA ALA D 355 31.75 -35.00 18.73
C ALA D 355 33.02 -34.28 18.29
N GLY D 356 33.29 -34.38 16.98
CA GLY D 356 34.38 -33.68 16.33
C GLY D 356 33.78 -32.52 15.52
N GLY D 357 34.60 -31.91 14.68
CA GLY D 357 34.23 -30.65 14.02
C GLY D 357 34.61 -30.60 12.55
N ALA D 358 33.64 -30.10 11.78
CA ALA D 358 33.79 -29.74 10.35
C ALA D 358 33.79 -28.19 10.40
N TRP D 359 35.01 -27.63 10.34
CA TRP D 359 35.22 -26.19 10.69
C TRP D 359 34.54 -25.26 9.68
N LYS D 360 33.33 -24.81 10.04
CA LYS D 360 32.58 -23.85 9.21
C LYS D 360 31.96 -22.68 9.96
N TRP D 361 32.57 -22.37 11.09
CA TRP D 361 32.03 -21.39 12.03
C TRP D 361 32.89 -20.17 12.21
N ILE D 362 33.81 -19.95 11.27
CA ILE D 362 34.78 -18.85 11.36
C ILE D 362 34.67 -17.76 10.29
N GLY D 363 33.42 -17.47 9.87
CA GLY D 363 33.12 -16.33 9.00
C GLY D 363 32.48 -16.77 7.70
N PHE D 364 33.17 -16.50 6.58
CA PHE D 364 32.66 -16.86 5.24
C PHE D 364 33.26 -18.12 4.65
N THR D 365 34.38 -18.57 5.21
CA THR D 365 35.24 -19.50 4.59
C THR D 365 35.56 -20.61 5.58
N PRO D 366 35.42 -21.87 5.18
CA PRO D 366 35.61 -22.99 6.13
C PRO D 366 37.09 -23.30 6.33
N HIS D 367 37.39 -24.36 7.10
CA HIS D 367 38.79 -24.80 7.19
C HIS D 367 38.77 -26.30 7.15
N ASN D 368 38.48 -26.82 5.98
CA ASN D 368 38.58 -28.28 5.76
C ASN D 368 39.97 -28.85 6.07
N HIS D 369 41.01 -28.08 5.76
CA HIS D 369 42.36 -28.50 6.04
C HIS D 369 42.59 -28.80 7.54
N PHE D 370 42.17 -27.89 8.42
CA PHE D 370 42.34 -28.09 9.85
C PHE D 370 41.46 -29.24 10.26
N SER D 371 40.28 -29.31 9.67
CA SER D 371 39.35 -30.39 9.98
C SER D 371 39.98 -31.73 9.73
N ARG D 372 40.74 -31.82 8.65
CA ARG D 372 41.36 -33.09 8.29
C ARG D 372 42.45 -33.48 9.30
N LEU D 373 43.22 -32.49 9.69
CA LEU D 373 44.34 -32.66 10.61
C LEU D 373 43.83 -33.24 11.92
N VAL D 374 42.76 -32.66 12.48
CA VAL D 374 42.21 -33.15 13.75
C VAL D 374 41.44 -34.45 13.57
N ALA D 375 40.83 -34.69 12.41
CA ALA D 375 39.98 -35.89 12.21
C ALA D 375 40.88 -37.11 12.25
N ILE D 376 42.08 -36.97 11.70
CA ILE D 376 43.03 -38.08 11.62
C ILE D 376 43.39 -38.55 13.04
N GLU D 377 43.66 -37.59 13.91
CA GLU D 377 44.07 -37.87 15.31
C GLU D 377 42.90 -38.32 16.14
N ALA D 378 41.76 -37.70 15.95
CA ALA D 378 40.56 -38.06 16.75
C ALA D 378 40.12 -39.51 16.42
N ASN D 379 40.12 -39.85 15.16
CA ASN D 379 39.84 -41.23 14.71
C ASN D 379 40.72 -42.26 15.36
N LYS D 380 42.01 -41.97 15.43
CA LYS D 380 42.90 -42.88 16.15
C LYS D 380 42.50 -43.09 17.58
N ALA D 381 42.16 -42.02 18.27
CA ALA D 381 41.76 -42.13 19.68
C ALA D 381 40.41 -42.83 19.87
N CYS D 382 39.48 -42.51 19.01
CA CYS D 382 38.16 -43.07 19.12
C CYS D 382 38.28 -44.59 18.99
N ARG D 383 39.03 -45.03 17.99
CA ARG D 383 39.19 -46.47 17.72
C ARG D 383 39.88 -47.14 18.95
N ALA D 384 40.91 -46.51 19.46
CA ALA D 384 41.68 -46.96 20.67
C ALA D 384 40.80 -47.19 21.89
N ASN D 385 39.77 -46.36 22.05
CA ASN D 385 38.93 -46.37 23.16
C ASN D 385 37.62 -47.02 22.88
N GLN D 386 37.48 -47.67 21.72
CA GLN D 386 36.24 -48.42 21.39
C GLN D 386 35.02 -47.57 21.46
N ILE D 387 35.18 -46.31 21.07
CA ILE D 387 34.02 -45.43 20.92
C ILE D 387 33.12 -45.86 19.76
N LYS D 388 31.84 -45.92 20.03
CA LYS D 388 30.86 -46.44 19.11
C LYS D 388 30.21 -45.42 18.19
N GLU D 389 30.26 -44.15 18.57
CA GLU D 389 29.41 -43.16 17.88
C GLU D 389 30.18 -41.86 17.72
N VAL D 390 30.23 -41.33 16.50
CA VAL D 390 30.93 -40.08 16.22
C VAL D 390 29.93 -39.17 15.58
N ILE D 391 29.89 -37.94 16.07
CA ILE D 391 29.05 -36.87 15.56
C ILE D 391 30.01 -35.79 15.04
N VAL D 392 29.92 -35.44 13.77
CA VAL D 392 30.69 -34.34 13.17
C VAL D 392 29.79 -33.08 13.23
N THR D 393 30.27 -32.05 13.92
CA THR D 393 29.46 -30.88 14.13
C THR D 393 29.81 -29.81 13.06
N GLY D 394 28.75 -29.11 12.64
CA GLY D 394 28.82 -28.06 11.62
C GLY D 394 28.36 -26.69 12.08
N TRP D 395 28.91 -26.21 13.22
CA TRP D 395 28.53 -24.93 13.87
C TRP D 395 28.67 -23.76 12.91
N GLY D 396 27.91 -22.71 13.20
CA GLY D 396 27.79 -21.58 12.31
C GLY D 396 28.01 -20.25 13.02
N ASP D 397 28.79 -20.26 14.12
CA ASP D 397 28.96 -19.11 15.00
C ASP D 397 28.83 -17.73 14.42
N ASN D 398 27.98 -16.91 15.06
CA ASN D 398 27.96 -15.44 14.83
C ASN D 398 27.45 -15.05 13.46
N GLY D 399 26.42 -15.74 13.02
CA GLY D 399 25.68 -15.27 11.83
C GLY D 399 25.61 -16.26 10.71
N GLY D 400 26.24 -17.41 10.83
CA GLY D 400 26.05 -18.44 9.84
C GLY D 400 26.52 -18.09 8.44
N GLU D 401 27.60 -17.35 8.33
CA GLU D 401 28.04 -16.78 7.05
C GLU D 401 28.84 -17.78 6.15
N THR D 402 29.22 -18.97 6.67
CA THR D 402 29.85 -19.95 5.83
C THR D 402 28.82 -20.89 5.16
N ALA D 403 29.06 -21.21 3.89
CA ALA D 403 28.12 -22.03 3.13
C ALA D 403 27.94 -23.42 3.82
N GLN D 404 26.72 -23.91 3.73
CA GLN D 404 26.33 -25.18 4.30
C GLN D 404 27.05 -26.32 3.60
N PHE D 405 27.38 -26.21 2.29
CA PHE D 405 27.94 -27.31 1.58
C PHE D 405 29.47 -27.13 1.49
N SER D 406 29.98 -26.13 2.18
CA SER D 406 31.41 -25.78 2.14
C SER D 406 32.30 -26.86 2.77
N ILE D 407 31.72 -27.74 3.58
CA ILE D 407 32.52 -28.68 4.34
C ILE D 407 32.38 -30.13 3.87
N LEU D 408 31.87 -30.35 2.65
CA LEU D 408 31.83 -31.72 2.15
C LEU D 408 33.11 -32.52 2.22
N PRO D 409 34.25 -31.92 1.96
CA PRO D 409 35.46 -32.69 2.12
C PRO D 409 35.67 -33.29 3.52
N SER D 410 35.42 -32.47 4.53
CA SER D 410 35.52 -32.90 5.96
C SER D 410 34.54 -34.02 6.23
N LEU D 411 33.34 -33.99 5.65
CA LEU D 411 32.42 -35.07 5.82
C LEU D 411 32.94 -36.35 5.22
N GLN D 412 33.46 -36.25 3.99
CA GLN D 412 33.94 -37.48 3.34
C GLN D 412 35.20 -38.01 4.12
N ILE D 413 36.05 -37.11 4.61
CA ILE D 413 37.22 -37.51 5.45
C ILE D 413 36.82 -38.39 6.65
N TRP D 414 35.79 -37.98 7.38
CA TRP D 414 35.36 -38.77 8.57
C TRP D 414 34.76 -40.12 8.07
N ALA D 415 33.98 -40.10 7.00
CA ALA D 415 33.42 -41.36 6.47
C ALA D 415 34.56 -42.33 6.03
N GLU D 416 35.62 -41.82 5.40
CA GLU D 416 36.75 -42.67 5.06
C GLU D 416 37.46 -43.21 6.29
N LEU D 417 37.68 -42.37 7.28
CA LEU D 417 38.33 -42.81 8.46
C LEU D 417 37.50 -43.87 9.18
N SER D 418 36.20 -43.75 9.18
CA SER D 418 35.38 -44.79 9.82
C SER D 418 35.43 -46.12 9.07
N TYR D 419 35.15 -46.05 7.78
CA TYR D 419 35.01 -47.26 6.98
C TYR D 419 36.32 -47.92 6.57
N ARG D 420 37.36 -47.16 6.36
CA ARG D 420 38.64 -47.67 5.84
C ARG D 420 39.79 -47.52 6.78
N ASN D 421 39.71 -46.58 7.70
CA ASN D 421 40.85 -46.18 8.54
C ASN D 421 41.98 -45.60 7.79
N ASP D 422 41.71 -45.04 6.61
CA ASP D 422 42.76 -44.31 5.92
C ASP D 422 42.08 -43.42 4.87
N LEU D 423 42.88 -42.55 4.28
CA LEU D 423 42.35 -41.60 3.30
C LEU D 423 42.82 -41.91 1.86
N ASP D 424 43.22 -43.16 1.63
CA ASP D 424 43.67 -43.59 0.27
C ASP D 424 42.63 -43.42 -0.83
N GLY D 425 41.37 -43.67 -0.49
CA GLY D 425 40.28 -43.53 -1.42
C GLY D 425 39.58 -42.19 -1.37
N LEU D 426 40.04 -41.29 -0.50
CA LEU D 426 39.29 -40.02 -0.27
C LEU D 426 38.90 -39.26 -1.54
N SER D 427 39.91 -38.92 -2.31
CA SER D 427 39.72 -38.11 -3.48
C SER D 427 38.84 -38.75 -4.53
N ALA D 428 39.07 -40.03 -4.82
CA ALA D 428 38.27 -40.70 -5.85
C ALA D 428 36.87 -40.87 -5.42
N HIS D 429 36.67 -41.22 -4.17
CA HIS D 429 35.29 -41.38 -3.71
C HIS D 429 34.59 -40.02 -3.71
N PHE D 430 35.30 -39.00 -3.29
CA PHE D 430 34.77 -37.66 -3.25
C PHE D 430 34.35 -37.15 -4.65
N LYS D 431 35.18 -37.40 -5.62
CA LYS D 431 34.90 -37.04 -6.98
C LYS D 431 33.68 -37.79 -7.56
N THR D 432 33.57 -39.08 -7.23
CA THR D 432 32.36 -39.82 -7.56
C THR D 432 31.14 -39.17 -7.05
N ASN D 433 31.20 -38.69 -5.78
CA ASN D 433 30.10 -38.17 -5.13
C ASN D 433 29.76 -36.72 -5.55
N THR D 434 30.76 -35.95 -5.94
CA THR D 434 30.56 -34.52 -6.17
C THR D 434 30.97 -33.99 -7.56
N GLY D 435 31.77 -34.75 -8.30
CA GLY D 435 32.37 -34.32 -9.58
C GLY D 435 33.62 -33.53 -9.44
N LEU D 436 33.98 -33.15 -8.23
CA LEU D 436 35.27 -32.50 -7.97
C LEU D 436 36.26 -33.41 -7.25
N THR D 437 37.54 -33.31 -7.58
CA THR D 437 38.55 -33.91 -6.71
C THR D 437 38.48 -33.22 -5.33
N VAL D 438 38.87 -33.96 -4.30
CA VAL D 438 38.92 -33.38 -2.96
C VAL D 438 39.92 -32.24 -2.82
N GLU D 439 41.06 -32.33 -3.51
CA GLU D 439 42.04 -31.28 -3.53
C GLU D 439 41.49 -29.96 -4.15
N ASP D 440 40.79 -30.04 -5.28
CA ASP D 440 40.10 -28.90 -5.88
C ASP D 440 39.05 -28.33 -4.91
N PHE D 441 38.19 -29.16 -4.35
CA PHE D 441 37.16 -28.68 -3.46
C PHE D 441 37.77 -27.98 -2.24
N MET D 442 38.83 -28.55 -1.72
CA MET D 442 39.47 -27.99 -0.50
C MET D 442 40.12 -26.65 -0.72
N GLN D 443 40.27 -26.25 -1.99
CA GLN D 443 40.69 -24.88 -2.26
C GLN D 443 39.69 -23.86 -1.73
N ILE D 444 38.45 -24.30 -1.45
CA ILE D 444 37.44 -23.46 -0.86
C ILE D 444 37.98 -22.74 0.38
N ASP D 445 38.90 -23.38 1.06
CA ASP D 445 39.50 -22.83 2.32
C ASP D 445 40.42 -21.66 2.15
N LEU D 446 40.74 -21.28 0.91
CA LEU D 446 41.93 -20.51 0.67
C LEU D 446 42.03 -19.16 1.39
N ALA D 447 40.91 -18.47 1.59
CA ALA D 447 40.95 -17.16 2.29
C ALA D 447 41.43 -17.27 3.74
N ASN D 448 41.46 -18.49 4.29
CA ASN D 448 42.07 -18.73 5.60
C ASN D 448 43.58 -19.17 5.59
N LEU D 449 44.05 -19.58 4.41
CA LEU D 449 45.28 -20.36 4.32
C LEU D 449 46.52 -19.49 4.08
N LEU D 450 46.77 -18.54 4.98
CA LEU D 450 47.88 -17.66 4.79
C LEU D 450 49.16 -18.52 4.94
N PRO D 451 50.16 -18.21 4.13
CA PRO D 451 51.28 -19.19 4.00
C PRO D 451 52.14 -19.37 5.22
N ASP D 452 52.24 -18.37 6.10
CA ASP D 452 53.04 -18.51 7.29
C ASP D 452 52.40 -19.09 8.53
N LEU D 453 51.18 -19.60 8.40
CA LEU D 453 50.56 -20.23 9.53
C LEU D 453 50.99 -21.67 9.71
N PRO D 454 51.14 -22.13 10.94
CA PRO D 454 51.35 -23.56 11.17
C PRO D 454 50.02 -24.27 11.08
N GLY D 455 49.99 -25.46 10.53
CA GLY D 455 48.66 -26.04 10.24
C GLY D 455 47.84 -26.47 11.43
N ASN D 456 48.39 -26.43 12.62
CA ASN D 456 47.78 -27.04 13.77
C ASN D 456 47.21 -26.04 14.73
N LEU D 457 47.07 -24.81 14.31
CA LEU D 457 46.42 -23.75 15.14
C LEU D 457 45.07 -23.35 14.54
N SER D 458 44.03 -23.48 15.34
CA SER D 458 42.64 -23.24 14.86
C SER D 458 42.18 -21.83 14.99
N GLY D 459 41.09 -21.55 14.25
CA GLY D 459 40.34 -20.33 14.37
C GLY D 459 40.96 -19.15 13.70
N ILE D 460 42.07 -19.33 12.97
CA ILE D 460 42.71 -18.21 12.36
C ILE D 460 42.00 -17.82 11.09
N ASN D 461 41.36 -16.65 11.10
CA ASN D 461 40.19 -16.40 10.21
C ASN D 461 40.22 -15.04 9.50
N PRO D 462 41.33 -14.74 8.81
CA PRO D 462 41.42 -13.52 8.05
C PRO D 462 40.37 -13.34 6.97
N ASN D 463 39.80 -14.42 6.49
CA ASN D 463 38.65 -14.31 5.55
C ASN D 463 37.63 -13.27 6.10
N ARG D 464 37.43 -13.28 7.42
CA ARG D 464 36.35 -12.56 7.99
C ARG D 464 36.76 -11.21 8.46
N TYR D 465 37.88 -11.15 9.22
CA TYR D 465 38.22 -9.88 9.84
C TYR D 465 38.87 -8.92 8.84
N VAL D 466 39.55 -9.44 7.81
CA VAL D 466 40.00 -8.56 6.68
C VAL D 466 38.83 -7.92 5.98
N PHE D 467 37.77 -8.71 5.84
CA PHE D 467 36.54 -8.23 5.18
C PHE D 467 35.84 -7.18 5.96
N TYR D 468 35.52 -7.44 7.22
CA TYR D 468 34.61 -6.54 7.96
C TYR D 468 35.32 -5.36 8.62
N GLN D 469 36.66 -5.38 8.64
CA GLN D 469 37.39 -4.33 9.26
C GLN D 469 37.04 -2.93 8.66
N ASP D 470 37.06 -1.89 9.48
CA ASP D 470 36.89 -0.53 9.01
C ASP D 470 38.09 -0.04 8.17
N ILE D 471 37.87 0.99 7.36
CA ILE D 471 38.91 1.58 6.55
C ILE D 471 39.70 2.67 7.31
N LEU D 472 39.00 3.66 7.86
CA LEU D 472 39.63 4.75 8.63
C LEU D 472 40.29 4.34 9.97
N CYS D 473 39.65 3.40 10.67
CA CYS D 473 40.07 2.92 11.98
C CYS D 473 40.29 1.40 11.85
N PRO D 474 41.38 0.96 11.16
CA PRO D 474 41.56 -0.44 10.87
C PRO D 474 42.21 -1.14 12.07
N ILE D 475 41.37 -1.56 13.02
CA ILE D 475 41.84 -2.04 14.31
C ILE D 475 42.53 -3.40 14.21
N LEU D 476 42.50 -4.05 13.07
CA LEU D 476 43.18 -5.35 12.96
C LEU D 476 44.47 -5.19 12.13
N ASP D 477 44.86 -3.93 11.90
CA ASP D 477 45.95 -3.68 10.86
C ASP D 477 47.29 -4.28 11.26
N GLN D 478 47.50 -4.50 12.55
CA GLN D 478 48.79 -5.12 13.01
C GLN D 478 48.88 -6.60 12.69
N HIS D 479 47.75 -7.21 12.29
CA HIS D 479 47.68 -8.63 12.01
C HIS D 479 47.78 -8.92 10.53
N MET D 480 48.04 -7.88 9.75
CA MET D 480 48.10 -8.03 8.34
C MET D 480 49.57 -8.01 7.90
N THR D 481 49.88 -8.81 6.89
CA THR D 481 51.25 -8.90 6.34
C THR D 481 51.20 -8.74 4.80
N PRO D 482 51.03 -7.54 4.31
CA PRO D 482 50.66 -7.32 2.91
C PRO D 482 51.54 -7.96 1.82
N GLU D 483 52.86 -7.98 2.05
CA GLU D 483 53.75 -8.58 1.10
C GLU D 483 53.47 -10.07 0.86
N GLN D 484 52.97 -10.76 1.90
CA GLN D 484 52.55 -12.18 1.81
C GLN D 484 51.08 -12.33 1.45
N ASP D 485 50.25 -11.53 2.09
CA ASP D 485 48.79 -11.73 2.06
C ASP D 485 48.15 -11.23 0.75
N LYS D 486 48.60 -10.10 0.20
CA LYS D 486 48.06 -9.60 -1.03
C LYS D 486 48.20 -10.65 -2.19
N PRO D 487 49.39 -11.15 -2.45
CA PRO D 487 49.47 -12.14 -3.54
C PRO D 487 48.80 -13.46 -3.25
N HIS D 488 48.76 -13.88 -1.98
CA HIS D 488 48.01 -15.08 -1.60
C HIS D 488 46.52 -14.94 -1.99
N PHE D 489 45.93 -13.80 -1.68
CA PHE D 489 44.48 -13.60 -1.91
C PHE D 489 44.26 -13.45 -3.40
N ALA D 490 45.17 -12.75 -4.10
CA ALA D 490 45.00 -12.50 -5.51
C ALA D 490 45.15 -13.82 -6.27
N GLN D 491 46.13 -14.63 -5.92
CA GLN D 491 46.24 -15.96 -6.59
C GLN D 491 45.03 -16.86 -6.30
N ALA D 492 44.58 -16.87 -5.04
CA ALA D 492 43.39 -17.62 -4.66
C ALA D 492 42.17 -17.27 -5.50
N ALA D 493 41.95 -15.99 -5.78
CA ALA D 493 40.82 -15.60 -6.61
C ALA D 493 40.89 -16.27 -8.00
N GLU D 494 42.10 -16.32 -8.57
CA GLU D 494 42.26 -16.97 -9.88
C GLU D 494 42.04 -18.47 -9.80
N THR D 495 42.59 -19.09 -8.75
CA THR D 495 42.52 -20.52 -8.52
C THR D 495 41.06 -20.89 -8.42
N LEU D 496 40.36 -20.15 -7.59
CA LEU D 496 38.92 -20.41 -7.37
C LEU D 496 38.02 -20.25 -8.57
N ALA D 497 38.29 -19.25 -9.40
CA ALA D 497 37.52 -18.95 -10.62
C ALA D 497 37.70 -20.14 -11.62
N ASN D 498 38.89 -20.71 -11.63
CA ASN D 498 39.18 -21.92 -12.44
C ASN D 498 38.43 -23.13 -11.90
N ILE D 499 38.40 -23.33 -10.57
CA ILE D 499 37.60 -24.44 -10.05
C ILE D 499 36.12 -24.26 -10.30
N LYS D 500 35.57 -23.03 -10.20
CA LYS D 500 34.15 -22.80 -10.35
C LYS D 500 33.74 -23.37 -11.74
N GLU D 501 34.61 -23.20 -12.72
CA GLU D 501 34.26 -23.58 -14.13
C GLU D 501 34.08 -25.04 -14.28
N LYS D 502 34.62 -25.82 -13.33
CA LYS D 502 34.51 -27.31 -13.38
C LYS D 502 33.74 -27.94 -12.22
N ALA D 503 33.03 -27.10 -11.47
CA ALA D 503 32.39 -27.49 -10.23
C ALA D 503 30.93 -27.86 -10.35
N GLY D 504 30.34 -27.70 -11.53
CA GLY D 504 28.96 -28.17 -11.71
C GLY D 504 28.04 -27.48 -10.74
N ASN D 505 27.26 -28.27 -10.02
CA ASN D 505 26.24 -27.73 -9.15
C ASN D 505 26.80 -27.16 -7.87
N TYR D 506 28.11 -27.28 -7.68
CA TYR D 506 28.77 -26.63 -6.54
C TYR D 506 29.50 -25.33 -6.91
N ALA D 507 29.38 -24.91 -8.18
CA ALA D 507 30.06 -23.75 -8.66
C ALA D 507 29.82 -22.52 -7.77
N TYR D 508 28.60 -22.32 -7.31
CA TYR D 508 28.29 -21.11 -6.51
C TYR D 508 29.26 -20.92 -5.32
N LEU D 509 29.69 -22.03 -4.72
CA LEU D 509 30.53 -22.00 -3.51
C LEU D 509 31.86 -21.37 -3.87
N PHE D 510 32.34 -21.70 -5.08
CA PHE D 510 33.66 -21.25 -5.50
C PHE D 510 33.60 -19.84 -6.05
N GLU D 511 32.50 -19.52 -6.67
CA GLU D 511 32.30 -18.14 -7.18
C GLU D 511 32.30 -17.14 -6.04
N THR D 512 31.57 -17.46 -4.98
CA THR D 512 31.60 -16.65 -3.78
C THR D 512 32.99 -16.44 -3.22
N GLN D 513 33.72 -17.52 -2.99
CA GLN D 513 35.07 -17.46 -2.47
C GLN D 513 36.02 -16.75 -3.41
N ALA D 514 35.88 -16.92 -4.72
CA ALA D 514 36.81 -16.18 -5.60
C ALA D 514 36.59 -14.69 -5.43
N GLN D 515 35.35 -14.23 -5.32
CA GLN D 515 35.09 -12.78 -5.21
C GLN D 515 35.57 -12.28 -3.88
N LEU D 516 35.42 -13.10 -2.81
CA LEU D 516 35.95 -12.71 -1.49
C LEU D 516 37.47 -12.49 -1.53
N ASN D 517 38.18 -13.45 -2.07
CA ASN D 517 39.63 -13.36 -2.16
C ASN D 517 40.06 -12.14 -3.02
N ALA D 518 39.33 -11.84 -4.06
CA ALA D 518 39.69 -10.67 -4.86
C ALA D 518 39.55 -9.41 -4.06
N ILE D 519 38.50 -9.27 -3.26
CA ILE D 519 38.37 -8.17 -2.33
C ILE D 519 39.48 -8.05 -1.32
N LEU D 520 39.83 -9.18 -0.70
CA LEU D 520 40.78 -9.18 0.37
C LEU D 520 42.19 -8.79 -0.14
N SER D 521 42.48 -9.06 -1.43
CA SER D 521 43.84 -8.82 -1.93
C SER D 521 44.16 -7.34 -1.93
N SER D 522 43.15 -6.51 -2.20
CA SER D 522 43.32 -5.05 -1.98
C SER D 522 42.97 -4.53 -0.57
N LYS D 523 41.85 -5.01 -0.04
CA LYS D 523 41.39 -4.50 1.25
C LYS D 523 42.32 -4.78 2.41
N VAL D 524 43.17 -5.81 2.31
CA VAL D 524 44.12 -6.17 3.38
C VAL D 524 45.01 -5.01 3.83
N ASP D 525 45.37 -4.12 2.92
CA ASP D 525 46.20 -3.00 3.27
C ASP D 525 45.74 -1.63 2.82
N VAL D 526 44.54 -1.48 2.30
CA VAL D 526 44.06 -0.14 1.93
C VAL D 526 44.08 0.84 3.11
N GLY D 527 43.71 0.36 4.33
CA GLY D 527 43.77 1.23 5.53
C GLY D 527 45.20 1.71 5.87
N ARG D 528 46.14 0.80 5.74
CA ARG D 528 47.58 1.07 5.97
C ARG D 528 48.11 2.03 4.89
N ARG D 529 47.77 1.77 3.64
CA ARG D 529 48.09 2.68 2.53
C ARG D 529 47.57 4.10 2.69
N ILE D 530 46.34 4.25 3.17
CA ILE D 530 45.80 5.57 3.49
C ILE D 530 46.63 6.26 4.55
N ARG D 531 46.97 5.57 5.63
CA ARG D 531 47.77 6.17 6.70
C ARG D 531 49.19 6.55 6.18
N GLN D 532 49.78 5.67 5.40
CA GLN D 532 51.11 5.95 4.77
C GLN D 532 51.06 7.19 3.93
N ALA D 533 50.05 7.28 3.06
CA ALA D 533 49.90 8.48 2.20
C ALA D 533 49.66 9.72 3.02
N TYR D 534 48.78 9.64 4.03
CA TYR D 534 48.55 10.75 4.92
C TYR D 534 49.81 11.26 5.62
N GLN D 535 50.57 10.36 6.19
CA GLN D 535 51.74 10.76 6.91
C GLN D 535 52.82 11.34 5.96
N ALA D 536 52.86 10.87 4.71
CA ALA D 536 53.88 11.34 3.74
C ALA D 536 53.40 12.57 2.98
N ASP D 537 52.23 13.09 3.36
CA ASP D 537 51.51 14.09 2.63
C ASP D 537 51.43 13.81 1.14
N ASP D 538 51.19 12.55 0.77
CA ASP D 538 51.08 12.16 -0.61
C ASP D 538 49.60 12.34 -1.02
N LYS D 539 49.24 13.56 -1.32
CA LYS D 539 47.84 13.87 -1.71
C LYS D 539 47.33 13.20 -3.00
N GLU D 540 48.22 12.95 -3.95
CA GLU D 540 47.86 12.24 -5.17
C GLU D 540 47.35 10.83 -4.83
N SER D 541 48.06 10.15 -3.94
CA SER D 541 47.66 8.78 -3.56
C SER D 541 46.33 8.83 -2.80
N LEU D 542 46.16 9.81 -1.90
CA LEU D 542 44.90 9.93 -1.18
C LEU D 542 43.76 10.16 -2.13
N GLN D 543 43.96 11.01 -3.11
CA GLN D 543 42.93 11.23 -4.08
C GLN D 543 42.57 9.98 -4.88
N GLN D 544 43.58 9.22 -5.27
CA GLN D 544 43.35 8.02 -6.05
C GLN D 544 42.60 6.95 -5.20
N ILE D 545 43.00 6.85 -3.96
CA ILE D 545 42.29 5.91 -3.03
C ILE D 545 40.86 6.36 -2.85
N ALA D 546 40.63 7.65 -2.56
CA ALA D 546 39.28 8.13 -2.32
C ALA D 546 38.37 8.08 -3.55
N ARG D 547 38.92 8.32 -4.74
CA ARG D 547 38.08 8.50 -5.95
C ARG D 547 38.08 7.33 -6.92
N GLN D 548 39.11 6.51 -6.87
CA GLN D 548 39.14 5.29 -7.73
C GLN D 548 39.02 4.00 -6.90
N GLU D 549 39.93 3.83 -5.95
CA GLU D 549 40.07 2.52 -5.23
C GLU D 549 38.88 2.16 -4.35
N LEU D 550 38.52 3.09 -3.48
CA LEU D 550 37.35 2.84 -2.59
C LEU D 550 36.01 2.71 -3.28
N PRO D 551 35.70 3.52 -4.29
CA PRO D 551 34.50 3.21 -5.01
C PRO D 551 34.50 1.87 -5.74
N GLU D 552 35.65 1.45 -6.23
CA GLU D 552 35.76 0.14 -6.83
C GLU D 552 35.57 -0.95 -5.76
N LEU D 553 36.07 -0.66 -4.56
CA LEU D 553 35.99 -1.65 -3.48
C LEU D 553 34.52 -1.83 -3.14
N ARG D 554 33.77 -0.72 -3.08
CA ARG D 554 32.33 -0.81 -2.87
C ARG D 554 31.62 -1.61 -3.93
N SER D 555 31.99 -1.39 -5.19
CA SER D 555 31.35 -2.13 -6.28
C SER D 555 31.63 -3.64 -6.10
N GLN D 556 32.82 -3.97 -5.70
CA GLN D 556 33.21 -5.38 -5.57
C GLN D 556 32.48 -6.05 -4.39
N ILE D 557 32.34 -5.31 -3.32
CA ILE D 557 31.62 -5.82 -2.16
C ILE D 557 30.15 -5.93 -2.47
N GLU D 558 29.60 -5.02 -3.26
CA GLU D 558 28.19 -5.18 -3.69
C GLU D 558 27.97 -6.47 -4.52
N ASP D 559 28.93 -6.76 -5.37
CA ASP D 559 28.92 -8.01 -6.18
C ASP D 559 29.08 -9.25 -5.26
N PHE D 560 29.96 -9.15 -4.26
CA PHE D 560 30.12 -10.20 -3.24
C PHE D 560 28.79 -10.42 -2.54
N HIS D 561 28.19 -9.33 -2.11
CA HIS D 561 26.87 -9.40 -1.49
C HIS D 561 25.84 -10.12 -2.32
N ALA D 562 25.78 -9.82 -3.62
CA ALA D 562 24.87 -10.58 -4.50
C ALA D 562 25.16 -12.08 -4.59
N LEU D 563 26.43 -12.44 -4.71
CA LEU D 563 26.82 -13.85 -4.81
C LEU D 563 26.58 -14.59 -3.49
N PHE D 564 26.91 -13.90 -2.39
CA PHE D 564 26.64 -14.40 -1.06
C PHE D 564 25.13 -14.66 -0.86
N SER D 565 24.29 -13.72 -1.28
CA SER D 565 22.88 -13.81 -1.18
C SER D 565 22.29 -14.99 -2.00
N HIS D 566 22.77 -15.14 -3.21
CA HIS D 566 22.46 -16.30 -4.09
C HIS D 566 22.81 -17.60 -3.36
N GLN D 567 24.04 -17.65 -2.83
CA GLN D 567 24.48 -18.80 -1.99
C GLN D 567 23.54 -19.09 -0.82
N TRP D 568 23.27 -18.04 -0.03
CA TRP D 568 22.42 -18.16 1.14
C TRP D 568 21.04 -18.62 0.75
N LEU D 569 20.45 -18.04 -0.29
CA LEU D 569 19.04 -18.38 -0.57
C LEU D 569 18.92 -19.75 -1.23
N LYS D 570 20.01 -20.26 -1.77
CA LYS D 570 20.04 -21.58 -2.33
C LYS D 570 19.95 -22.63 -1.22
N GLU D 571 20.66 -22.34 -0.13
CA GLU D 571 20.92 -23.30 0.95
C GLU D 571 20.00 -23.17 2.11
N ASN D 572 19.63 -21.93 2.46
CA ASN D 572 18.91 -21.59 3.68
C ASN D 572 17.56 -20.95 3.41
N LYS D 573 16.76 -20.85 4.43
CA LYS D 573 15.57 -20.02 4.38
C LYS D 573 16.00 -18.53 4.40
N VAL D 574 15.08 -17.68 4.05
CA VAL D 574 15.42 -16.25 3.93
C VAL D 574 15.78 -15.64 5.27
N PHE D 575 15.10 -16.07 6.31
CA PHE D 575 15.26 -15.50 7.65
C PHE D 575 16.75 -15.61 8.05
N GLY D 576 17.27 -14.51 8.60
CA GLY D 576 18.70 -14.45 9.00
C GLY D 576 19.65 -13.79 8.03
N LEU D 577 19.29 -13.76 6.74
CA LEU D 577 20.05 -13.02 5.77
C LEU D 577 20.06 -11.54 6.10
N ASP D 578 19.04 -11.09 6.74
CA ASP D 578 18.95 -9.70 7.16
C ASP D 578 20.17 -9.22 7.96
N THR D 579 20.70 -10.05 8.87
CA THR D 579 21.82 -9.60 9.63
C THR D 579 23.06 -9.39 8.75
N VAL D 580 23.20 -10.20 7.71
CA VAL D 580 24.26 -10.01 6.73
C VAL D 580 24.03 -8.74 5.92
N ASP D 581 22.79 -8.49 5.49
CA ASP D 581 22.46 -7.16 4.88
C ASP D 581 22.88 -5.99 5.78
N ILE D 582 22.61 -6.07 7.06
CA ILE D 582 22.89 -4.99 8.00
C ILE D 582 24.47 -4.77 8.04
N ARG D 583 25.16 -5.87 8.20
CA ARG D 583 26.63 -5.87 8.34
C ARG D 583 27.31 -5.30 7.11
N MET D 584 26.89 -5.80 5.93
CA MET D 584 27.55 -5.42 4.70
C MET D 584 27.14 -4.00 4.33
N GLY D 585 25.87 -3.65 4.60
CA GLY D 585 25.43 -2.26 4.40
C GLY D 585 26.26 -1.31 5.23
N GLY D 586 26.49 -1.70 6.48
CA GLY D 586 27.32 -0.84 7.36
C GLY D 586 28.74 -0.72 6.86
N LEU D 587 29.35 -1.82 6.40
CA LEU D 587 30.70 -1.78 5.85
C LEU D 587 30.74 -0.76 4.65
N LEU D 588 29.81 -0.91 3.76
CA LEU D 588 29.70 0.01 2.56
C LEU D 588 29.62 1.49 3.01
N GLN D 589 28.76 1.80 3.95
CA GLN D 589 28.63 3.14 4.47
C GLN D 589 29.91 3.62 5.15
N ARG D 590 30.64 2.74 5.86
CA ARG D 590 31.92 3.15 6.41
C ARG D 590 32.93 3.34 5.34
N ILE D 591 32.82 2.64 4.18
CA ILE D 591 33.82 2.93 3.10
C ILE D 591 33.49 4.33 2.48
N LYS D 592 32.21 4.65 2.40
CA LYS D 592 31.77 5.94 1.95
C LYS D 592 32.28 7.03 2.87
N ARG D 593 32.35 6.76 4.18
CA ARG D 593 32.90 7.70 5.11
C ARG D 593 34.41 7.93 4.93
N ALA D 594 35.10 6.91 4.59
CA ALA D 594 36.54 7.06 4.31
C ALA D 594 36.74 8.04 3.11
N GLU D 595 35.92 7.86 2.10
CA GLU D 595 35.95 8.67 0.86
C GLU D 595 35.62 10.10 1.24
N SER D 596 34.51 10.32 1.96
CA SER D 596 34.12 11.69 2.32
C SER D 596 35.09 12.43 3.22
N ARG D 597 35.61 11.75 4.23
CA ARG D 597 36.53 12.31 5.15
C ARG D 597 37.86 12.70 4.44
N ILE D 598 38.32 11.84 3.53
CA ILE D 598 39.52 12.18 2.77
C ILE D 598 39.23 13.41 1.89
N GLU D 599 38.05 13.48 1.27
CA GLU D 599 37.74 14.64 0.37
C GLU D 599 37.73 15.93 1.16
N VAL D 600 37.19 15.91 2.39
CA VAL D 600 37.14 17.14 3.19
C VAL D 600 38.57 17.60 3.50
N TYR D 601 39.45 16.66 3.85
CA TYR D 601 40.84 16.97 4.12
C TYR D 601 41.46 17.46 2.81
N LEU D 602 41.16 16.81 1.69
CA LEU D 602 41.75 17.25 0.38
C LEU D 602 41.34 18.70 0.00
N ALA D 603 40.13 19.08 0.33
CA ALA D 603 39.62 20.42 0.05
C ALA D 603 40.15 21.46 1.05
N GLY D 604 40.95 21.03 1.99
CA GLY D 604 41.55 21.94 2.97
C GLY D 604 40.62 22.33 4.09
N GLN D 605 39.52 21.58 4.32
CA GLN D 605 38.60 21.96 5.35
C GLN D 605 38.82 21.24 6.68
N LEU D 606 39.97 20.59 6.84
CA LEU D 606 40.39 19.99 8.09
C LEU D 606 41.89 20.05 8.16
N ASP D 607 42.41 20.48 9.30
CA ASP D 607 43.85 20.45 9.54
C ASP D 607 44.37 18.99 9.63
N ARG D 608 43.52 18.09 10.16
CA ARG D 608 43.92 16.71 10.48
C ARG D 608 42.71 15.77 10.20
N ILE D 609 42.97 14.50 9.89
CA ILE D 609 41.98 13.45 9.93
C ILE D 609 42.19 12.69 11.23
N ASP D 610 41.42 13.02 12.25
CA ASP D 610 41.69 12.53 13.59
C ASP D 610 41.80 11.01 13.67
N GLU D 611 40.97 10.31 12.90
CA GLU D 611 41.02 8.85 12.87
C GLU D 611 42.46 8.34 12.63
N LEU D 612 43.09 8.98 11.65
CA LEU D 612 44.42 8.62 11.18
C LEU D 612 45.54 8.96 12.15
N GLU D 613 45.25 9.75 13.15
CA GLU D 613 46.23 10.11 14.18
C GLU D 613 46.26 9.16 15.33
N VAL D 614 45.37 8.14 15.34
CA VAL D 614 45.41 7.12 16.38
C VAL D 614 46.36 6.03 15.94
N GLU D 615 47.32 5.70 16.81
CA GLU D 615 48.21 4.59 16.47
C GLU D 615 47.53 3.25 16.75
N ILE D 616 47.72 2.32 15.86
CA ILE D 616 47.03 1.03 15.94
C ILE D 616 47.79 0.09 16.87
N LEU D 617 47.07 -0.53 17.77
CA LEU D 617 47.54 -1.50 18.77
C LEU D 617 47.18 -2.89 18.27
N PRO D 618 47.74 -3.94 18.83
CA PRO D 618 47.30 -5.29 18.49
C PRO D 618 45.81 -5.39 18.88
N PHE D 619 45.06 -6.11 18.10
CA PHE D 619 43.63 -6.32 18.41
C PHE D 619 43.50 -7.28 19.57
N THR D 620 44.30 -8.36 19.54
CA THR D 620 44.29 -9.38 20.58
C THR D 620 45.75 -9.94 20.70
N ASP D 621 46.09 -10.41 21.87
CA ASP D 621 47.42 -11.05 22.09
C ASP D 621 47.30 -12.57 22.08
N PHE D 622 46.21 -13.11 21.58
CA PHE D 622 45.94 -14.57 21.64
C PHE D 622 47.04 -15.41 20.98
N TYR D 623 47.49 -14.97 19.80
CA TYR D 623 48.60 -15.63 19.10
C TYR D 623 49.83 -14.69 19.06
N ALA D 624 50.06 -13.95 20.14
CA ALA D 624 51.15 -12.92 20.14
C ALA D 624 52.59 -13.52 20.22
N ASP D 625 52.73 -14.73 20.75
CA ASP D 625 54.10 -15.32 20.95
C ASP D 625 54.67 -15.82 19.61
N LYS D 626 53.85 -15.78 18.57
CA LYS D 626 54.07 -16.59 17.41
C LYS D 626 54.77 -15.77 16.33
N ASP D 627 55.27 -16.47 15.33
CA ASP D 627 56.00 -15.81 14.25
C ASP D 627 55.14 -15.55 13.05
N PHE D 628 53.84 -15.40 13.22
CA PHE D 628 52.99 -14.93 12.15
C PHE D 628 52.21 -13.74 12.77
N ALA D 629 51.62 -12.89 11.95
CA ALA D 629 50.89 -11.72 12.41
C ALA D 629 49.39 -11.99 12.56
N ALA D 630 48.86 -12.96 11.80
CA ALA D 630 47.32 -13.21 11.81
C ALA D 630 46.85 -13.59 13.13
N THR D 631 45.54 -13.51 13.34
CA THR D 631 44.99 -13.88 14.62
C THR D 631 43.59 -14.48 14.39
N THR D 632 42.88 -14.55 15.49
CA THR D 632 41.47 -14.99 15.50
C THR D 632 40.65 -13.85 15.96
N ALA D 633 39.60 -13.55 15.20
CA ALA D 633 38.69 -12.49 15.61
C ALA D 633 37.36 -12.87 14.95
N ASN D 634 36.42 -13.35 15.77
CA ASN D 634 35.21 -13.94 15.24
C ASN D 634 33.89 -13.37 15.78
N GLN D 635 33.88 -12.11 16.18
CA GLN D 635 32.67 -11.40 16.51
C GLN D 635 32.60 -10.20 15.57
N TRP D 636 31.62 -10.22 14.72
CA TRP D 636 31.43 -9.06 13.84
C TRP D 636 31.51 -7.69 14.52
N HIS D 637 30.77 -7.56 15.59
CA HIS D 637 30.62 -6.28 16.25
C HIS D 637 31.90 -5.66 16.75
N THR D 638 32.88 -6.53 17.10
CA THR D 638 34.19 -6.04 17.57
C THR D 638 35.18 -5.94 16.44
N ILE D 639 34.94 -6.65 15.34
CA ILE D 639 35.69 -6.48 14.13
C ILE D 639 35.46 -5.11 13.53
N ALA D 640 34.21 -4.69 13.52
CA ALA D 640 33.83 -3.52 12.76
C ALA D 640 34.00 -2.16 13.40
N THR D 641 34.12 -2.09 14.72
CA THR D 641 34.22 -0.80 15.35
C THR D 641 34.73 -1.04 16.76
N ALA D 642 35.45 -0.05 17.26
CA ALA D 642 35.84 0.05 18.64
C ALA D 642 34.79 0.77 19.52
N SER D 643 33.81 1.40 18.87
CA SER D 643 32.72 2.07 19.58
C SER D 643 31.76 1.08 20.19
N THR D 644 30.84 1.57 21.03
CA THR D 644 29.78 0.72 21.50
C THR D 644 28.75 0.57 20.32
N ILE D 645 28.10 -0.61 20.29
CA ILE D 645 27.11 -0.86 19.24
C ILE D 645 25.95 -1.67 19.75
N TYR D 646 26.18 -2.59 20.69
CA TYR D 646 24.98 -3.31 21.28
C TYR D 646 24.72 -2.91 22.74
N THR D 647 25.73 -2.41 23.44
CA THR D 647 25.53 -1.99 24.83
C THR D 647 24.76 -0.67 25.01
N THR D 648 24.17 -0.53 26.19
CA THR D 648 23.45 0.70 26.52
C THR D 648 24.45 1.72 27.05
#